data_3QYM
#
_entry.id   3QYM
#
_cell.length_a   123.872
_cell.length_b   180.198
_cell.length_c   104.379
_cell.angle_alpha   90.00
_cell.angle_beta   92.62
_cell.angle_gamma   90.00
#
_symmetry.space_group_name_H-M   'C 1 2 1'
#
loop_
_entity.id
_entity.type
_entity.pdbx_description
1 polymer 'Tumor protein 63'
2 polymer "5'-D(*AP*AP*AP*CP*AP*TP*GP*TP*TP*T)-3'"
3 non-polymer 'ZINC ION'
#
loop_
_entity_poly.entity_id
_entity_poly.type
_entity_poly.pdbx_seq_one_letter_code
_entity_poly.pdbx_strand_id
1 'polypeptide(L)'
;GSHMASPSNTDYPGPHSFDVSFQQSSTAKSATWTYSTELKKLYCQIAKTCPIQIKVMTPPPQGAVIRAMPVYKKAEHVTE
VVKRCPNHELSREFNEGQIAPPSHLIRVEGNSHAQYVEDPITGRQSVLVPYEPPQVGTEFTTVLYNFMCNSSCVGGMNRR
PILIIVTLETRDGQVLGRRCFEARICACPGRDRKADEDSIRKQ
;
A,B,C,D,E,F,G,H
2 'polydeoxyribonucleotide' (DA)(DA)(DA)(DC)(DA)(DT)(DG)(DT)(DT)(DT) I,J,K,L,M,N,O,P
#
loop_
_chem_comp.id
_chem_comp.type
_chem_comp.name
_chem_comp.formula
DA DNA linking 2'-DEOXYADENOSINE-5'-MONOPHOSPHATE 'C10 H14 N5 O6 P'
DC DNA linking 2'-DEOXYCYTIDINE-5'-MONOPHOSPHATE 'C9 H14 N3 O7 P'
DG DNA linking 2'-DEOXYGUANOSINE-5'-MONOPHOSPHATE 'C10 H14 N5 O7 P'
DT DNA linking THYMIDINE-5'-MONOPHOSPHATE 'C10 H15 N2 O8 P'
ZN non-polymer 'ZINC ION' 'Zn 2'
#
# COMPACT_ATOMS: atom_id res chain seq x y z
N SER A 6 30.93 49.57 -39.88
CA SER A 6 30.21 49.04 -38.70
C SER A 6 28.75 48.59 -38.95
N PRO A 7 28.34 47.43 -38.38
CA PRO A 7 26.93 47.00 -38.61
C PRO A 7 25.88 47.93 -38.02
N SER A 8 24.77 48.11 -38.75
CA SER A 8 23.71 48.99 -38.31
C SER A 8 22.98 48.45 -37.10
N ASN A 9 22.59 49.33 -36.21
CA ASN A 9 21.87 48.93 -35.02
C ASN A 9 20.63 49.78 -34.84
N THR A 10 20.13 50.32 -35.96
CA THR A 10 18.94 51.16 -35.91
C THR A 10 17.70 50.32 -36.20
N ASP A 11 16.79 50.28 -35.23
CA ASP A 11 15.56 49.50 -35.35
C ASP A 11 14.89 49.73 -36.70
N TYR A 12 14.59 48.62 -37.40
CA TYR A 12 13.96 48.67 -38.72
C TYR A 12 12.85 47.62 -38.84
N PRO A 13 11.59 48.05 -38.66
CA PRO A 13 10.41 47.17 -38.73
C PRO A 13 10.34 46.37 -40.03
N GLY A 14 10.92 46.92 -41.08
CA GLY A 14 10.89 46.23 -42.36
C GLY A 14 9.53 46.24 -43.01
N PRO A 15 9.42 45.76 -44.26
CA PRO A 15 8.13 45.73 -44.97
C PRO A 15 7.15 44.67 -44.45
N HIS A 16 7.69 43.58 -43.94
CA HIS A 16 6.88 42.49 -43.41
C HIS A 16 6.59 42.67 -41.91
N SER A 17 7.03 43.80 -41.36
CA SER A 17 6.84 44.10 -39.94
C SER A 17 7.55 43.07 -39.06
N PHE A 18 8.87 42.98 -39.22
CA PHE A 18 9.72 42.06 -38.48
C PHE A 18 9.86 42.50 -37.02
N ASP A 19 9.31 41.71 -36.11
CA ASP A 19 9.37 42.04 -34.69
C ASP A 19 9.72 40.84 -33.81
N VAL A 20 10.59 41.07 -32.84
CA VAL A 20 11.00 40.01 -31.93
C VAL A 20 10.29 40.23 -30.61
N SER A 21 10.50 39.32 -29.67
CA SER A 21 9.91 39.42 -28.33
C SER A 21 10.21 38.19 -27.49
N PHE A 22 9.78 38.24 -26.24
CA PHE A 22 9.98 37.13 -25.31
C PHE A 22 8.67 36.83 -24.61
N GLN A 23 8.75 36.57 -23.31
CA GLN A 23 7.54 36.28 -22.54
C GLN A 23 7.87 36.11 -21.06
N THR A 27 11.09 35.46 -11.57
CA THR A 27 12.32 35.25 -10.80
C THR A 27 12.64 33.78 -10.55
N ALA A 28 11.60 32.94 -10.62
CA ALA A 28 11.68 31.48 -10.42
C ALA A 28 12.90 30.96 -9.65
N LYS A 29 13.22 31.61 -8.52
CA LYS A 29 14.36 31.22 -7.69
C LYS A 29 15.68 31.45 -8.42
N SER A 30 15.77 30.93 -9.63
CA SER A 30 16.98 31.06 -10.44
C SER A 30 16.69 30.75 -11.92
N ALA A 31 15.73 31.46 -12.50
CA ALA A 31 15.37 31.24 -13.90
C ALA A 31 16.65 31.29 -14.70
N THR A 32 16.83 30.31 -15.57
CA THR A 32 18.02 30.24 -16.41
C THR A 32 18.27 31.59 -17.13
N TRP A 33 17.21 32.35 -17.36
CA TRP A 33 17.31 33.65 -18.03
C TRP A 33 16.07 34.50 -17.82
N THR A 34 16.20 35.81 -18.06
CA THR A 34 15.09 36.75 -17.94
C THR A 34 15.36 38.02 -18.75
N TYR A 35 14.28 38.66 -19.21
CA TYR A 35 14.40 39.86 -20.04
C TYR A 35 13.60 41.02 -19.48
N SER A 36 14.15 42.23 -19.60
CA SER A 36 13.47 43.42 -19.11
C SER A 36 12.79 44.15 -20.26
N THR A 37 11.48 44.33 -20.14
CA THR A 37 10.66 44.97 -21.16
C THR A 37 11.23 46.23 -21.81
N GLU A 38 11.43 47.28 -21.03
CA GLU A 38 11.94 48.54 -21.54
C GLU A 38 13.44 48.54 -21.86
N LEU A 39 14.25 48.13 -20.89
CA LEU A 39 15.71 48.10 -21.08
C LEU A 39 16.15 47.34 -22.32
N LYS A 40 15.20 46.65 -22.98
CA LYS A 40 15.56 45.86 -24.16
C LYS A 40 16.83 45.09 -23.81
N LYS A 41 16.97 44.80 -22.53
CA LYS A 41 18.12 44.07 -22.03
C LYS A 41 17.71 42.69 -21.60
N LEU A 42 18.56 41.73 -21.90
CA LEU A 42 18.33 40.34 -21.56
C LEU A 42 19.50 39.82 -20.74
N TYR A 43 19.20 39.01 -19.74
CA TYR A 43 20.24 38.43 -18.91
C TYR A 43 20.07 36.95 -19.06
N CYS A 44 21.13 36.16 -18.91
CA CYS A 44 20.97 34.72 -19.02
C CYS A 44 22.26 33.95 -18.85
N GLN A 45 22.25 33.00 -17.92
CA GLN A 45 23.40 32.16 -17.60
C GLN A 45 24.09 31.73 -18.86
N ILE A 46 25.31 31.22 -18.68
CA ILE A 46 26.17 30.73 -19.74
C ILE A 46 25.49 29.91 -20.85
N ALA A 47 26.06 28.74 -21.15
CA ALA A 47 25.56 27.85 -22.18
C ALA A 47 24.05 27.53 -22.21
N LYS A 48 23.33 27.79 -21.11
CA LYS A 48 21.91 27.49 -21.07
C LYS A 48 21.17 28.09 -22.27
N THR A 49 20.11 27.40 -22.65
CA THR A 49 19.29 27.79 -23.79
C THR A 49 18.55 29.09 -23.54
N CYS A 50 17.91 29.60 -24.59
CA CYS A 50 17.17 30.84 -24.51
C CYS A 50 16.31 31.02 -25.77
N PRO A 51 14.99 31.17 -25.60
CA PRO A 51 14.01 31.35 -26.67
C PRO A 51 14.17 32.69 -27.35
N ILE A 52 13.12 33.10 -28.07
CA ILE A 52 13.12 34.36 -28.79
C ILE A 52 12.11 34.26 -29.94
N GLN A 53 10.91 34.76 -29.70
CA GLN A 53 9.83 34.70 -30.68
C GLN A 53 10.00 35.70 -31.81
N ILE A 54 9.57 35.32 -33.01
CA ILE A 54 9.70 36.20 -34.18
C ILE A 54 8.38 36.39 -34.94
N LYS A 55 7.76 37.55 -34.76
CA LYS A 55 6.49 37.87 -35.44
C LYS A 55 6.69 38.50 -36.82
N VAL A 56 5.69 38.34 -37.68
CA VAL A 56 5.70 38.89 -39.03
C VAL A 56 4.27 39.06 -39.52
N MET A 57 4.02 40.11 -40.29
CA MET A 57 2.68 40.39 -40.81
C MET A 57 2.50 39.86 -42.24
N THR A 58 3.47 40.13 -43.09
CA THR A 58 3.39 39.66 -44.46
C THR A 58 4.55 38.68 -44.70
N PRO A 59 4.22 37.46 -45.17
CA PRO A 59 5.22 36.41 -45.45
C PRO A 59 6.44 36.90 -46.23
N PRO A 60 7.64 36.47 -45.82
CA PRO A 60 8.89 36.85 -46.47
C PRO A 60 9.24 36.01 -47.70
N PRO A 61 10.27 36.42 -48.46
CA PRO A 61 10.76 35.75 -49.66
C PRO A 61 11.15 34.29 -49.46
N GLN A 62 11.98 33.79 -50.37
CA GLN A 62 12.44 32.41 -50.33
C GLN A 62 13.59 32.24 -49.35
N GLY A 63 14.70 32.90 -49.66
CA GLY A 63 15.88 32.81 -48.81
C GLY A 63 15.51 32.96 -47.34
N ALA A 64 14.65 33.92 -47.06
CA ALA A 64 14.18 34.22 -45.71
C ALA A 64 15.07 33.56 -44.67
N VAL A 65 16.06 34.31 -44.19
CA VAL A 65 16.97 33.80 -43.17
C VAL A 65 16.94 34.75 -41.99
N ILE A 66 17.55 34.36 -40.87
CA ILE A 66 17.58 35.22 -39.71
C ILE A 66 18.95 35.22 -39.05
N ARG A 67 19.74 36.21 -39.43
CA ARG A 67 21.08 36.38 -38.93
C ARG A 67 21.03 36.96 -37.52
N ALA A 68 21.81 36.35 -36.63
CA ALA A 68 21.88 36.83 -35.27
C ALA A 68 23.33 37.23 -35.10
N MET A 69 23.57 38.50 -34.81
CA MET A 69 24.93 38.94 -34.65
C MET A 69 25.18 39.80 -33.44
N PRO A 70 26.30 39.55 -32.76
CA PRO A 70 26.71 40.26 -31.56
C PRO A 70 27.58 41.44 -31.96
N VAL A 71 27.77 42.37 -31.04
CA VAL A 71 28.60 43.54 -31.28
C VAL A 71 28.49 44.48 -30.09
N TYR A 72 29.62 45.09 -29.72
CA TYR A 72 29.62 46.00 -28.57
C TYR A 72 28.68 47.20 -28.65
N LYS A 73 28.27 47.65 -27.46
CA LYS A 73 27.35 48.78 -27.31
C LYS A 73 28.15 50.06 -27.25
N LYS A 74 29.24 50.05 -26.48
CA LYS A 74 30.11 51.21 -26.34
C LYS A 74 30.81 51.59 -27.64
N ALA A 75 30.98 52.88 -27.88
CA ALA A 75 31.60 53.39 -29.11
C ALA A 75 33.00 52.81 -29.44
N GLU A 76 34.01 53.17 -28.66
CA GLU A 76 35.40 52.73 -28.86
C GLU A 76 35.63 51.23 -29.06
N HIS A 77 34.56 50.44 -28.97
CA HIS A 77 34.66 48.99 -29.13
C HIS A 77 33.93 48.48 -30.37
N VAL A 78 32.93 49.25 -30.84
CA VAL A 78 32.16 48.86 -32.01
C VAL A 78 33.11 48.42 -33.11
N THR A 79 34.31 48.98 -33.08
CA THR A 79 35.35 48.68 -34.04
C THR A 79 35.88 47.26 -33.92
N GLU A 80 35.83 46.70 -32.71
CA GLU A 80 36.31 45.34 -32.49
C GLU A 80 35.20 44.28 -32.57
N VAL A 81 35.59 43.08 -32.98
CA VAL A 81 34.66 41.96 -33.11
C VAL A 81 34.41 41.21 -31.81
N VAL A 82 33.36 40.39 -31.82
CA VAL A 82 32.98 39.61 -30.65
C VAL A 82 33.21 38.12 -30.82
N LYS A 83 34.25 37.62 -30.16
CA LYS A 83 34.63 36.21 -30.20
C LYS A 83 34.53 35.60 -28.79
N ARG A 84 34.68 34.28 -28.73
CA ARG A 84 34.64 33.59 -27.45
C ARG A 84 36.05 33.77 -26.91
N CYS A 85 36.19 34.05 -25.62
CA CYS A 85 37.52 34.23 -25.06
C CYS A 85 38.37 33.00 -25.39
N PRO A 86 39.70 33.11 -25.25
CA PRO A 86 40.63 32.00 -25.54
C PRO A 86 40.34 30.73 -24.74
N ASN A 87 40.07 30.89 -23.45
CA ASN A 87 39.78 29.74 -22.60
C ASN A 87 38.60 28.91 -23.08
N HIS A 88 37.41 29.48 -23.07
CA HIS A 88 36.24 28.72 -23.50
C HIS A 88 36.28 28.16 -24.90
N GLU A 89 37.22 28.62 -25.72
CA GLU A 89 37.29 28.08 -27.07
C GLU A 89 38.44 27.11 -27.17
N LEU A 90 38.55 26.27 -26.15
CA LEU A 90 39.59 25.25 -26.05
C LEU A 90 39.20 24.29 -24.93
N SER A 91 38.61 24.81 -23.85
CA SER A 91 38.20 23.99 -22.70
C SER A 91 37.57 22.67 -23.13
N ARG A 92 37.19 22.60 -24.40
CA ARG A 92 36.57 21.42 -24.96
C ARG A 92 35.13 21.22 -24.49
N GLU A 93 34.80 21.71 -23.30
CA GLU A 93 33.42 21.58 -22.80
C GLU A 93 32.66 22.51 -23.73
N PHE A 94 31.48 22.09 -24.17
CA PHE A 94 30.65 22.87 -25.08
C PHE A 94 31.20 22.75 -26.51
N ASN A 95 32.34 22.09 -26.67
CA ASN A 95 32.98 21.92 -27.98
C ASN A 95 33.03 20.43 -28.46
N GLU A 96 31.97 19.68 -28.17
CA GLU A 96 31.85 18.26 -28.57
C GLU A 96 30.99 18.28 -29.83
N GLY A 97 29.93 19.10 -29.76
CA GLY A 97 29.04 19.29 -30.88
C GLY A 97 29.82 20.30 -31.69
N GLN A 98 30.88 19.80 -32.31
CA GLN A 98 31.83 20.56 -33.16
C GLN A 98 31.16 21.16 -34.39
N ILE A 99 29.85 21.06 -34.43
CA ILE A 99 29.04 21.59 -35.52
C ILE A 99 29.20 23.12 -35.53
N ALA A 100 29.53 23.68 -34.37
CA ALA A 100 29.71 25.11 -34.21
C ALA A 100 31.19 25.46 -33.98
N PRO A 101 31.70 26.47 -34.70
CA PRO A 101 33.09 26.86 -34.52
C PRO A 101 33.32 27.23 -33.06
N PRO A 102 34.42 26.74 -32.46
CA PRO A 102 34.68 27.05 -31.07
C PRO A 102 34.87 28.54 -30.74
N SER A 103 34.85 29.40 -31.75
CA SER A 103 35.04 30.83 -31.51
C SER A 103 33.77 31.68 -31.43
N HIS A 104 32.72 31.30 -32.14
CA HIS A 104 31.47 32.06 -32.12
C HIS A 104 30.88 32.22 -30.74
N LEU A 105 30.19 33.32 -30.53
CA LEU A 105 29.59 33.55 -29.24
C LEU A 105 28.19 33.02 -29.27
N ILE A 106 27.48 33.33 -30.35
CA ILE A 106 26.10 32.88 -30.47
C ILE A 106 25.92 31.57 -31.23
N ARG A 107 25.12 30.69 -30.63
CA ARG A 107 24.81 29.40 -31.22
C ARG A 107 23.31 29.21 -31.20
N VAL A 108 22.78 28.62 -32.26
CA VAL A 108 21.37 28.32 -32.30
C VAL A 108 21.39 26.81 -32.08
N GLU A 109 20.45 26.29 -31.29
CA GLU A 109 20.41 24.87 -31.05
C GLU A 109 19.04 24.36 -31.48
N GLY A 110 19.00 23.10 -31.92
CA GLY A 110 17.74 22.53 -32.35
C GLY A 110 17.34 22.93 -33.75
N ASN A 111 18.33 23.04 -34.64
CA ASN A 111 18.10 23.42 -36.02
C ASN A 111 19.33 22.98 -36.78
N SER A 112 19.17 21.98 -37.63
CA SER A 112 20.29 21.45 -38.40
C SER A 112 20.67 22.35 -39.57
N HIS A 113 19.68 23.07 -40.11
CA HIS A 113 19.92 23.95 -41.24
C HIS A 113 20.80 25.15 -40.93
N ALA A 114 20.75 25.62 -39.69
CA ALA A 114 21.54 26.76 -39.27
C ALA A 114 23.01 26.63 -39.66
N GLN A 115 23.57 27.69 -40.24
CA GLN A 115 24.97 27.69 -40.64
C GLN A 115 25.74 28.88 -40.08
N TYR A 116 26.89 28.56 -39.49
CA TYR A 116 27.75 29.55 -38.88
C TYR A 116 28.63 30.19 -39.93
N VAL A 117 28.59 31.51 -40.01
CA VAL A 117 29.39 32.22 -40.99
C VAL A 117 30.19 33.39 -40.44
N GLU A 118 31.46 33.44 -40.84
CA GLU A 118 32.35 34.51 -40.45
C GLU A 118 32.59 35.33 -41.70
N ASP A 119 32.29 36.62 -41.63
CA ASP A 119 32.49 37.51 -42.75
C ASP A 119 33.99 37.43 -43.05
N PRO A 120 34.36 37.27 -44.32
CA PRO A 120 35.78 37.18 -44.65
C PRO A 120 36.50 38.53 -44.58
N ILE A 121 35.82 39.55 -45.09
CA ILE A 121 36.35 40.92 -45.15
C ILE A 121 36.41 41.68 -43.82
N THR A 122 35.35 41.63 -43.04
CA THR A 122 35.31 42.35 -41.75
C THR A 122 35.65 41.47 -40.54
N GLY A 123 35.67 40.16 -40.75
CA GLY A 123 35.98 39.24 -39.67
C GLY A 123 34.81 38.93 -38.74
N ARG A 124 33.74 39.70 -38.88
CA ARG A 124 32.55 39.54 -38.06
C ARG A 124 31.86 38.18 -38.18
N GLN A 125 31.59 37.58 -37.03
CA GLN A 125 30.94 36.27 -36.94
C GLN A 125 29.44 36.36 -36.74
N SER A 126 28.71 35.46 -37.35
CA SER A 126 27.27 35.47 -37.19
C SER A 126 26.67 34.11 -37.51
N VAL A 127 25.39 33.94 -37.15
CA VAL A 127 24.69 32.68 -37.40
C VAL A 127 23.37 32.86 -38.15
N LEU A 128 23.22 32.10 -39.23
CA LEU A 128 22.04 32.15 -40.06
C LEU A 128 21.13 30.97 -39.82
N VAL A 129 19.84 31.20 -39.91
CA VAL A 129 18.86 30.13 -39.74
C VAL A 129 17.71 30.40 -40.66
N PRO A 130 17.37 29.42 -41.52
CA PRO A 130 16.26 29.57 -42.47
C PRO A 130 14.94 29.88 -41.75
N TYR A 131 14.22 30.88 -42.25
CA TYR A 131 12.97 31.28 -41.64
C TYR A 131 11.86 30.28 -41.93
N GLU A 132 11.32 29.70 -40.86
CA GLU A 132 10.23 28.74 -40.97
C GLU A 132 8.98 29.44 -40.41
N PRO A 133 7.89 29.46 -41.18
CA PRO A 133 6.64 30.10 -40.73
C PRO A 133 6.18 29.65 -39.35
N PRO A 134 5.38 30.50 -38.68
CA PRO A 134 4.87 30.18 -37.34
C PRO A 134 4.21 28.80 -37.27
N GLN A 135 4.00 28.32 -36.05
CA GLN A 135 3.35 27.03 -35.85
C GLN A 135 1.86 27.19 -36.06
N VAL A 136 1.32 26.51 -37.08
CA VAL A 136 -0.10 26.61 -37.41
C VAL A 136 -1.01 26.86 -36.19
N GLY A 137 -1.38 28.13 -35.99
CA GLY A 137 -2.21 28.48 -34.85
C GLY A 137 -1.52 29.51 -34.00
N THR A 138 -0.22 29.66 -34.21
CA THR A 138 0.61 30.62 -33.47
C THR A 138 1.04 31.66 -34.50
N GLU A 139 1.76 32.68 -34.05
CA GLU A 139 2.26 33.71 -34.94
C GLU A 139 3.75 33.96 -34.73
N PHE A 140 4.27 33.42 -33.62
CA PHE A 140 5.69 33.56 -33.29
C PHE A 140 6.46 32.37 -33.85
N THR A 141 7.75 32.60 -34.12
CA THR A 141 8.64 31.56 -34.65
C THR A 141 9.84 31.38 -33.74
N THR A 142 9.61 30.95 -32.51
CA THR A 142 10.68 30.78 -31.54
C THR A 142 11.96 30.19 -32.12
N VAL A 143 13.08 30.69 -31.62
CA VAL A 143 14.40 30.23 -32.04
C VAL A 143 15.26 30.06 -30.81
N LEU A 144 16.00 28.96 -30.76
CA LEU A 144 16.83 28.67 -29.61
C LEU A 144 18.27 29.12 -29.72
N TYR A 145 18.66 29.97 -28.78
CA TYR A 145 20.00 30.54 -28.75
C TYR A 145 20.82 30.22 -27.51
N ASN A 146 22.11 30.02 -27.72
CA ASN A 146 23.02 29.73 -26.65
C ASN A 146 24.16 30.70 -26.68
N PHE A 147 24.42 31.34 -25.55
CA PHE A 147 25.52 32.27 -25.49
C PHE A 147 26.66 31.56 -24.77
N MET A 148 27.81 31.50 -25.44
CA MET A 148 28.93 30.76 -24.89
C MET A 148 29.99 31.44 -24.06
N CYS A 149 29.82 32.70 -23.70
CA CYS A 149 30.87 33.35 -22.90
C CYS A 149 30.34 34.40 -21.96
N ASN A 150 30.55 34.24 -20.66
CA ASN A 150 30.08 35.24 -19.72
C ASN A 150 30.45 36.63 -20.19
N SER A 151 29.48 37.52 -20.26
CA SER A 151 29.71 38.89 -20.68
C SER A 151 30.51 39.48 -19.54
N SER A 152 31.73 38.98 -19.37
CA SER A 152 32.63 39.40 -18.29
C SER A 152 33.80 38.43 -18.24
N CYS A 153 34.02 37.78 -19.37
CA CYS A 153 35.10 36.82 -19.48
C CYS A 153 36.40 37.57 -19.66
N VAL A 154 37.41 37.14 -18.93
CA VAL A 154 38.73 37.75 -19.03
C VAL A 154 39.23 37.59 -20.47
N GLY A 155 39.78 38.66 -21.04
CA GLY A 155 40.28 38.59 -22.40
C GLY A 155 39.21 38.23 -23.41
N GLY A 156 37.95 38.51 -23.07
CA GLY A 156 36.88 38.20 -23.99
C GLY A 156 35.91 39.36 -24.13
N MET A 157 35.28 39.74 -23.04
CA MET A 157 34.35 40.84 -23.12
C MET A 157 34.55 41.80 -21.96
N ASN A 158 35.27 41.36 -20.94
CA ASN A 158 35.51 42.19 -19.77
C ASN A 158 34.32 43.10 -19.49
N ARG A 159 33.23 42.51 -19.04
CA ARG A 159 32.00 43.24 -18.71
C ARG A 159 31.64 44.37 -19.67
N ARG A 160 32.21 44.36 -20.87
CA ARG A 160 31.93 45.40 -21.85
C ARG A 160 30.54 45.26 -22.48
N PRO A 161 29.60 46.14 -22.09
CA PRO A 161 28.24 46.09 -22.63
C PRO A 161 28.25 45.66 -24.08
N ILE A 162 27.40 44.69 -24.39
CA ILE A 162 27.29 44.14 -25.75
C ILE A 162 25.83 43.91 -26.10
N LEU A 163 25.49 44.04 -27.38
CA LEU A 163 24.12 43.82 -27.79
C LEU A 163 24.01 42.91 -29.01
N ILE A 164 22.87 42.22 -29.12
CA ILE A 164 22.62 41.28 -30.22
C ILE A 164 21.74 41.86 -31.32
N ILE A 165 22.16 41.65 -32.57
CA ILE A 165 21.41 42.16 -33.70
C ILE A 165 20.73 41.08 -34.51
N VAL A 166 19.49 40.79 -34.15
CA VAL A 166 18.70 39.79 -34.86
C VAL A 166 18.12 40.47 -36.09
N THR A 167 18.49 40.00 -37.26
CA THR A 167 18.00 40.61 -38.47
C THR A 167 17.43 39.63 -39.46
N LEU A 168 16.31 40.00 -40.08
CA LEU A 168 15.65 39.18 -41.08
C LEU A 168 16.18 39.54 -42.46
N GLU A 169 16.98 38.67 -43.04
CA GLU A 169 17.58 38.93 -44.35
C GLU A 169 17.01 38.04 -45.43
N THR A 170 17.27 38.44 -46.68
CA THR A 170 16.79 37.72 -47.85
C THR A 170 17.82 36.72 -48.36
N ARG A 171 17.47 36.03 -49.45
CA ARG A 171 18.34 35.03 -50.06
C ARG A 171 19.69 35.64 -50.45
N ASP A 172 19.66 36.71 -51.22
CA ASP A 172 20.88 37.40 -51.66
C ASP A 172 21.67 37.96 -50.49
N GLY A 173 20.96 38.35 -49.43
CA GLY A 173 21.62 38.90 -48.27
C GLY A 173 21.28 40.34 -47.91
N GLN A 174 20.38 40.98 -48.65
CA GLN A 174 20.03 42.35 -48.31
C GLN A 174 19.06 42.28 -47.13
N VAL A 175 19.05 43.31 -46.29
CA VAL A 175 18.16 43.32 -45.13
C VAL A 175 16.68 43.44 -45.50
N LEU A 176 15.83 42.89 -44.65
CA LEU A 176 14.37 42.92 -44.82
C LEU A 176 13.76 43.45 -43.52
N GLY A 177 14.58 43.48 -42.47
CA GLY A 177 14.14 43.95 -41.17
C GLY A 177 15.23 43.73 -40.14
N ARG A 178 15.23 44.53 -39.09
CA ARG A 178 16.24 44.39 -38.04
C ARG A 178 15.73 44.93 -36.71
N ARG A 179 16.00 44.20 -35.64
CA ARG A 179 15.59 44.61 -34.30
C ARG A 179 16.84 44.43 -33.47
N CYS A 180 16.84 44.96 -32.26
CA CYS A 180 18.04 44.80 -31.45
C CYS A 180 17.81 44.99 -29.96
N PHE A 181 18.64 44.31 -29.17
CA PHE A 181 18.57 44.37 -27.71
C PHE A 181 19.94 44.13 -27.08
N GLU A 182 20.09 44.58 -25.83
CA GLU A 182 21.34 44.39 -25.11
C GLU A 182 21.26 43.10 -24.30
N ALA A 183 22.35 42.34 -24.33
CA ALA A 183 22.41 41.08 -23.61
C ALA A 183 23.47 41.13 -22.53
N ARG A 184 23.32 40.31 -21.49
CA ARG A 184 24.28 40.26 -20.40
C ARG A 184 24.41 38.86 -19.87
N ILE A 185 24.90 37.96 -20.71
CA ILE A 185 25.06 36.59 -20.26
C ILE A 185 25.97 36.58 -19.05
N CYS A 186 25.42 36.17 -17.91
CA CYS A 186 26.17 36.16 -16.67
C CYS A 186 26.00 34.89 -15.86
N ALA A 187 25.92 35.07 -14.55
CA ALA A 187 25.78 33.94 -13.63
C ALA A 187 24.38 33.87 -13.04
N CYS A 188 23.98 34.90 -12.29
CA CYS A 188 22.67 34.91 -11.67
C CYS A 188 21.79 35.97 -12.31
N PRO A 189 21.31 35.72 -13.53
CA PRO A 189 20.47 36.71 -14.21
C PRO A 189 19.39 37.27 -13.31
N GLY A 190 19.06 36.55 -12.24
CA GLY A 190 18.07 37.06 -11.33
C GLY A 190 18.62 38.32 -10.67
N ARG A 191 19.60 38.12 -9.80
CA ARG A 191 20.26 39.21 -9.07
C ARG A 191 20.60 40.36 -10.00
N ASP A 192 21.49 40.09 -10.94
CA ASP A 192 21.94 41.09 -11.89
C ASP A 192 20.80 41.85 -12.59
N ARG A 193 19.57 41.41 -12.42
CA ARG A 193 18.43 42.09 -13.05
C ARG A 193 17.71 42.93 -12.01
N LYS A 194 17.27 42.30 -10.93
CA LYS A 194 16.59 43.04 -9.88
C LYS A 194 17.62 44.05 -9.38
N ALA A 195 18.82 43.58 -9.08
CA ALA A 195 19.91 44.42 -8.58
C ALA A 195 20.30 45.51 -9.58
N ASP A 196 19.91 45.33 -10.83
CA ASP A 196 20.21 46.31 -11.87
C ASP A 196 19.13 47.39 -11.92
N GLU A 197 17.89 46.98 -12.22
CA GLU A 197 16.78 47.93 -12.28
C GLU A 197 16.77 48.76 -10.99
N ASP A 198 17.32 48.18 -9.94
CA ASP A 198 17.42 48.84 -8.65
C ASP A 198 18.15 50.17 -8.79
N SER A 199 19.45 50.07 -8.88
CA SER A 199 20.36 51.21 -9.01
C SER A 199 19.63 52.50 -9.39
N ILE A 200 18.87 52.46 -10.48
CA ILE A 200 18.15 53.64 -10.95
C ILE A 200 17.21 54.18 -9.86
N PRO B 7 55.04 13.26 -7.15
CA PRO B 7 56.22 13.79 -6.41
C PRO B 7 56.05 13.83 -4.89
N SER B 8 57.13 13.51 -4.18
CA SER B 8 57.10 13.49 -2.72
C SER B 8 56.95 14.89 -2.14
N ASN B 9 56.21 14.97 -1.03
CA ASN B 9 55.99 16.25 -0.35
C ASN B 9 56.26 16.12 1.14
N THR B 10 57.08 15.14 1.50
CA THR B 10 57.42 14.92 2.89
C THR B 10 58.72 15.65 3.24
N ASP B 11 58.62 16.58 4.18
CA ASP B 11 59.77 17.37 4.62
C ASP B 11 61.00 16.49 4.84
N TYR B 12 62.11 16.86 4.22
CA TYR B 12 63.37 16.12 4.32
C TYR B 12 64.56 17.07 4.51
N PRO B 13 65.01 17.25 5.76
CA PRO B 13 66.14 18.13 6.10
C PRO B 13 67.40 17.83 5.30
N GLY B 14 67.55 16.57 4.87
CA GLY B 14 68.72 16.19 4.10
C GLY B 14 69.97 16.13 4.96
N PRO B 15 71.08 15.64 4.38
CA PRO B 15 72.34 15.54 5.11
C PRO B 15 73.03 16.89 5.37
N HIS B 16 72.82 17.85 4.47
CA HIS B 16 73.42 19.18 4.60
C HIS B 16 72.50 20.14 5.35
N SER B 17 71.39 19.61 5.86
CA SER B 17 70.40 20.40 6.60
C SER B 17 69.82 21.50 5.72
N PHE B 18 69.18 21.09 4.64
CA PHE B 18 68.54 21.98 3.68
C PHE B 18 67.28 22.62 4.27
N ASP B 19 67.33 23.93 4.48
CA ASP B 19 66.19 24.65 5.05
C ASP B 19 65.90 25.96 4.34
N VAL B 20 64.61 26.23 4.12
CA VAL B 20 64.20 27.45 3.45
C VAL B 20 63.63 28.38 4.50
N SER B 21 63.24 29.58 4.09
CA SER B 21 62.65 30.57 4.99
C SER B 21 62.42 31.90 4.27
N PHE B 22 61.83 32.84 5.00
CA PHE B 22 61.54 34.15 4.47
C PHE B 22 61.97 35.20 5.47
N GLN B 23 61.16 36.23 5.66
CA GLN B 23 61.48 37.28 6.61
C GLN B 23 60.34 38.30 6.71
N GLN B 24 60.65 39.46 7.28
CA GLN B 24 59.67 40.53 7.44
C GLN B 24 58.84 40.79 6.18
N SER B 25 57.53 40.78 6.37
CA SER B 25 56.60 41.01 5.28
C SER B 25 55.39 41.73 5.84
N SER B 26 55.64 42.83 6.55
CA SER B 26 54.57 43.61 7.17
C SER B 26 53.43 43.94 6.19
N SER B 30 50.05 47.35 1.11
CA SER B 30 49.82 46.39 0.05
C SER B 30 51.11 45.70 -0.35
N ALA B 31 51.78 45.09 0.62
CA ALA B 31 53.03 44.39 0.35
C ALA B 31 52.80 43.45 -0.83
N THR B 32 53.69 43.50 -1.81
CA THR B 32 53.56 42.66 -2.99
C THR B 32 53.34 41.20 -2.59
N TRP B 33 53.81 40.80 -1.41
CA TRP B 33 53.66 39.44 -0.92
C TRP B 33 53.90 39.32 0.59
N THR B 34 53.45 38.23 1.18
CA THR B 34 53.63 37.96 2.60
C THR B 34 53.49 36.47 2.91
N TYR B 35 54.18 36.02 3.95
CA TYR B 35 54.15 34.62 4.33
C TYR B 35 53.76 34.41 5.79
N SER B 36 53.01 33.34 6.05
CA SER B 36 52.58 33.04 7.42
C SER B 36 53.46 31.96 8.02
N THR B 37 54.09 32.28 9.14
CA THR B 37 54.99 31.37 9.83
C THR B 37 54.57 29.91 9.94
N GLU B 38 53.48 29.65 10.66
CA GLU B 38 52.98 28.29 10.86
C GLU B 38 52.30 27.67 9.65
N LEU B 39 51.33 28.36 9.07
CA LEU B 39 50.59 27.88 7.90
C LEU B 39 51.49 27.45 6.76
N LYS B 40 52.79 27.74 6.87
CA LYS B 40 53.71 27.39 5.80
C LYS B 40 53.04 27.81 4.49
N LYS B 41 52.20 28.83 4.60
CA LYS B 41 51.48 29.35 3.45
C LYS B 41 52.03 30.70 3.07
N LEU B 42 52.13 30.92 1.77
CA LEU B 42 52.63 32.17 1.22
C LEU B 42 51.58 32.76 0.28
N TYR B 43 51.42 34.08 0.32
CA TYR B 43 50.47 34.74 -0.55
C TYR B 43 51.31 35.72 -1.35
N CYS B 44 50.90 36.06 -2.56
CA CYS B 44 51.67 37.01 -3.33
C CYS B 44 51.11 37.30 -4.70
N GLN B 45 50.90 38.59 -4.98
CA GLN B 45 50.36 39.05 -6.25
C GLN B 45 50.95 38.31 -7.39
N ILE B 46 50.33 38.46 -8.55
CA ILE B 46 50.73 37.83 -9.79
C ILE B 46 52.24 37.84 -10.11
N ALA B 47 52.60 38.29 -11.31
CA ALA B 47 53.98 38.36 -11.75
C ALA B 47 55.03 38.97 -10.83
N LYS B 48 54.60 39.72 -9.82
CA LYS B 48 55.56 40.34 -8.91
C LYS B 48 56.56 39.34 -8.36
N THR B 49 57.76 39.84 -8.08
CA THR B 49 58.85 39.03 -7.57
C THR B 49 58.59 38.51 -6.17
N CYS B 50 59.47 37.63 -5.72
CA CYS B 50 59.33 37.04 -4.40
C CYS B 50 60.63 36.31 -4.02
N PRO B 51 61.23 36.69 -2.89
CA PRO B 51 62.48 36.11 -2.38
C PRO B 51 62.28 34.69 -1.89
N ILE B 52 63.22 34.21 -1.08
CA ILE B 52 63.18 32.85 -0.55
C ILE B 52 64.61 32.42 -0.19
N GLN B 53 64.96 32.59 1.07
CA GLN B 53 66.30 32.26 1.56
C GLN B 53 66.54 30.77 1.68
N ILE B 54 67.77 30.34 1.42
CA ILE B 54 68.12 28.92 1.50
C ILE B 54 69.34 28.63 2.38
N LYS B 55 69.11 28.13 3.59
CA LYS B 55 70.18 27.80 4.52
C LYS B 55 70.75 26.39 4.33
N VAL B 56 72.00 26.21 4.74
CA VAL B 56 72.67 24.91 4.66
C VAL B 56 73.78 24.86 5.69
N MET B 57 74.02 23.68 6.27
CA MET B 57 75.06 23.51 7.27
C MET B 57 76.36 22.97 6.68
N THR B 58 76.24 21.94 5.86
CA THR B 58 77.42 21.36 5.22
C THR B 58 77.31 21.56 3.71
N PRO B 59 78.34 22.18 3.10
CA PRO B 59 78.36 22.44 1.65
C PRO B 59 77.96 21.23 0.79
N PRO B 60 77.15 21.48 -0.25
CA PRO B 60 76.67 20.43 -1.16
C PRO B 60 77.65 20.10 -2.28
N PRO B 61 77.38 19.01 -3.03
CA PRO B 61 78.19 18.53 -4.15
C PRO B 61 78.43 19.56 -5.24
N GLN B 62 78.75 19.06 -6.43
CA GLN B 62 79.03 19.91 -7.57
C GLN B 62 77.76 20.37 -8.26
N GLY B 63 77.01 19.41 -8.80
CA GLY B 63 75.77 19.72 -9.47
C GLY B 63 74.92 20.70 -8.68
N ALA B 64 74.84 20.46 -7.38
CA ALA B 64 74.08 21.29 -6.45
C ALA B 64 73.11 22.21 -7.20
N VAL B 65 71.88 21.75 -7.36
CA VAL B 65 70.86 22.52 -8.04
C VAL B 65 69.67 22.66 -7.10
N ILE B 66 68.72 23.52 -7.45
CA ILE B 66 67.54 23.70 -6.62
C ILE B 66 66.27 23.76 -7.45
N ARG B 67 65.65 22.60 -7.58
CA ARG B 67 64.42 22.46 -8.34
C ARG B 67 63.26 23.02 -7.55
N ALA B 68 62.44 23.83 -8.22
CA ALA B 68 61.28 24.40 -7.58
C ALA B 68 60.11 23.83 -8.38
N MET B 69 59.24 23.10 -7.72
CA MET B 69 58.12 22.51 -8.44
C MET B 69 56.79 22.69 -7.76
N PRO B 70 55.77 23.01 -8.54
CA PRO B 70 54.40 23.21 -8.07
C PRO B 70 53.66 21.88 -8.15
N VAL B 71 52.52 21.81 -7.47
CA VAL B 71 51.68 20.61 -7.47
C VAL B 71 50.55 20.80 -6.49
N TYR B 72 49.37 20.31 -6.85
CA TYR B 72 48.21 20.45 -5.99
C TYR B 72 48.33 19.85 -4.59
N LYS B 73 47.58 20.43 -3.67
CA LYS B 73 47.54 20.01 -2.27
C LYS B 73 46.47 18.95 -2.10
N LYS B 74 45.30 19.18 -2.69
CA LYS B 74 44.19 18.23 -2.62
C LYS B 74 44.50 16.91 -3.31
N ALA B 75 44.00 15.81 -2.75
CA ALA B 75 44.25 14.48 -3.28
C ALA B 75 43.88 14.26 -4.75
N GLU B 76 42.58 14.27 -5.06
CA GLU B 76 42.08 14.04 -6.42
C GLU B 76 42.72 14.87 -7.54
N HIS B 77 43.63 15.77 -7.18
CA HIS B 77 44.29 16.64 -8.16
C HIS B 77 45.79 16.36 -8.28
N VAL B 78 46.37 15.79 -7.22
CA VAL B 78 47.80 15.49 -7.22
C VAL B 78 48.16 14.79 -8.53
N THR B 79 47.18 14.09 -9.09
CA THR B 79 47.34 13.35 -10.32
C THR B 79 47.54 14.27 -11.52
N GLU B 80 46.98 15.48 -11.47
CA GLU B 80 47.12 16.44 -12.56
C GLU B 80 48.29 17.41 -12.37
N VAL B 81 48.84 17.87 -13.50
CA VAL B 81 49.96 18.80 -13.50
C VAL B 81 49.54 20.25 -13.37
N VAL B 82 50.52 21.11 -13.07
CA VAL B 82 50.29 22.54 -12.90
C VAL B 82 50.90 23.38 -14.01
N LYS B 83 50.03 23.88 -14.88
CA LYS B 83 50.44 24.72 -16.02
C LYS B 83 49.80 26.11 -15.88
N ARG B 84 50.23 27.02 -16.76
CA ARG B 84 49.67 28.35 -16.75
C ARG B 84 48.37 28.20 -17.54
N CYS B 85 47.29 28.85 -17.10
CA CYS B 85 46.05 28.72 -17.84
C CYS B 85 46.27 29.12 -19.29
N PRO B 86 45.33 28.78 -20.19
CA PRO B 86 45.43 29.10 -21.62
C PRO B 86 45.61 30.57 -21.91
N ASN B 87 44.83 31.40 -21.23
CA ASN B 87 44.91 32.83 -21.45
C ASN B 87 46.29 33.41 -21.20
N HIS B 88 46.77 33.36 -19.96
CA HIS B 88 48.07 33.92 -19.66
C HIS B 88 49.25 33.35 -20.42
N GLU B 89 49.05 32.23 -21.12
CA GLU B 89 50.15 31.67 -21.89
C GLU B 89 49.93 31.95 -23.37
N LEU B 90 49.52 33.19 -23.63
CA LEU B 90 49.26 33.67 -24.98
C LEU B 90 49.13 35.18 -24.93
N SER B 91 48.55 35.71 -23.86
CA SER B 91 48.36 37.16 -23.69
C SER B 91 49.59 37.95 -24.12
N ARG B 92 50.71 37.26 -24.26
CA ARG B 92 51.96 37.86 -24.65
C ARG B 92 52.59 38.71 -23.55
N GLU B 93 51.77 39.27 -22.67
CA GLU B 93 52.32 40.07 -21.57
C GLU B 93 53.02 39.01 -20.72
N PHE B 94 54.20 39.34 -20.21
CA PHE B 94 54.98 38.41 -19.40
C PHE B 94 55.68 37.38 -20.30
N ASN B 95 55.37 37.42 -21.60
CA ASN B 95 55.96 36.48 -22.57
C ASN B 95 56.87 37.16 -23.63
N GLU B 96 57.64 38.17 -23.19
CA GLU B 96 58.57 38.90 -24.06
C GLU B 96 59.93 38.29 -23.76
N GLY B 97 60.17 38.07 -22.47
CA GLY B 97 61.39 37.43 -22.02
C GLY B 97 61.04 35.98 -22.25
N GLN B 98 61.04 35.61 -23.54
CA GLN B 98 60.73 34.26 -24.04
C GLN B 98 61.71 33.19 -23.55
N ILE B 99 62.58 33.61 -22.63
CA ILE B 99 63.57 32.73 -22.03
C ILE B 99 62.85 31.63 -21.26
N ALA B 100 61.62 31.93 -20.83
CA ALA B 100 60.79 31.00 -20.07
C ALA B 100 59.61 30.51 -20.90
N PRO B 101 59.36 29.19 -20.91
CA PRO B 101 58.23 28.65 -21.67
C PRO B 101 56.94 29.32 -21.19
N PRO B 102 56.09 29.74 -22.12
CA PRO B 102 54.85 30.40 -21.72
C PRO B 102 53.88 29.55 -20.89
N SER B 103 54.23 28.29 -20.65
CA SER B 103 53.35 27.42 -19.89
C SER B 103 53.69 27.23 -18.40
N HIS B 104 54.97 27.32 -18.06
CA HIS B 104 55.39 27.14 -16.67
C HIS B 104 54.74 28.13 -15.72
N LEU B 105 54.53 27.71 -14.49
CA LEU B 105 53.92 28.59 -13.52
C LEU B 105 55.02 29.32 -12.79
N ILE B 106 56.05 28.58 -12.40
CA ILE B 106 57.15 29.18 -11.66
C ILE B 106 58.32 29.60 -12.52
N ARG B 107 58.78 30.83 -12.27
CA ARG B 107 59.91 31.42 -12.97
C ARG B 107 60.88 31.99 -11.95
N VAL B 108 62.16 31.84 -12.23
CA VAL B 108 63.16 32.41 -11.35
C VAL B 108 63.63 33.57 -12.20
N GLU B 109 63.87 34.70 -11.56
CA GLU B 109 64.34 35.85 -12.31
C GLU B 109 65.67 36.29 -11.71
N GLY B 110 66.52 36.88 -12.55
CA GLY B 110 67.82 37.33 -12.06
C GLY B 110 68.83 36.21 -11.93
N ASN B 111 68.80 35.27 -12.87
CA ASN B 111 69.72 34.15 -12.89
C ASN B 111 69.68 33.60 -14.30
N SER B 112 70.77 33.77 -15.04
CA SER B 112 70.85 33.31 -16.42
C SER B 112 71.03 31.79 -16.51
N HIS B 113 71.68 31.21 -15.51
CA HIS B 113 71.95 29.77 -15.49
C HIS B 113 70.69 28.91 -15.35
N ALA B 114 69.69 29.44 -14.66
CA ALA B 114 68.43 28.72 -14.46
C ALA B 114 67.87 28.14 -15.76
N GLN B 115 67.48 26.87 -15.72
CA GLN B 115 66.93 26.22 -16.90
C GLN B 115 65.58 25.57 -16.61
N TYR B 116 64.61 25.86 -17.48
CA TYR B 116 63.26 25.35 -17.36
C TYR B 116 63.18 23.97 -17.96
N VAL B 117 62.69 23.02 -17.17
CA VAL B 117 62.57 21.65 -17.64
C VAL B 117 61.23 21.00 -17.39
N GLU B 118 60.73 20.34 -18.43
CA GLU B 118 59.48 19.62 -18.36
C GLU B 118 59.83 18.14 -18.42
N ASP B 119 59.41 17.40 -17.41
CA ASP B 119 59.68 15.98 -17.37
C ASP B 119 59.02 15.41 -18.62
N PRO B 120 59.73 14.58 -19.38
CA PRO B 120 59.14 14.01 -20.60
C PRO B 120 58.09 12.94 -20.32
N ILE B 121 58.40 12.08 -19.36
CA ILE B 121 57.55 10.96 -18.96
C ILE B 121 56.29 11.30 -18.16
N THR B 122 56.42 12.16 -17.16
CA THR B 122 55.27 12.55 -16.32
C THR B 122 54.61 13.87 -16.74
N GLY B 123 55.30 14.63 -17.59
CA GLY B 123 54.76 15.90 -18.05
C GLY B 123 54.97 17.04 -17.08
N ARG B 124 55.38 16.72 -15.86
CA ARG B 124 55.61 17.71 -14.82
C ARG B 124 56.68 18.75 -15.14
N GLN B 125 56.32 20.02 -14.95
CA GLN B 125 57.19 21.15 -15.21
C GLN B 125 57.91 21.64 -13.97
N SER B 126 59.16 22.06 -14.14
CA SER B 126 59.91 22.55 -13.01
C SER B 126 61.06 23.45 -13.45
N VAL B 127 61.66 24.16 -12.50
CA VAL B 127 62.78 25.04 -12.78
C VAL B 127 64.00 24.77 -11.90
N LEU B 128 65.14 24.62 -12.57
CA LEU B 128 66.41 24.34 -11.90
C LEU B 128 67.28 25.59 -11.86
N VAL B 129 68.03 25.72 -10.77
CA VAL B 129 68.95 26.84 -10.61
C VAL B 129 70.17 26.34 -9.86
N PRO B 130 71.37 26.54 -10.43
CA PRO B 130 72.60 26.09 -9.79
C PRO B 130 72.77 26.72 -8.41
N TYR B 131 73.11 25.89 -7.42
CA TYR B 131 73.30 26.38 -6.07
C TYR B 131 74.58 27.19 -5.91
N GLU B 132 74.42 28.45 -5.54
CA GLU B 132 75.56 29.34 -5.31
C GLU B 132 75.63 29.58 -3.81
N PRO B 133 76.81 29.34 -3.20
CA PRO B 133 76.97 29.54 -1.75
C PRO B 133 76.51 30.91 -1.25
N PRO B 134 76.17 31.00 0.04
CA PRO B 134 75.71 32.26 0.63
C PRO B 134 76.64 33.44 0.33
N GLN B 135 76.14 34.65 0.56
CA GLN B 135 76.94 35.86 0.35
C GLN B 135 77.91 36.01 1.51
N VAL B 136 79.20 35.92 1.21
CA VAL B 136 80.26 36.04 2.24
C VAL B 136 79.85 36.93 3.42
N GLY B 137 79.41 36.30 4.51
CA GLY B 137 79.00 37.06 5.67
C GLY B 137 77.56 36.73 6.02
N THR B 138 76.85 36.13 5.07
CA THR B 138 75.46 35.73 5.24
C THR B 138 75.46 34.20 5.23
N GLU B 139 74.28 33.61 5.42
CA GLU B 139 74.15 32.16 5.40
C GLU B 139 73.00 31.74 4.48
N PHE B 140 72.17 32.70 4.10
CA PHE B 140 71.04 32.43 3.22
C PHE B 140 71.45 32.66 1.76
N THR B 141 70.76 31.98 0.85
CA THR B 141 71.04 32.09 -0.57
C THR B 141 69.76 32.49 -1.32
N THR B 142 69.24 33.67 -1.02
CA THR B 142 68.03 34.15 -1.66
C THR B 142 67.91 33.81 -3.14
N VAL B 143 66.67 33.50 -3.54
CA VAL B 143 66.36 33.16 -4.92
C VAL B 143 65.08 33.87 -5.30
N LEU B 144 65.07 34.46 -6.49
CA LEU B 144 63.91 35.20 -6.94
C LEU B 144 62.93 34.41 -7.78
N TYR B 145 61.70 34.35 -7.30
CA TYR B 145 60.63 33.62 -7.95
C TYR B 145 59.43 34.44 -8.39
N ASN B 146 58.90 34.07 -9.54
CA ASN B 146 57.74 34.75 -10.08
C ASN B 146 56.65 33.75 -10.37
N PHE B 147 55.47 33.99 -9.84
CA PHE B 147 54.37 33.08 -10.12
C PHE B 147 53.51 33.74 -11.17
N MET B 148 53.30 33.04 -12.28
CA MET B 148 52.57 33.60 -13.39
C MET B 148 51.07 33.40 -13.53
N CYS B 149 50.38 32.82 -12.56
CA CYS B 149 48.94 32.63 -12.72
C CYS B 149 48.19 32.68 -11.42
N ASN B 150 47.24 33.60 -11.30
CA ASN B 150 46.46 33.68 -10.07
C ASN B 150 45.96 32.30 -9.68
N SER B 151 46.24 31.91 -8.43
CA SER B 151 45.79 30.62 -7.93
C SER B 151 44.28 30.77 -7.84
N SER B 152 43.64 30.89 -8.99
CA SER B 152 42.20 31.08 -9.09
C SER B 152 41.89 31.46 -10.52
N CYS B 153 42.79 31.09 -11.42
CA CYS B 153 42.63 31.37 -12.83
C CYS B 153 41.65 30.37 -13.43
N VAL B 154 40.71 30.88 -14.21
CA VAL B 154 39.73 30.02 -14.86
C VAL B 154 40.47 29.04 -15.75
N GLY B 155 40.08 27.77 -15.72
CA GLY B 155 40.74 26.77 -16.53
C GLY B 155 42.22 26.63 -16.25
N GLY B 156 42.63 27.01 -15.04
CA GLY B 156 44.02 26.90 -14.68
C GLY B 156 44.22 26.27 -13.32
N MET B 157 43.69 26.92 -12.28
CA MET B 157 43.83 26.36 -10.96
C MET B 157 42.53 26.41 -10.20
N ASN B 158 41.59 27.21 -10.70
CA ASN B 158 40.29 27.35 -10.04
C ASN B 158 40.43 27.26 -8.53
N ARG B 159 41.02 28.26 -7.93
CA ARG B 159 41.23 28.32 -6.49
C ARG B 159 41.64 27.00 -5.82
N ARG B 160 42.12 26.05 -6.61
CA ARG B 160 42.52 24.75 -6.07
C ARG B 160 43.83 24.80 -5.32
N PRO B 161 43.76 24.72 -3.97
CA PRO B 161 44.96 24.76 -3.14
C PRO B 161 46.13 24.08 -3.83
N ILE B 162 47.27 24.77 -3.85
CA ILE B 162 48.47 24.27 -4.49
C ILE B 162 49.68 24.60 -3.64
N LEU B 163 50.70 23.74 -3.69
CA LEU B 163 51.89 24.00 -2.92
C LEU B 163 53.17 23.83 -3.75
N ILE B 164 54.23 24.54 -3.33
CA ILE B 164 55.52 24.53 -4.01
C ILE B 164 56.56 23.63 -3.34
N ILE B 165 57.24 22.82 -4.15
CA ILE B 165 58.24 21.91 -3.63
C ILE B 165 59.66 22.31 -3.99
N VAL B 166 60.28 23.09 -3.12
CA VAL B 166 61.65 23.52 -3.34
C VAL B 166 62.54 22.38 -2.85
N THR B 167 63.33 21.82 -3.76
CA THR B 167 64.17 20.71 -3.40
C THR B 167 65.61 20.89 -3.84
N LEU B 168 66.54 20.52 -2.96
CA LEU B 168 67.97 20.60 -3.26
C LEU B 168 68.42 19.28 -3.84
N GLU B 169 68.71 19.27 -5.14
CA GLU B 169 69.12 18.04 -5.81
C GLU B 169 70.59 18.08 -6.23
N THR B 170 71.11 16.89 -6.56
CA THR B 170 72.48 16.72 -6.98
C THR B 170 72.65 16.79 -8.49
N ARG B 171 73.88 16.63 -8.96
CA ARG B 171 74.20 16.67 -10.38
C ARG B 171 73.38 15.62 -11.15
N ASP B 172 73.48 14.36 -10.72
CA ASP B 172 72.75 13.27 -11.37
C ASP B 172 71.25 13.45 -11.27
N GLY B 173 70.80 14.09 -10.20
CA GLY B 173 69.37 14.31 -10.02
C GLY B 173 68.73 13.65 -8.81
N GLN B 174 69.50 12.96 -7.98
CA GLN B 174 68.89 12.35 -6.80
C GLN B 174 68.71 13.46 -5.77
N VAL B 175 67.71 13.31 -4.91
CA VAL B 175 67.46 14.33 -3.89
C VAL B 175 68.54 14.41 -2.82
N LEU B 176 68.71 15.60 -2.25
CA LEU B 176 69.69 15.86 -1.19
C LEU B 176 68.95 16.52 -0.04
N GLY B 177 67.74 16.99 -0.32
CA GLY B 177 66.91 17.65 0.68
C GLY B 177 65.67 18.20 0.04
N ARG B 178 64.61 18.37 0.82
CA ARG B 178 63.35 18.89 0.30
C ARG B 178 62.53 19.55 1.39
N ARG B 179 61.95 20.70 1.07
CA ARG B 179 61.10 21.42 2.02
C ARG B 179 59.87 21.77 1.22
N CYS B 180 58.82 22.23 1.89
CA CYS B 180 57.63 22.55 1.14
C CYS B 180 56.69 23.49 1.87
N PHE B 181 55.93 24.25 1.08
CA PHE B 181 54.96 25.21 1.59
C PHE B 181 53.80 25.42 0.61
N GLU B 182 52.68 25.90 1.14
CA GLU B 182 51.51 26.16 0.30
C GLU B 182 51.55 27.60 -0.16
N ALA B 183 51.23 27.83 -1.44
CA ALA B 183 51.24 29.16 -2.00
C ALA B 183 49.84 29.56 -2.46
N ARG B 184 49.58 30.86 -2.51
CA ARG B 184 48.29 31.36 -2.94
C ARG B 184 48.45 32.66 -3.71
N ILE B 185 49.11 32.58 -4.86
CA ILE B 185 49.29 33.77 -5.65
C ILE B 185 47.92 34.34 -6.00
N CYS B 186 47.65 35.53 -5.48
CA CYS B 186 46.35 36.17 -5.69
C CYS B 186 46.43 37.62 -6.09
N ALA B 187 45.52 38.41 -5.53
CA ALA B 187 45.46 39.84 -5.80
C ALA B 187 45.94 40.68 -4.61
N CYS B 188 45.23 40.60 -3.50
CA CYS B 188 45.60 41.37 -2.32
C CYS B 188 46.11 40.45 -1.22
N PRO B 189 47.34 39.91 -1.37
CA PRO B 189 47.88 39.02 -0.36
C PRO B 189 47.68 39.53 1.06
N GLY B 190 47.46 40.83 1.20
CA GLY B 190 47.22 41.37 2.52
C GLY B 190 45.91 40.80 3.03
N ARG B 191 44.81 41.26 2.44
CA ARG B 191 43.47 40.81 2.80
C ARG B 191 43.40 39.30 2.96
N ASP B 192 43.61 38.61 1.84
CA ASP B 192 43.57 37.15 1.82
C ASP B 192 44.40 36.48 2.91
N ARG B 193 45.22 37.25 3.63
CA ARG B 193 46.04 36.67 4.70
C ARG B 193 45.41 36.98 6.04
N LYS B 194 45.22 38.26 6.32
CA LYS B 194 44.59 38.64 7.58
C LYS B 194 43.20 38.00 7.56
N ALA B 195 42.48 38.20 6.47
CA ALA B 195 41.13 37.65 6.31
C ALA B 195 41.12 36.13 6.36
N ASP B 196 42.29 35.51 6.18
CA ASP B 196 42.39 34.06 6.21
C ASP B 196 42.63 33.59 7.65
N GLU B 197 43.74 34.00 8.26
CA GLU B 197 44.05 33.62 9.62
C GLU B 197 42.83 33.91 10.49
N ASP B 198 42.02 34.87 10.05
CA ASP B 198 40.80 35.25 10.75
C ASP B 198 39.89 34.03 10.90
N SER B 199 39.17 33.65 9.82
CA SER B 199 38.23 32.53 9.78
C SER B 199 38.37 31.58 10.96
N ILE B 200 39.58 31.08 11.19
CA ILE B 200 39.85 30.16 12.29
C ILE B 200 39.43 30.77 13.63
N SER C 6 -14.13 38.22 -10.77
CA SER C 6 -13.73 37.21 -9.75
C SER C 6 -14.86 36.72 -8.81
N PRO C 7 -15.01 35.37 -8.56
CA PRO C 7 -16.10 34.91 -7.67
C PRO C 7 -15.99 35.40 -6.22
N SER C 8 -17.14 35.70 -5.63
CA SER C 8 -17.17 36.20 -4.25
C SER C 8 -16.79 35.14 -3.25
N ASN C 9 -16.09 35.56 -2.21
CA ASN C 9 -15.66 34.64 -1.16
C ASN C 9 -16.03 35.20 0.20
N THR C 10 -17.03 36.07 0.24
CA THR C 10 -17.45 36.67 1.48
C THR C 10 -18.60 35.88 2.09
N ASP C 11 -18.37 35.34 3.27
CA ASP C 11 -19.38 34.55 3.99
C ASP C 11 -20.76 35.22 3.94
N TYR C 12 -21.76 34.47 3.50
CA TYR C 12 -23.13 34.95 3.37
C TYR C 12 -24.14 33.92 3.90
N PRO C 13 -24.60 34.07 5.15
CA PRO C 13 -25.56 33.16 5.78
C PRO C 13 -26.83 32.95 4.95
N GLY C 14 -27.17 33.95 4.14
CA GLY C 14 -28.36 33.83 3.32
C GLY C 14 -29.63 33.93 4.12
N PRO C 15 -30.80 33.98 3.45
CA PRO C 15 -32.09 34.09 4.13
C PRO C 15 -32.52 32.80 4.84
N HIS C 16 -32.11 31.66 4.30
CA HIS C 16 -32.47 30.37 4.88
C HIS C 16 -31.42 29.90 5.88
N SER C 17 -30.45 30.76 6.16
CA SER C 17 -29.36 30.44 7.10
C SER C 17 -28.55 29.24 6.62
N PHE C 18 -27.95 29.38 5.45
CA PHE C 18 -27.13 28.35 4.82
C PHE C 18 -25.80 28.18 5.55
N ASP C 19 -25.61 27.03 6.18
CA ASP C 19 -24.38 26.76 6.94
C ASP C 19 -23.83 25.37 6.70
N VAL C 20 -22.51 25.29 6.54
CA VAL C 20 -21.86 24.01 6.31
C VAL C 20 -21.18 23.60 7.61
N SER C 21 -20.56 22.42 7.61
CA SER C 21 -19.84 21.91 8.77
C SER C 21 -19.34 20.49 8.52
N PHE C 22 -18.61 19.97 9.50
CA PHE C 22 -18.07 18.64 9.42
C PHE C 22 -18.34 17.91 10.73
N GLN C 23 -17.37 17.16 11.21
CA GLN C 23 -17.53 16.44 12.47
C GLN C 23 -16.24 15.73 12.87
N GLN C 24 -16.36 14.79 13.80
CA GLN C 24 -15.21 14.03 14.28
C GLN C 24 -14.30 13.53 13.17
N SER C 25 -13.02 13.84 13.30
CA SER C 25 -12.01 13.45 12.33
C SER C 25 -10.71 13.20 13.08
N SER C 26 -10.79 12.35 14.11
CA SER C 26 -9.62 12.02 14.94
C SER C 26 -8.42 11.60 14.09
N THR C 27 -7.22 11.73 14.67
CA THR C 27 -5.98 11.38 13.98
C THR C 27 -5.99 9.98 13.38
N ALA C 28 -6.86 9.12 13.91
CA ALA C 28 -7.05 7.73 13.48
C ALA C 28 -5.89 7.11 12.70
N LYS C 29 -4.66 7.28 13.19
CA LYS C 29 -3.48 6.72 12.54
C LYS C 29 -3.23 7.37 11.18
N SER C 30 -4.26 7.40 10.35
CA SER C 30 -4.16 7.98 9.01
C SER C 30 -5.56 8.26 8.44
N ALA C 31 -6.36 9.01 9.17
CA ALA C 31 -7.71 9.35 8.70
C ALA C 31 -7.59 9.87 7.28
N THR C 32 -8.41 9.33 6.39
CA THR C 32 -8.39 9.75 5.00
C THR C 32 -8.46 11.28 4.90
N TRP C 33 -9.04 11.95 5.89
CA TRP C 33 -9.17 13.41 5.90
C TRP C 33 -9.48 13.96 7.28
N THR C 34 -9.24 15.26 7.48
CA THR C 34 -9.54 15.94 8.74
C THR C 34 -9.70 17.43 8.54
N TYR C 35 -10.49 18.07 9.40
CA TYR C 35 -10.74 19.50 9.28
C TYR C 35 -10.43 20.25 10.57
N SER C 36 -9.89 21.46 10.46
CA SER C 36 -9.58 22.26 11.64
C SER C 36 -10.66 23.31 11.87
N THR C 37 -11.26 23.27 13.05
CA THR C 37 -12.35 24.16 13.42
C THR C 37 -12.20 25.63 13.03
N GLU C 38 -11.21 26.30 13.60
CA GLU C 38 -10.97 27.71 13.33
C GLU C 38 -10.36 28.02 11.96
N LEU C 39 -9.26 27.37 11.62
CA LEU C 39 -8.58 27.58 10.35
C LEU C 39 -9.50 27.44 9.14
N LYS C 40 -10.72 26.96 9.37
CA LYS C 40 -11.65 26.76 8.27
C LYS C 40 -10.87 26.06 7.16
N LYS C 41 -9.87 25.30 7.58
CA LYS C 41 -9.03 24.59 6.64
C LYS C 41 -9.29 23.11 6.74
N LEU C 42 -9.30 22.46 5.59
CA LEU C 42 -9.54 21.03 5.50
C LEU C 42 -8.37 20.36 4.80
N TYR C 43 -7.99 19.19 5.25
CA TYR C 43 -6.90 18.46 4.62
C TYR C 43 -7.52 17.15 4.22
N CYS C 44 -7.01 16.51 3.18
CA CYS C 44 -7.57 15.21 2.78
C CYS C 44 -6.89 14.61 1.57
N GLN C 45 -6.44 13.36 1.72
CA GLN C 45 -5.76 12.61 0.67
C GLN C 45 -6.46 12.81 -0.64
N ILE C 46 -5.77 12.42 -1.70
CA ILE C 46 -6.23 12.51 -3.08
C ILE C 46 -7.70 12.12 -3.33
N ALA C 47 -7.92 11.24 -4.30
CA ALA C 47 -9.23 10.78 -4.67
C ALA C 47 -10.20 10.34 -3.58
N LYS C 48 -9.69 10.04 -2.38
CA LYS C 48 -10.56 9.59 -1.31
C LYS C 48 -11.75 10.52 -1.10
N THR C 49 -12.84 9.92 -0.65
CA THR C 49 -14.08 10.63 -0.41
C THR C 49 -13.97 11.64 0.73
N CYS C 50 -15.01 12.45 0.90
CA CYS C 50 -15.03 13.45 1.95
C CYS C 50 -16.44 14.01 2.10
N PRO C 51 -17.02 13.92 3.30
CA PRO C 51 -18.37 14.40 3.63
C PRO C 51 -18.45 15.92 3.62
N ILE C 52 -19.50 16.45 4.25
CA ILE C 52 -19.72 17.89 4.30
C ILE C 52 -21.21 18.13 4.53
N GLN C 53 -21.58 18.35 5.79
CA GLN C 53 -22.98 18.55 6.16
C GLN C 53 -23.48 19.93 5.80
N ILE C 54 -24.77 20.02 5.44
CA ILE C 54 -25.36 21.29 5.04
C ILE C 54 -26.65 21.63 5.80
N LYS C 55 -26.55 22.54 6.77
CA LYS C 55 -27.72 22.93 7.58
C LYS C 55 -28.52 24.09 6.96
N VAL C 56 -29.81 24.16 7.29
CA VAL C 56 -30.70 25.21 6.80
C VAL C 56 -31.84 25.39 7.79
N MET C 57 -32.31 26.63 7.95
CA MET C 57 -33.40 26.93 8.87
C MET C 57 -34.75 26.99 8.16
N THR C 58 -34.79 27.70 7.04
CA THR C 58 -36.02 27.81 6.27
C THR C 58 -35.81 27.15 4.90
N PRO C 59 -36.69 26.19 4.55
CA PRO C 59 -36.62 25.46 3.28
C PRO C 59 -36.40 26.38 2.06
N PRO C 60 -35.52 25.96 1.14
CA PRO C 60 -35.21 26.73 -0.07
C PRO C 60 -36.19 26.49 -1.22
N PRO C 61 -36.08 27.30 -2.29
CA PRO C 61 -36.92 27.22 -3.49
C PRO C 61 -36.93 25.85 -4.17
N GLN C 62 -37.29 25.86 -5.45
CA GLN C 62 -37.37 24.64 -6.24
C GLN C 62 -35.99 24.24 -6.76
N GLY C 63 -35.43 25.09 -7.60
CA GLY C 63 -34.12 24.81 -8.17
C GLY C 63 -33.15 24.31 -7.11
N ALA C 64 -33.16 24.98 -5.96
CA ALA C 64 -32.30 24.65 -4.85
C ALA C 64 -31.16 23.74 -5.26
N VAL C 65 -30.02 24.35 -5.59
CA VAL C 65 -28.84 23.59 -6.00
C VAL C 65 -27.68 23.98 -5.09
N ILE C 66 -26.59 23.24 -5.16
CA ILE C 66 -25.42 23.57 -4.35
C ILE C 66 -24.13 23.47 -5.14
N ARG C 67 -23.72 24.60 -5.67
CA ARG C 67 -22.51 24.72 -6.45
C ARG C 67 -21.29 24.67 -5.54
N ALA C 68 -20.33 23.87 -5.93
CA ALA C 68 -19.10 23.77 -5.17
C ALA C 68 -18.03 24.22 -6.14
N MET C 69 -17.33 25.29 -5.79
CA MET C 69 -16.31 25.79 -6.69
C MET C 69 -15.00 26.11 -6.01
N PRO C 70 -13.91 25.74 -6.66
CA PRO C 70 -12.55 25.96 -6.19
C PRO C 70 -12.05 27.30 -6.72
N VAL C 71 -10.97 27.80 -6.13
CA VAL C 71 -10.36 29.06 -6.54
C VAL C 71 -9.25 29.42 -5.57
N TYR C 72 -8.17 29.98 -6.10
CA TYR C 72 -7.04 30.32 -5.26
C TYR C 72 -7.32 31.31 -4.16
N LYS C 73 -6.51 31.22 -3.10
CA LYS C 73 -6.61 32.07 -1.92
C LYS C 73 -5.75 33.33 -2.13
N LYS C 74 -4.54 33.13 -2.64
CA LYS C 74 -3.62 34.23 -2.91
C LYS C 74 -4.14 35.18 -3.99
N ALA C 75 -3.88 36.47 -3.83
CA ALA C 75 -4.34 37.49 -4.77
C ALA C 75 -3.96 37.26 -6.25
N GLU C 76 -2.68 37.40 -6.57
CA GLU C 76 -2.16 37.24 -7.94
C GLU C 76 -2.59 36.00 -8.70
N HIS C 77 -3.34 35.12 -8.04
CA HIS C 77 -3.79 33.88 -8.66
C HIS C 77 -5.30 33.83 -8.83
N VAL C 78 -6.03 34.61 -8.03
CA VAL C 78 -7.48 34.62 -8.09
C VAL C 78 -7.92 34.78 -9.54
N THR C 79 -7.06 35.42 -10.32
CA THR C 79 -7.31 35.65 -11.72
C THR C 79 -7.28 34.37 -12.55
N GLU C 80 -6.52 33.37 -12.11
CA GLU C 80 -6.42 32.09 -12.82
C GLU C 80 -7.40 31.04 -12.30
N VAL C 81 -7.82 30.15 -13.20
CA VAL C 81 -8.76 29.07 -12.88
C VAL C 81 -8.10 27.84 -12.27
N VAL C 82 -8.91 26.98 -11.69
CA VAL C 82 -8.44 25.75 -11.06
C VAL C 82 -8.84 24.48 -11.81
N LYS C 83 -7.87 23.88 -12.48
CA LYS C 83 -8.07 22.67 -13.27
C LYS C 83 -7.19 21.55 -12.71
N ARG C 84 -7.40 20.35 -13.23
CA ARG C 84 -6.61 19.22 -12.79
C ARG C 84 -5.34 19.34 -13.61
N CYS C 85 -4.19 19.08 -13.02
CA CYS C 85 -2.95 19.18 -13.78
C CYS C 85 -3.05 18.29 -15.01
N PRO C 86 -2.15 18.49 -15.99
CA PRO C 86 -2.14 17.70 -17.23
C PRO C 86 -2.03 16.21 -17.02
N ASN C 87 -1.14 15.80 -16.12
CA ASN C 87 -0.96 14.39 -15.85
C ASN C 87 -2.22 13.68 -15.39
N HIS C 88 -2.75 14.05 -14.23
CA HIS C 88 -3.94 13.39 -13.73
C HIS C 88 -5.15 13.46 -14.62
N GLU C 89 -5.13 14.31 -15.63
CA GLU C 89 -6.28 14.37 -16.53
C GLU C 89 -5.96 13.66 -17.83
N LEU C 90 -5.34 12.50 -17.68
CA LEU C 90 -4.95 11.66 -18.81
C LEU C 90 -4.54 10.29 -18.27
N SER C 91 -3.92 10.27 -17.09
CA SER C 91 -3.47 9.02 -16.46
C SER C 91 -4.52 7.91 -16.57
N ARG C 92 -5.74 8.31 -16.90
CA ARG C 92 -6.84 7.38 -17.05
C ARG C 92 -7.35 6.84 -15.73
N GLU C 93 -6.47 6.77 -14.72
CA GLU C 93 -6.92 6.29 -13.40
C GLU C 93 -7.83 7.42 -12.93
N PHE C 94 -8.95 7.05 -12.33
CA PHE C 94 -9.92 8.04 -11.85
C PHE C 94 -10.75 8.58 -13.03
N ASN C 95 -10.40 8.16 -14.24
CA ASN C 95 -11.10 8.61 -15.45
C ASN C 95 -11.83 7.46 -16.20
N GLU C 96 -12.42 6.54 -15.45
CA GLU C 96 -13.18 5.40 -16.00
C GLU C 96 -14.64 5.82 -15.90
N GLY C 97 -14.96 6.40 -14.74
CA GLY C 97 -16.28 6.93 -14.49
C GLY C 97 -16.21 8.26 -15.19
N GLN C 98 -16.23 8.18 -16.54
CA GLN C 98 -16.14 9.32 -17.47
C GLN C 98 -17.31 10.28 -17.33
N ILE C 99 -18.12 10.05 -16.31
CA ILE C 99 -19.28 10.87 -16.02
C ILE C 99 -18.80 12.28 -15.67
N ALA C 100 -17.56 12.37 -15.19
CA ALA C 100 -16.94 13.63 -14.80
C ALA C 100 -15.84 14.03 -15.76
N PRO C 101 -15.83 15.31 -16.20
CA PRO C 101 -14.79 15.76 -17.13
C PRO C 101 -13.42 15.52 -16.49
N PRO C 102 -12.47 14.98 -17.25
CA PRO C 102 -11.16 14.72 -16.67
C PRO C 102 -10.40 15.95 -16.20
N SER C 103 -10.98 17.15 -16.38
CA SER C 103 -10.29 18.37 -15.97
C SER C 103 -10.71 18.96 -14.63
N HIS C 104 -11.97 18.75 -14.24
CA HIS C 104 -12.47 19.28 -12.98
C HIS C 104 -11.69 18.81 -11.77
N LEU C 105 -11.62 19.64 -10.75
CA LEU C 105 -10.90 19.26 -9.57
C LEU C 105 -11.87 18.64 -8.62
N ILE C 106 -13.03 19.27 -8.47
CA ILE C 106 -14.02 18.75 -7.57
C ILE C 106 -15.07 17.86 -8.20
N ARG C 107 -15.31 16.72 -7.55
CA ARG C 107 -16.29 15.73 -7.98
C ARG C 107 -17.17 15.37 -6.81
N VAL C 108 -18.44 15.19 -7.09
CA VAL C 108 -19.38 14.76 -6.06
C VAL C 108 -19.59 13.32 -6.45
N GLU C 109 -19.65 12.42 -5.47
CA GLU C 109 -19.87 11.02 -5.78
C GLU C 109 -21.11 10.58 -5.06
N GLY C 110 -21.81 9.61 -5.65
CA GLY C 110 -23.00 9.12 -5.01
C GLY C 110 -24.21 10.00 -5.23
N ASN C 111 -24.30 10.57 -6.42
CA ASN C 111 -25.43 11.43 -6.78
C ASN C 111 -25.43 11.48 -8.30
N SER C 112 -26.46 10.90 -8.90
CA SER C 112 -26.56 10.86 -10.36
C SER C 112 -27.00 12.19 -10.93
N HIS C 113 -27.79 12.93 -10.17
CA HIS C 113 -28.30 14.21 -10.63
C HIS C 113 -27.23 15.28 -10.80
N ALA C 114 -26.17 15.21 -10.01
CA ALA C 114 -25.08 16.18 -10.09
C ALA C 114 -24.58 16.39 -11.52
N GLN C 115 -24.43 17.65 -11.91
CA GLN C 115 -23.96 17.97 -13.25
C GLN C 115 -22.77 18.93 -13.22
N TYR C 116 -21.75 18.54 -13.97
CA TYR C 116 -20.51 19.30 -14.05
C TYR C 116 -20.65 20.40 -15.07
N VAL C 117 -20.37 21.63 -14.64
CA VAL C 117 -20.49 22.76 -15.53
C VAL C 117 -19.29 23.69 -15.55
N GLU C 118 -18.88 24.06 -16.75
CA GLU C 118 -17.77 24.98 -16.96
C GLU C 118 -18.39 26.25 -17.49
N ASP C 119 -18.16 27.35 -16.79
CA ASP C 119 -18.68 28.64 -17.22
C ASP C 119 -18.07 28.87 -18.61
N PRO C 120 -18.89 29.26 -19.59
CA PRO C 120 -18.37 29.50 -20.94
C PRO C 120 -17.54 30.77 -21.05
N ILE C 121 -18.04 31.83 -20.42
CA ILE C 121 -17.43 33.16 -20.43
C ILE C 121 -16.15 33.33 -19.59
N THR C 122 -16.16 32.84 -18.35
CA THR C 122 -15.00 32.97 -17.47
C THR C 122 -14.11 31.73 -17.44
N GLY C 123 -14.60 30.62 -17.97
CA GLY C 123 -13.83 29.39 -18.00
C GLY C 123 -13.85 28.61 -16.71
N ARG C 124 -14.37 29.23 -15.66
CA ARG C 124 -14.45 28.61 -14.34
C ARG C 124 -15.31 27.33 -14.29
N GLN C 125 -14.73 26.30 -13.69
CA GLN C 125 -15.38 25.00 -13.53
C GLN C 125 -16.05 24.83 -12.19
N SER C 126 -17.19 24.17 -12.18
CA SER C 126 -17.88 23.94 -10.93
C SER C 126 -18.83 22.76 -11.03
N VAL C 127 -19.33 22.30 -9.88
CA VAL C 127 -20.26 21.18 -9.84
C VAL C 127 -21.55 21.49 -9.07
N LEU C 128 -22.67 21.22 -9.73
CA LEU C 128 -23.99 21.45 -9.15
C LEU C 128 -24.62 20.17 -8.68
N VAL C 129 -25.38 20.24 -7.59
CA VAL C 129 -26.09 19.08 -7.05
C VAL C 129 -27.40 19.57 -6.47
N PRO C 130 -28.51 19.00 -6.94
CA PRO C 130 -29.84 19.40 -6.45
C PRO C 130 -29.94 19.25 -4.92
N TYR C 131 -30.49 20.26 -4.27
CA TYR C 131 -30.62 20.21 -2.82
C TYR C 131 -31.73 19.29 -2.38
N GLU C 132 -31.36 18.26 -1.60
CA GLU C 132 -32.32 17.31 -1.08
C GLU C 132 -32.41 17.56 0.42
N PRO C 133 -33.64 17.77 0.96
CA PRO C 133 -33.83 18.03 2.39
C PRO C 133 -33.14 17.00 3.30
N PRO C 134 -32.86 17.41 4.54
CA PRO C 134 -32.19 16.52 5.50
C PRO C 134 -32.89 15.17 5.63
N GLN C 135 -32.18 14.21 6.23
CA GLN C 135 -32.74 12.88 6.44
C GLN C 135 -33.72 12.93 7.61
N VAL C 136 -35.00 12.68 7.33
CA VAL C 136 -36.04 12.71 8.37
C VAL C 136 -35.54 12.35 9.78
N GLY C 137 -35.27 13.37 10.59
CA GLY C 137 -34.77 13.13 11.92
C GLY C 137 -33.42 13.80 12.11
N THR C 138 -32.81 14.18 10.99
CA THR C 138 -31.51 14.86 10.98
C THR C 138 -31.77 16.27 10.48
N GLU C 139 -30.73 17.10 10.43
CA GLU C 139 -30.87 18.45 9.92
C GLU C 139 -29.79 18.77 8.90
N PHE C 140 -28.77 17.90 8.84
CA PHE C 140 -27.68 18.06 7.89
C PHE C 140 -27.98 17.30 6.60
N THR C 141 -27.39 17.75 5.50
CA THR C 141 -27.59 17.13 4.20
C THR C 141 -26.24 16.76 3.59
N THR C 142 -25.53 15.85 4.25
CA THR C 142 -24.21 15.42 3.79
C THR C 142 -24.09 15.28 2.28
N VAL C 143 -22.93 15.68 1.77
CA VAL C 143 -22.62 15.59 0.35
C VAL C 143 -21.22 15.03 0.19
N LEU C 144 -21.05 14.11 -0.74
CA LEU C 144 -19.76 13.48 -0.95
C LEU C 144 -18.91 14.09 -2.03
N TYR C 145 -17.73 14.54 -1.62
CA TYR C 145 -16.78 15.21 -2.51
C TYR C 145 -15.45 14.53 -2.68
N ASN C 146 -14.94 14.59 -3.89
CA ASN C 146 -13.66 14.00 -4.18
C ASN C 146 -12.76 15.03 -4.80
N PHE C 147 -11.56 15.18 -4.26
CA PHE C 147 -10.65 16.14 -4.85
C PHE C 147 -9.66 15.36 -5.66
N MET C 148 -9.53 15.69 -6.94
CA MET C 148 -8.66 14.93 -7.81
C MET C 148 -7.21 15.34 -8.05
N CYS C 149 -6.69 16.32 -7.33
CA CYS C 149 -5.30 16.71 -7.59
C CYS C 149 -4.60 17.22 -6.36
N ASN C 150 -3.50 16.58 -5.96
CA ASN C 150 -2.77 17.05 -4.79
C ASN C 150 -2.55 18.55 -4.89
N SER C 151 -2.92 19.28 -3.83
CA SER C 151 -2.75 20.73 -3.80
C SER C 151 -1.24 20.89 -3.69
N SER C 152 -0.55 20.53 -4.76
CA SER C 152 0.92 20.59 -4.83
C SER C 152 1.36 19.82 -6.07
N CYS C 153 0.44 19.70 -7.01
CA CYS C 153 0.70 19.00 -8.26
C CYS C 153 1.50 19.91 -9.15
N VAL C 154 2.54 19.34 -9.77
CA VAL C 154 3.37 20.10 -10.67
C VAL C 154 2.50 20.59 -11.83
N GLY C 155 2.66 21.85 -12.21
CA GLY C 155 1.86 22.40 -13.30
C GLY C 155 0.37 22.37 -13.04
N GLY C 156 -0.01 22.32 -11.77
CA GLY C 156 -1.42 22.28 -11.43
C GLY C 156 -1.76 23.27 -10.35
N MET C 157 -1.17 23.10 -9.18
CA MET C 157 -1.47 24.02 -8.12
C MET C 157 -0.21 24.45 -7.42
N ASN C 158 0.88 23.73 -7.65
CA ASN C 158 2.15 24.05 -7.01
C ASN C 158 1.93 24.61 -5.61
N ARG C 159 1.50 23.76 -4.69
CA ARG C 159 1.24 24.15 -3.30
C ARG C 159 0.59 25.53 -3.10
N ARG C 160 -0.02 26.07 -4.16
CA ARG C 160 -0.66 27.37 -4.07
C ARG C 160 -1.96 27.33 -3.29
N PRO C 161 -1.97 27.86 -2.05
CA PRO C 161 -3.18 27.86 -1.23
C PRO C 161 -4.41 28.05 -2.09
N ILE C 162 -5.41 27.19 -1.85
CA ILE C 162 -6.67 27.23 -2.59
C ILE C 162 -7.84 26.99 -1.66
N LEU C 163 -8.98 27.59 -1.96
CA LEU C 163 -10.14 27.38 -1.11
C LEU C 163 -11.40 27.03 -1.91
N ILE C 164 -12.32 26.32 -1.27
CA ILE C 164 -13.57 25.87 -1.90
C ILE C 164 -14.77 26.72 -1.54
N ILE C 165 -15.55 27.09 -2.55
CA ILE C 165 -16.73 27.92 -2.33
C ILE C 165 -18.04 27.17 -2.52
N VAL C 166 -18.54 26.61 -1.42
CA VAL C 166 -19.80 25.89 -1.45
C VAL C 166 -20.91 26.93 -1.35
N THR C 167 -21.74 27.02 -2.37
CA THR C 167 -22.79 28.01 -2.37
C THR C 167 -24.16 27.44 -2.71
N LEU C 168 -25.17 27.89 -1.98
CA LEU C 168 -26.54 27.46 -2.19
C LEU C 168 -27.20 28.42 -3.17
N GLU C 169 -27.44 27.95 -4.38
CA GLU C 169 -28.04 28.79 -5.41
C GLU C 169 -29.45 28.35 -5.78
N THR C 170 -30.16 29.24 -6.46
CA THR C 170 -31.54 29.00 -6.87
C THR C 170 -31.62 28.41 -8.28
N ARG C 171 -32.85 28.18 -8.74
CA ARG C 171 -33.09 27.62 -10.06
C ARG C 171 -32.46 28.49 -11.15
N ASP C 172 -32.79 29.79 -11.17
CA ASP C 172 -32.25 30.72 -12.16
C ASP C 172 -30.74 30.87 -12.04
N GLY C 173 -30.22 30.72 -10.82
CA GLY C 173 -28.80 30.82 -10.62
C GLY C 173 -28.32 31.94 -9.71
N GLN C 174 -29.24 32.72 -9.14
CA GLN C 174 -28.80 33.78 -8.24
C GLN C 174 -28.47 33.12 -6.90
N VAL C 175 -27.54 33.72 -6.16
CA VAL C 175 -27.14 33.16 -4.88
C VAL C 175 -28.24 33.23 -3.82
N LEU C 176 -28.22 32.29 -2.87
CA LEU C 176 -29.17 32.22 -1.77
C LEU C 176 -28.37 32.11 -0.47
N GLY C 177 -27.08 31.82 -0.62
CA GLY C 177 -26.20 31.70 0.53
C GLY C 177 -24.83 31.20 0.08
N ARG C 178 -23.80 31.49 0.85
CA ARG C 178 -22.45 31.06 0.50
C ARG C 178 -21.56 30.96 1.72
N ARG C 179 -20.76 29.90 1.79
CA ARG C 179 -19.85 29.71 2.91
C ARG C 179 -18.55 29.35 2.24
N CYS C 180 -17.46 29.34 2.99
CA CYS C 180 -16.19 29.01 2.37
C CYS C 180 -15.12 28.56 3.34
N PHE C 181 -14.22 27.73 2.83
CA PHE C 181 -13.11 27.19 3.60
C PHE C 181 -11.89 26.87 2.72
N GLU C 182 -10.72 26.79 3.35
CA GLU C 182 -9.50 26.50 2.62
C GLU C 182 -9.26 25.01 2.66
N ALA C 183 -8.86 24.44 1.53
CA ALA C 183 -8.60 23.01 1.44
C ALA C 183 -7.14 22.75 1.11
N ARG C 184 -6.66 21.57 1.48
CA ARG C 184 -5.28 21.20 1.21
C ARG C 184 -5.16 19.72 0.90
N ILE C 185 -5.75 19.31 -0.21
CA ILE C 185 -5.71 17.91 -0.55
C ILE C 185 -4.24 17.52 -0.70
N CYS C 186 -3.79 16.63 0.17
CA CYS C 186 -2.40 16.21 0.16
C CYS C 186 -2.19 14.72 0.27
N ALA C 187 -1.17 14.34 1.04
CA ALA C 187 -0.85 12.94 1.25
C ALA C 187 -1.21 12.47 2.66
N CYS C 188 -0.56 13.04 3.66
CA CYS C 188 -0.84 12.63 5.05
C CYS C 188 -1.54 13.75 5.79
N PRO C 189 -2.83 13.97 5.49
CA PRO C 189 -3.58 15.05 6.17
C PRO C 189 -3.34 15.06 7.66
N GLY C 190 -2.89 13.95 8.21
CA GLY C 190 -2.62 13.93 9.63
C GLY C 190 -1.45 14.86 9.90
N ARG C 191 -0.27 14.45 9.47
CA ARG C 191 0.95 15.23 9.63
C ARG C 191 0.73 16.69 9.28
N ASP C 192 0.45 16.93 8.00
CA ASP C 192 0.23 18.28 7.51
C ASP C 192 -0.75 19.10 8.34
N ARG C 193 -1.44 18.48 9.29
CA ARG C 193 -2.39 19.22 10.11
C ARG C 193 -1.77 19.48 11.46
N LYS C 194 -1.36 18.42 12.15
CA LYS C 194 -0.73 18.59 13.45
C LYS C 194 0.51 19.44 13.19
N ALA C 195 1.31 19.03 12.21
CA ALA C 195 2.53 19.73 11.84
C ALA C 195 2.26 21.15 11.38
N ASP C 196 1.02 21.45 11.04
CA ASP C 196 0.65 22.80 10.60
C ASP C 196 0.27 23.67 11.79
N GLU C 197 -0.75 23.27 12.53
CA GLU C 197 -1.18 24.02 13.71
C GLU C 197 0.03 24.26 14.60
N ASP C 198 1.01 23.37 14.49
CA ASP C 198 2.25 23.47 15.25
C ASP C 198 2.91 24.81 14.99
N SER C 199 3.56 24.89 13.84
CA SER C 199 4.28 26.09 13.41
C SER C 199 3.92 27.33 14.22
N ILE C 200 2.63 27.64 14.29
CA ILE C 200 2.18 28.81 15.04
C ILE C 200 2.64 28.76 16.50
N ALA D 5 7.34 -7.65 -29.46
CA ALA D 5 7.90 -8.48 -28.35
C ALA D 5 8.67 -7.58 -27.40
N SER D 6 9.15 -8.11 -26.28
CA SER D 6 9.93 -7.27 -25.38
C SER D 6 11.36 -7.24 -25.90
N PRO D 7 11.93 -6.03 -26.06
CA PRO D 7 13.33 -5.88 -26.55
C PRO D 7 14.38 -6.58 -25.68
N SER D 8 15.39 -7.14 -26.34
CA SER D 8 16.44 -7.86 -25.64
C SER D 8 17.32 -6.93 -24.86
N ASN D 9 17.76 -7.37 -23.69
CA ASN D 9 18.62 -6.57 -22.84
C ASN D 9 19.84 -7.38 -22.41
N THR D 10 20.19 -8.39 -23.21
CA THR D 10 21.33 -9.24 -22.89
C THR D 10 22.57 -8.72 -23.60
N ASP D 11 23.57 -8.35 -22.81
CA ASP D 11 24.83 -7.83 -23.34
C ASP D 11 25.33 -8.68 -24.53
N TYR D 12 25.63 -8.02 -25.65
CA TYR D 12 26.10 -8.68 -26.86
C TYR D 12 27.26 -7.88 -27.49
N PRO D 13 28.51 -8.30 -27.24
CA PRO D 13 29.71 -7.66 -27.77
C PRO D 13 29.69 -7.51 -29.28
N GLY D 14 28.97 -8.40 -29.96
CA GLY D 14 28.89 -8.33 -31.41
C GLY D 14 30.18 -8.75 -32.08
N PRO D 15 30.18 -8.87 -33.41
CA PRO D 15 31.39 -9.27 -34.16
C PRO D 15 32.47 -8.18 -34.22
N HIS D 16 32.05 -6.93 -34.20
CA HIS D 16 32.98 -5.80 -34.26
C HIS D 16 33.40 -5.34 -32.87
N SER D 17 32.97 -6.09 -31.84
CA SER D 17 33.28 -5.77 -30.45
C SER D 17 32.73 -4.40 -30.05
N PHE D 18 31.42 -4.27 -30.15
CA PHE D 18 30.70 -3.04 -29.81
C PHE D 18 30.70 -2.81 -28.31
N ASP D 19 31.37 -1.74 -27.87
CA ASP D 19 31.45 -1.44 -26.45
C ASP D 19 31.25 0.05 -26.16
N VAL D 20 30.49 0.35 -25.12
CA VAL D 20 30.24 1.73 -24.74
C VAL D 20 31.06 2.03 -23.51
N SER D 21 30.99 3.27 -23.03
CA SER D 21 31.73 3.69 -21.84
C SER D 21 31.57 5.19 -21.60
N PHE D 22 32.15 5.65 -20.50
CA PHE D 22 32.10 7.06 -20.13
C PHE D 22 33.50 7.51 -19.73
N GLN D 23 33.58 8.31 -18.67
CA GLN D 23 34.87 8.79 -18.19
C GLN D 23 34.70 9.60 -16.91
N GLN D 24 35.74 10.37 -16.56
CA GLN D 24 35.72 11.19 -15.37
C GLN D 24 34.44 11.99 -15.20
N SER D 25 33.85 11.86 -14.02
CA SER D 25 32.62 12.54 -13.68
C SER D 25 32.65 12.87 -12.20
N SER D 26 33.74 13.51 -11.76
CA SER D 26 33.91 13.88 -10.35
C SER D 26 32.70 14.59 -9.78
N THR D 27 32.56 14.55 -8.45
CA THR D 27 31.43 15.19 -7.76
C THR D 27 31.22 16.65 -8.15
N ALA D 28 32.29 17.27 -8.66
CA ALA D 28 32.31 18.67 -9.11
C ALA D 28 31.21 19.58 -8.55
N LYS D 29 30.98 19.52 -7.24
CA LYS D 29 29.96 20.33 -6.58
C LYS D 29 28.55 19.94 -7.04
N SER D 30 28.36 19.90 -8.36
CA SER D 30 27.07 19.55 -8.94
C SER D 30 27.23 19.17 -10.41
N ALA D 31 28.09 18.20 -10.69
CA ALA D 31 28.29 17.75 -12.06
C ALA D 31 26.93 17.48 -12.68
N THR D 32 26.71 18.01 -13.87
CA THR D 32 25.44 17.82 -14.55
C THR D 32 25.05 16.35 -14.59
N TRP D 33 26.04 15.46 -14.55
CA TRP D 33 25.79 14.01 -14.58
C TRP D 33 27.00 13.22 -14.11
N THR D 34 26.78 11.95 -13.75
CA THR D 34 27.84 11.04 -13.32
C THR D 34 27.42 9.58 -13.49
N TYR D 35 28.40 8.71 -13.68
CA TYR D 35 28.14 7.29 -13.90
C TYR D 35 28.92 6.41 -12.95
N SER D 36 28.31 5.31 -12.50
CA SER D 36 28.97 4.39 -11.57
C SER D 36 29.47 3.19 -12.34
N THR D 37 30.78 2.95 -12.24
CA THR D 37 31.45 1.85 -12.94
C THR D 37 30.74 0.50 -12.94
N GLU D 38 30.58 -0.09 -11.77
CA GLU D 38 29.93 -1.40 -11.64
C GLU D 38 28.41 -1.39 -11.82
N LEU D 39 27.71 -0.53 -11.08
CA LEU D 39 26.27 -0.44 -11.16
C LEU D 39 25.75 -0.25 -12.57
N LYS D 40 26.64 0.01 -13.51
CA LYS D 40 26.22 0.23 -14.89
C LYS D 40 25.05 1.20 -14.83
N LYS D 41 25.05 2.03 -13.79
CA LYS D 41 24.00 3.01 -13.58
C LYS D 41 24.53 4.39 -13.82
N LEU D 42 23.71 5.21 -14.44
CA LEU D 42 24.05 6.59 -14.77
C LEU D 42 23.01 7.51 -14.17
N TYR D 43 23.46 8.64 -13.66
CA TYR D 43 22.53 9.61 -13.08
C TYR D 43 22.77 10.86 -13.89
N CYS D 44 21.78 11.73 -14.01
CA CYS D 44 21.99 12.96 -14.75
C CYS D 44 20.77 13.85 -14.83
N GLN D 45 20.93 15.10 -14.41
CA GLN D 45 19.86 16.12 -14.42
C GLN D 45 19.08 16.02 -15.68
N ILE D 46 17.93 16.68 -15.66
CA ILE D 46 16.98 16.73 -16.76
C ILE D 46 17.58 16.94 -18.16
N ALA D 47 17.05 17.91 -18.89
CA ALA D 47 17.50 18.22 -20.24
C ALA D 47 18.98 18.34 -20.51
N LYS D 48 19.79 18.51 -19.46
CA LYS D 48 21.24 18.65 -19.67
C LYS D 48 21.81 17.55 -20.53
N THR D 49 22.85 17.90 -21.27
CA THR D 49 23.53 16.99 -22.17
C THR D 49 24.23 15.86 -21.44
N CYS D 50 24.72 14.88 -22.21
CA CYS D 50 25.40 13.73 -21.63
C CYS D 50 26.10 12.95 -22.73
N PRO D 51 27.43 12.77 -22.61
CA PRO D 51 28.28 12.06 -23.58
C PRO D 51 27.98 10.57 -23.59
N ILE D 52 28.91 9.79 -24.13
CA ILE D 52 28.77 8.35 -24.23
C ILE D 52 29.65 7.86 -25.37
N GLN D 53 30.86 7.41 -25.03
CA GLN D 53 31.82 6.93 -26.02
C GLN D 53 31.47 5.56 -26.58
N ILE D 54 31.80 5.35 -27.86
CA ILE D 54 31.49 4.08 -28.52
C ILE D 54 32.71 3.45 -29.21
N LYS D 55 33.29 2.42 -28.59
CA LYS D 55 34.46 1.73 -29.15
C LYS D 55 34.09 0.59 -30.10
N VAL D 56 35.01 0.28 -31.02
CA VAL D 56 34.81 -0.81 -31.99
C VAL D 56 36.17 -1.30 -32.45
N MET D 57 36.28 -2.60 -32.70
CA MET D 57 37.54 -3.20 -33.15
C MET D 57 37.60 -3.35 -34.67
N THR D 58 36.53 -3.87 -35.25
CA THR D 58 36.47 -4.05 -36.69
C THR D 58 35.36 -3.14 -37.26
N PRO D 59 35.70 -2.28 -38.22
CA PRO D 59 34.75 -1.36 -38.85
C PRO D 59 33.42 -2.03 -39.25
N PRO D 60 32.30 -1.36 -39.00
CA PRO D 60 30.96 -1.86 -39.33
C PRO D 60 30.53 -1.59 -40.77
N PRO D 61 29.40 -2.20 -41.19
CA PRO D 61 28.83 -2.06 -42.53
C PRO D 61 28.54 -0.62 -42.96
N GLN D 62 27.64 -0.48 -43.94
CA GLN D 62 27.28 0.82 -44.46
C GLN D 62 26.25 1.50 -43.58
N GLY D 63 25.08 0.88 -43.48
CA GLY D 63 24.01 1.44 -42.68
C GLY D 63 24.50 1.89 -41.33
N ALA D 64 25.33 1.06 -40.71
CA ALA D 64 25.93 1.35 -39.40
C ALA D 64 25.20 2.47 -38.68
N VAL D 65 24.23 2.10 -37.86
CA VAL D 65 23.46 3.07 -37.10
C VAL D 65 23.55 2.71 -35.62
N ILE D 66 23.10 3.59 -34.76
CA ILE D 66 23.15 3.31 -33.33
C ILE D 66 21.85 3.73 -32.64
N ARG D 67 20.96 2.76 -32.51
CA ARG D 67 19.68 2.95 -31.88
C ARG D 67 19.85 3.03 -30.37
N ALA D 68 19.22 4.04 -29.79
CA ALA D 68 19.25 4.20 -28.35
C ALA D 68 17.82 4.05 -27.91
N MET D 69 17.55 3.06 -27.07
CA MET D 69 16.18 2.86 -26.66
C MET D 69 16.02 2.64 -25.17
N PRO D 70 15.00 3.26 -24.59
CA PRO D 70 14.67 3.17 -23.17
C PRO D 70 13.70 2.01 -22.96
N VAL D 71 13.55 1.59 -21.71
CA VAL D 71 12.64 0.52 -21.36
C VAL D 71 12.82 0.16 -19.89
N TYR D 72 11.72 -0.13 -19.20
CA TYR D 72 11.79 -0.44 -17.79
C TYR D 72 12.65 -1.64 -17.41
N LYS D 73 13.16 -1.57 -16.18
CA LYS D 73 14.02 -2.61 -15.62
C LYS D 73 13.15 -3.68 -14.94
N LYS D 74 12.16 -3.23 -14.18
CA LYS D 74 11.24 -4.12 -13.47
C LYS D 74 10.40 -4.95 -14.43
N ALA D 75 10.13 -6.20 -14.07
CA ALA D 75 9.34 -7.11 -14.91
C ALA D 75 7.96 -6.61 -15.35
N GLU D 76 7.02 -6.49 -14.42
CA GLU D 76 5.64 -6.04 -14.71
C GLU D 76 5.48 -4.77 -15.53
N HIS D 77 6.60 -4.13 -15.86
CA HIS D 77 6.56 -2.89 -16.61
C HIS D 77 7.19 -3.03 -18.00
N VAL D 78 8.07 -4.02 -18.17
CA VAL D 78 8.74 -4.24 -19.44
C VAL D 78 7.70 -4.22 -20.55
N THR D 79 6.48 -4.60 -20.19
CA THR D 79 5.37 -4.66 -21.12
C THR D 79 4.92 -3.28 -21.59
N GLU D 80 5.12 -2.25 -20.76
CA GLU D 80 4.76 -0.87 -21.11
C GLU D 80 5.90 -0.07 -21.72
N VAL D 81 5.54 0.87 -22.59
CA VAL D 81 6.51 1.73 -23.27
C VAL D 81 6.94 2.93 -22.44
N VAL D 82 8.03 3.57 -22.87
CA VAL D 82 8.58 4.74 -22.19
C VAL D 82 8.40 6.03 -22.98
N LYS D 83 7.47 6.86 -22.52
CA LYS D 83 7.17 8.14 -23.15
C LYS D 83 7.43 9.29 -22.17
N ARG D 84 7.38 10.51 -22.67
CA ARG D 84 7.59 11.67 -21.82
C ARG D 84 6.24 11.87 -21.15
N CYS D 85 6.22 12.19 -19.87
CA CYS D 85 4.94 12.39 -19.20
C CYS D 85 4.14 13.44 -19.96
N PRO D 86 2.82 13.53 -19.70
CA PRO D 86 1.94 14.50 -20.37
C PRO D 86 2.38 15.94 -20.22
N ASN D 87 2.78 16.32 -19.02
CA ASN D 87 3.21 17.69 -18.77
C ASN D 87 4.36 18.12 -19.65
N HIS D 88 5.53 17.51 -19.48
CA HIS D 88 6.69 17.89 -20.28
C HIS D 88 6.54 17.79 -21.78
N GLU D 89 5.49 17.14 -22.25
CA GLU D 89 5.31 17.04 -23.69
C GLU D 89 4.20 17.98 -24.12
N LEU D 90 4.25 19.18 -23.56
CA LEU D 90 3.28 20.23 -23.84
C LEU D 90 3.83 21.54 -23.27
N SER D 91 4.51 21.47 -22.13
CA SER D 91 5.08 22.67 -21.48
C SER D 91 5.75 23.61 -22.49
N ARG D 92 5.99 23.10 -23.68
CA ARG D 92 6.61 23.86 -24.75
C ARG D 92 8.09 24.10 -24.51
N GLU D 93 8.52 24.14 -23.25
CA GLU D 93 9.94 24.34 -22.97
C GLU D 93 10.56 23.03 -23.46
N PHE D 94 11.70 23.12 -24.11
CA PHE D 94 12.38 21.93 -24.65
C PHE D 94 11.69 21.48 -25.95
N ASN D 95 10.58 22.13 -26.29
CA ASN D 95 9.82 21.78 -27.49
C ASN D 95 9.79 22.92 -28.56
N GLU D 96 10.92 23.61 -28.72
CA GLU D 96 11.06 24.69 -29.70
C GLU D 96 11.80 24.06 -30.88
N GLY D 97 12.81 23.26 -30.53
CA GLY D 97 13.57 22.53 -31.52
C GLY D 97 12.65 21.34 -31.74
N GLN D 98 11.55 21.63 -32.45
CA GLN D 98 10.48 20.68 -32.81
C GLN D 98 10.98 19.53 -33.71
N ILE D 99 12.29 19.49 -33.89
CA ILE D 99 12.94 18.46 -34.69
C ILE D 99 12.69 17.10 -34.02
N ALA D 100 12.46 17.13 -32.72
CA ALA D 100 12.22 15.92 -31.93
C ALA D 100 10.77 15.86 -31.48
N PRO D 101 10.13 14.68 -31.63
CA PRO D 101 8.73 14.54 -31.20
C PRO D 101 8.64 14.86 -29.71
N PRO D 102 7.66 15.66 -29.32
CA PRO D 102 7.53 16.01 -27.91
C PRO D 102 7.29 14.83 -26.96
N SER D 103 7.18 13.62 -27.49
CA SER D 103 6.92 12.45 -26.64
C SER D 103 8.15 11.60 -26.28
N HIS D 104 9.14 11.55 -27.16
CA HIS D 104 10.33 10.75 -26.90
C HIS D 104 11.05 11.16 -25.63
N LEU D 105 11.69 10.19 -25.01
CA LEU D 105 12.42 10.47 -23.79
C LEU D 105 13.85 10.81 -24.16
N ILE D 106 14.42 10.00 -25.04
CA ILE D 106 15.79 10.21 -25.46
C ILE D 106 15.96 11.03 -26.72
N ARG D 107 16.86 12.00 -26.64
CA ARG D 107 17.19 12.89 -27.74
C ARG D 107 18.70 12.93 -27.91
N VAL D 108 19.13 12.96 -29.16
CA VAL D 108 20.55 13.08 -29.43
C VAL D 108 20.63 14.53 -29.88
N GLU D 109 21.67 15.23 -29.47
CA GLU D 109 21.81 16.62 -29.88
C GLU D 109 23.14 16.76 -30.59
N GLY D 110 23.22 17.69 -31.53
CA GLY D 110 24.45 17.91 -32.25
C GLY D 110 24.68 16.90 -33.35
N ASN D 111 23.59 16.51 -34.02
CA ASN D 111 23.67 15.56 -35.13
C ASN D 111 22.38 15.74 -35.92
N SER D 112 22.50 16.27 -37.13
CA SER D 112 21.34 16.53 -37.97
C SER D 112 20.79 15.25 -38.60
N HIS D 113 21.67 14.28 -38.84
CA HIS D 113 21.27 13.02 -39.46
C HIS D 113 20.37 12.17 -38.59
N ALA D 114 20.52 12.28 -37.27
CA ALA D 114 19.71 11.50 -36.33
C ALA D 114 18.22 11.59 -36.62
N GLN D 115 17.55 10.45 -36.65
CA GLN D 115 16.12 10.41 -36.92
C GLN D 115 15.35 9.66 -35.84
N TYR D 116 14.29 10.30 -35.37
CA TYR D 116 13.44 9.75 -34.33
C TYR D 116 12.42 8.82 -34.93
N VAL D 117 12.37 7.59 -34.43
CA VAL D 117 11.45 6.61 -34.94
C VAL D 117 10.64 5.87 -33.89
N GLU D 118 9.34 5.77 -34.14
CA GLU D 118 8.44 5.06 -33.26
C GLU D 118 8.03 3.81 -34.00
N ASP D 119 8.26 2.66 -33.39
CA ASP D 119 7.89 1.40 -34.01
C ASP D 119 6.37 1.48 -34.19
N PRO D 120 5.87 1.13 -35.38
CA PRO D 120 4.43 1.19 -35.62
C PRO D 120 3.65 0.07 -34.92
N ILE D 121 4.21 -1.13 -34.97
CA ILE D 121 3.62 -2.33 -34.40
C ILE D 121 3.65 -2.45 -32.87
N THR D 122 4.79 -2.16 -32.25
CA THR D 122 4.94 -2.26 -30.80
C THR D 122 4.77 -0.92 -30.07
N GLY D 123 4.81 0.18 -30.82
CA GLY D 123 4.66 1.50 -30.23
C GLY D 123 5.94 2.06 -29.62
N ARG D 124 6.94 1.20 -29.48
CA ARG D 124 8.21 1.58 -28.90
C ARG D 124 8.97 2.69 -29.66
N GLN D 125 9.40 3.69 -28.90
CA GLN D 125 10.11 4.84 -29.44
C GLN D 125 11.62 4.70 -29.31
N SER D 126 12.33 5.18 -30.31
CA SER D 126 13.77 5.11 -30.28
C SER D 126 14.42 6.14 -31.20
N VAL D 127 15.72 6.32 -31.05
CA VAL D 127 16.46 7.28 -31.86
C VAL D 127 17.68 6.67 -32.55
N LEU D 128 17.75 6.88 -33.87
CA LEU D 128 18.84 6.37 -34.69
C LEU D 128 19.83 7.46 -35.04
N VAL D 129 21.10 7.10 -35.13
CA VAL D 129 22.14 8.03 -35.50
C VAL D 129 23.18 7.28 -36.30
N PRO D 130 23.48 7.75 -37.50
CA PRO D 130 24.47 7.10 -38.37
C PRO D 130 25.83 7.01 -37.68
N TYR D 131 26.44 5.82 -37.76
CA TYR D 131 27.73 5.60 -37.13
C TYR D 131 28.86 6.28 -37.89
N GLU D 132 29.54 7.21 -37.22
CA GLU D 132 30.66 7.92 -37.81
C GLU D 132 31.91 7.42 -37.10
N PRO D 133 32.92 6.96 -37.86
CA PRO D 133 34.18 6.45 -37.27
C PRO D 133 34.80 7.40 -36.25
N PRO D 134 35.62 6.86 -35.35
CA PRO D 134 36.28 7.67 -34.32
C PRO D 134 37.03 8.87 -34.91
N GLN D 135 37.39 9.82 -34.05
CA GLN D 135 38.12 11.01 -34.46
C GLN D 135 39.58 10.61 -34.69
N VAL D 136 40.04 10.72 -35.94
CA VAL D 136 41.41 10.37 -36.30
C VAL D 136 42.42 10.58 -35.16
N GLY D 137 42.75 9.50 -34.46
CA GLY D 137 43.67 9.59 -33.35
C GLY D 137 43.03 9.10 -32.07
N THR D 138 41.70 8.99 -32.10
CA THR D 138 40.91 8.51 -30.97
C THR D 138 40.31 7.18 -31.40
N GLU D 139 39.59 6.54 -30.50
CA GLU D 139 38.94 5.27 -30.82
C GLU D 139 37.47 5.28 -30.41
N PHE D 140 37.10 6.28 -29.61
CA PHE D 140 35.72 6.44 -29.16
C PHE D 140 34.95 7.35 -30.12
N THR D 141 33.64 7.16 -30.16
CA THR D 141 32.77 7.95 -31.04
C THR D 141 31.68 8.61 -30.22
N THR D 142 32.07 9.49 -29.31
CA THR D 142 31.11 10.18 -28.45
C THR D 142 29.80 10.58 -29.13
N VAL D 143 28.71 10.46 -28.38
CA VAL D 143 27.38 10.80 -28.86
C VAL D 143 26.67 11.57 -27.77
N LEU D 144 26.01 12.65 -28.14
CA LEU D 144 25.32 13.47 -27.17
C LEU D 144 23.85 13.15 -26.98
N TYR D 145 23.51 12.83 -25.73
CA TYR D 145 22.14 12.47 -25.38
C TYR D 145 21.49 13.37 -24.35
N ASN D 146 20.20 13.57 -24.53
CA ASN D 146 19.42 14.38 -23.62
C ASN D 146 18.23 13.60 -23.13
N PHE D 147 18.06 13.53 -21.82
CA PHE D 147 16.92 12.83 -21.29
C PHE D 147 15.91 13.88 -20.89
N MET D 148 14.71 13.78 -21.43
CA MET D 148 13.69 14.77 -21.19
C MET D 148 12.68 14.62 -20.06
N CYS D 149 12.82 13.63 -19.19
CA CYS D 149 11.83 13.49 -18.12
C CYS D 149 12.40 12.88 -16.85
N ASN D 150 12.33 13.61 -15.75
CA ASN D 150 12.84 13.07 -14.49
C ASN D 150 12.34 11.65 -14.27
N SER D 151 13.26 10.73 -14.03
CA SER D 151 12.90 9.35 -13.79
C SER D 151 12.20 9.38 -12.45
N SER D 152 11.03 10.01 -12.42
CA SER D 152 10.24 10.17 -11.20
C SER D 152 9.14 11.19 -11.51
N CYS D 153 8.83 11.30 -12.79
CA CYS D 153 7.80 12.21 -13.24
C CYS D 153 6.45 11.61 -12.98
N VAL D 154 5.55 12.40 -12.42
CA VAL D 154 4.20 11.91 -12.14
C VAL D 154 3.58 11.49 -13.47
N GLY D 155 2.90 10.36 -13.48
CA GLY D 155 2.27 9.89 -14.70
C GLY D 155 3.24 9.67 -15.84
N GLY D 156 4.49 9.44 -15.50
CA GLY D 156 5.48 9.21 -16.54
C GLY D 156 6.36 8.02 -16.24
N MET D 157 7.08 8.09 -15.13
CA MET D 157 7.94 6.98 -14.79
C MET D 157 7.81 6.63 -13.33
N ASN D 158 7.23 7.54 -12.56
CA ASN D 158 7.07 7.30 -11.12
C ASN D 158 8.23 6.51 -10.56
N ARG D 159 9.40 7.14 -10.49
CA ARG D 159 10.62 6.52 -9.97
C ARG D 159 10.82 5.04 -10.37
N ARG D 160 10.12 4.59 -11.41
CA ARG D 160 10.24 3.20 -11.86
C ARG D 160 11.55 2.92 -12.58
N PRO D 161 12.48 2.21 -11.92
CA PRO D 161 13.78 1.89 -12.51
C PRO D 161 13.63 1.66 -14.00
N ILE D 162 14.49 2.32 -14.77
CA ILE D 162 14.50 2.22 -16.23
C ILE D 162 15.92 2.14 -16.76
N LEU D 163 16.11 1.45 -17.87
CA LEU D 163 17.45 1.35 -18.42
C LEU D 163 17.47 1.62 -19.92
N ILE D 164 18.63 2.09 -20.41
CA ILE D 164 18.82 2.44 -21.82
C ILE D 164 19.54 1.37 -22.63
N ILE D 165 19.00 1.05 -23.81
CA ILE D 165 19.59 0.04 -24.66
C ILE D 165 20.25 0.61 -25.90
N VAL D 166 21.53 0.89 -25.80
CA VAL D 166 22.28 1.41 -26.92
C VAL D 166 22.69 0.21 -27.75
N THR D 167 22.24 0.18 -29.00
CA THR D 167 22.55 -0.94 -29.85
C THR D 167 23.08 -0.53 -31.21
N LEU D 168 24.10 -1.24 -31.68
CA LEU D 168 24.70 -0.98 -32.99
C LEU D 168 24.00 -1.87 -34.02
N GLU D 169 23.19 -1.25 -34.87
CA GLU D 169 22.45 -1.99 -35.88
C GLU D 169 22.95 -1.71 -37.30
N THR D 170 22.53 -2.56 -38.21
CA THR D 170 22.92 -2.47 -39.62
C THR D 170 21.91 -1.68 -40.44
N ARG D 171 22.19 -1.57 -41.73
CA ARG D 171 21.31 -0.86 -42.65
C ARG D 171 19.89 -1.44 -42.63
N ASP D 172 19.77 -2.75 -42.87
CA ASP D 172 18.47 -3.42 -42.88
C ASP D 172 17.78 -3.36 -41.52
N GLY D 173 18.58 -3.33 -40.46
CA GLY D 173 18.01 -3.26 -39.12
C GLY D 173 18.33 -4.42 -38.20
N GLN D 174 19.10 -5.41 -38.65
CA GLN D 174 19.40 -6.53 -37.76
C GLN D 174 20.50 -6.05 -36.82
N VAL D 175 20.55 -6.62 -35.62
CA VAL D 175 21.55 -6.21 -34.63
C VAL D 175 22.97 -6.61 -35.02
N LEU D 176 23.94 -5.83 -34.55
CA LEU D 176 25.36 -6.08 -34.80
C LEU D 176 26.07 -6.07 -33.45
N GLY D 177 25.37 -5.57 -32.44
CA GLY D 177 25.91 -5.48 -31.10
C GLY D 177 24.97 -4.73 -30.20
N ARG D 178 25.03 -5.00 -28.89
CA ARG D 178 24.15 -4.32 -27.93
C ARG D 178 24.77 -4.29 -26.55
N ARG D 179 24.65 -3.14 -25.89
CA ARG D 179 25.18 -2.99 -24.54
C ARG D 179 24.03 -2.34 -23.78
N CYS D 180 24.13 -2.29 -22.47
CA CYS D 180 23.05 -1.70 -21.73
C CYS D 180 23.42 -1.24 -20.32
N PHE D 181 22.71 -0.22 -19.85
CA PHE D 181 22.93 0.35 -18.52
C PHE D 181 21.65 0.96 -17.95
N GLU D 182 21.61 1.12 -16.63
CA GLU D 182 20.45 1.70 -15.97
C GLU D 182 20.68 3.20 -15.83
N ALA D 183 19.65 3.98 -16.10
CA ALA D 183 19.74 5.43 -15.99
C ALA D 183 18.79 5.95 -14.92
N ARG D 184 19.12 7.11 -14.37
CA ARG D 184 18.27 7.70 -13.34
C ARG D 184 18.28 9.22 -13.46
N ILE D 185 17.74 9.72 -14.57
CA ILE D 185 17.71 11.15 -14.77
C ILE D 185 16.93 11.77 -13.61
N CYS D 186 17.62 12.56 -12.80
CA CYS D 186 17.00 13.17 -11.64
C CYS D 186 17.31 14.65 -11.47
N ALA D 187 17.53 15.05 -10.22
CA ALA D 187 17.85 16.43 -9.90
C ALA D 187 19.30 16.61 -9.51
N CYS D 188 19.70 15.99 -8.40
CA CYS D 188 21.09 16.12 -7.95
C CYS D 188 21.82 14.81 -8.13
N PRO D 189 22.16 14.44 -9.37
CA PRO D 189 22.87 13.19 -9.60
C PRO D 189 24.02 12.97 -8.61
N GLY D 190 24.50 14.04 -7.99
CA GLY D 190 25.56 13.89 -7.02
C GLY D 190 25.02 13.10 -5.85
N ARG D 191 24.15 13.74 -5.08
CA ARG D 191 23.51 13.13 -3.91
C ARG D 191 23.01 11.73 -4.21
N ASP D 192 22.04 11.65 -5.11
CA ASP D 192 21.44 10.38 -5.50
C ASP D 192 22.44 9.30 -5.87
N ARG D 193 23.72 9.66 -6.01
CA ARG D 193 24.74 8.66 -6.35
C ARG D 193 25.53 8.28 -5.11
N LYS D 194 26.11 9.27 -4.45
CA LYS D 194 26.85 9.00 -3.24
C LYS D 194 25.84 8.39 -2.28
N ALA D 195 24.70 9.06 -2.13
CA ALA D 195 23.63 8.62 -1.24
C ALA D 195 23.07 7.25 -1.63
N ASP D 196 23.34 6.84 -2.85
CA ASP D 196 22.88 5.54 -3.34
C ASP D 196 23.88 4.46 -3.00
N GLU D 197 25.11 4.57 -3.52
CA GLU D 197 26.15 3.59 -3.24
C GLU D 197 26.25 3.39 -1.74
N ASP D 198 25.84 4.42 -0.99
CA ASP D 198 25.85 4.38 0.46
C ASP D 198 25.03 3.20 0.95
N SER D 199 23.71 3.38 0.92
CA SER D 199 22.74 2.38 1.37
C SER D 199 23.35 0.99 1.53
N ILE D 200 23.98 0.49 0.49
CA ILE D 200 24.58 -0.84 0.54
C ILE D 200 25.60 -0.95 1.68
N ALA E 5 -30.91 7.76 -2.59
CA ALA E 5 -30.06 8.54 -1.66
C ALA E 5 -29.33 7.69 -0.64
N SER E 6 -28.45 8.30 0.14
CA SER E 6 -27.83 7.49 1.15
C SER E 6 -28.79 7.46 2.36
N PRO E 7 -29.08 6.27 2.91
CA PRO E 7 -30.00 6.14 4.08
C PRO E 7 -29.54 6.88 5.34
N SER E 8 -30.50 7.45 6.06
CA SER E 8 -30.20 8.20 7.26
C SER E 8 -29.73 7.32 8.37
N ASN E 9 -28.80 7.84 9.15
CA ASN E 9 -28.25 7.09 10.27
C ASN E 9 -28.26 7.95 11.52
N THR E 10 -29.15 8.94 11.56
CA THR E 10 -29.24 9.82 12.71
C THR E 10 -30.30 9.32 13.67
N ASP E 11 -29.88 9.00 14.89
CA ASP E 11 -30.77 8.49 15.93
C ASP E 11 -32.07 9.30 16.00
N TYR E 12 -33.20 8.61 15.93
CA TYR E 12 -34.53 9.24 15.96
C TYR E 12 -35.47 8.47 16.87
N PRO E 13 -35.65 8.93 18.12
CA PRO E 13 -36.53 8.29 19.11
C PRO E 13 -37.95 8.08 18.60
N GLY E 14 -38.37 8.93 17.68
CA GLY E 14 -39.72 8.82 17.14
C GLY E 14 -40.78 9.25 18.13
N PRO E 15 -42.05 9.32 17.70
CA PRO E 15 -43.15 9.72 18.58
C PRO E 15 -43.54 8.67 19.62
N HIS E 16 -43.35 7.38 19.27
CA HIS E 16 -43.68 6.29 20.17
C HIS E 16 -42.49 5.90 21.02
N SER E 17 -41.40 6.66 20.92
CA SER E 17 -40.18 6.39 21.67
C SER E 17 -39.60 5.03 21.34
N PHE E 18 -39.26 4.85 20.07
CA PHE E 18 -38.67 3.62 19.53
C PHE E 18 -37.25 3.44 20.03
N ASP E 19 -37.02 2.42 20.85
CA ASP E 19 -35.69 2.16 21.39
C ASP E 19 -35.33 0.67 21.35
N VAL E 20 -34.09 0.39 20.97
CA VAL E 20 -33.62 -0.98 20.91
C VAL E 20 -32.71 -1.21 22.10
N SER E 21 -32.21 -2.44 22.24
CA SER E 21 -31.31 -2.80 23.33
C SER E 21 -31.00 -4.30 23.31
N PHE E 22 -30.13 -4.70 24.22
CA PHE E 22 -29.73 -6.10 24.34
C PHE E 22 -29.78 -6.50 25.81
N GLN E 23 -28.79 -7.26 26.25
CA GLN E 23 -28.75 -7.68 27.65
C GLN E 23 -27.46 -8.46 27.93
N GLN E 24 -27.45 -9.19 29.05
CA GLN E 24 -26.30 -9.98 29.45
C GLN E 24 -25.70 -10.81 28.31
N SER E 25 -24.40 -10.64 28.13
CA SER E 25 -23.66 -11.35 27.10
C SER E 25 -22.26 -11.62 27.62
N SER E 26 -22.17 -12.22 28.81
CA SER E 26 -20.90 -12.54 29.44
C SER E 26 -19.95 -13.26 28.50
N THR E 27 -18.65 -13.18 28.80
CA THR E 27 -17.62 -13.81 27.99
C THR E 27 -17.88 -15.29 27.71
N ALA E 28 -18.70 -15.91 28.57
CA ALA E 28 -19.08 -17.32 28.49
C ALA E 28 -18.18 -18.23 27.66
N LYS E 29 -16.86 -18.14 27.87
CA LYS E 29 -15.89 -18.95 27.14
C LYS E 29 -15.88 -18.62 25.65
N SER E 30 -17.07 -18.62 25.04
CA SER E 30 -17.21 -18.32 23.62
C SER E 30 -18.65 -17.99 23.28
N ALA E 31 -19.22 -17.00 23.96
CA ALA E 31 -20.59 -16.60 23.71
C ALA E 31 -20.74 -16.38 22.20
N THR E 32 -21.79 -16.95 21.63
CA THR E 32 -22.03 -16.82 20.20
C THR E 32 -21.98 -15.35 19.77
N TRP E 33 -22.28 -14.44 20.69
CA TRP E 33 -22.25 -13.01 20.41
C TRP E 33 -22.23 -12.17 21.68
N THR E 34 -21.85 -10.89 21.54
CA THR E 34 -21.80 -9.95 22.65
C THR E 34 -21.86 -8.51 22.16
N TYR E 35 -22.39 -7.61 22.99
CA TYR E 35 -22.54 -6.21 22.61
C TYR E 35 -21.91 -5.28 23.63
N SER E 36 -21.31 -4.19 23.16
CA SER E 36 -20.68 -3.23 24.05
C SER E 36 -21.60 -2.03 24.26
N THR E 37 -21.93 -1.76 25.51
CA THR E 37 -22.84 -0.67 25.88
C THR E 37 -22.64 0.66 25.15
N GLU E 38 -21.49 1.29 25.36
CA GLU E 38 -21.20 2.59 24.75
C GLU E 38 -20.87 2.53 23.26
N LEU E 39 -19.92 1.69 22.87
CA LEU E 39 -19.52 1.57 21.48
C LEU E 39 -20.68 1.30 20.53
N LYS E 40 -21.86 1.05 21.08
CA LYS E 40 -23.03 0.76 20.24
C LYS E 40 -22.56 -0.24 19.18
N LYS E 41 -21.56 -1.02 19.55
CA LYS E 41 -21.00 -2.01 18.66
C LYS E 41 -21.38 -3.40 19.13
N LEU E 42 -21.68 -4.26 18.17
CA LEU E 42 -22.06 -5.63 18.44
C LEU E 42 -21.13 -6.56 17.68
N TYR E 43 -20.75 -7.67 18.30
CA TYR E 43 -19.89 -8.63 17.66
C TYR E 43 -20.70 -9.91 17.66
N CYS E 44 -20.47 -10.81 16.70
CA CYS E 44 -21.21 -12.06 16.72
C CYS E 44 -20.87 -12.98 15.58
N GLN E 45 -20.50 -14.22 15.90
CA GLN E 45 -20.13 -15.24 14.92
C GLN E 45 -21.07 -15.22 13.76
N ILE E 46 -20.66 -15.90 12.70
CA ILE E 46 -21.40 -16.01 11.45
C ILE E 46 -22.91 -16.25 11.58
N ALA E 47 -23.39 -17.28 10.90
CA ALA E 47 -24.81 -17.61 10.87
C ALA E 47 -25.54 -17.71 12.20
N LYS E 48 -24.82 -17.84 13.31
CA LYS E 48 -25.48 -17.94 14.61
C LYS E 48 -26.51 -16.84 14.84
N THR E 49 -27.53 -17.19 15.61
CA THR E 49 -28.63 -16.29 15.92
C THR E 49 -28.19 -15.12 16.78
N CYS E 50 -29.10 -14.17 16.96
CA CYS E 50 -28.81 -12.98 17.74
C CYS E 50 -30.11 -12.22 18.03
N PRO E 51 -30.43 -12.00 19.31
CA PRO E 51 -31.62 -11.30 19.77
C PRO E 51 -31.58 -9.82 19.44
N ILE E 52 -32.42 -9.05 20.12
CA ILE E 52 -32.50 -7.62 19.91
C ILE E 52 -33.88 -7.14 20.35
N GLN E 53 -33.95 -6.64 21.58
CA GLN E 53 -35.21 -6.18 22.16
C GLN E 53 -35.65 -4.84 21.60
N ILE E 54 -36.97 -4.65 21.49
CA ILE E 54 -37.53 -3.41 20.94
C ILE E 54 -38.59 -2.77 21.84
N LYS E 55 -38.21 -1.72 22.57
CA LYS E 55 -39.15 -1.01 23.46
C LYS E 55 -39.96 0.07 22.76
N VAL E 56 -41.12 0.39 23.32
CA VAL E 56 -42.00 1.42 22.80
C VAL E 56 -42.89 1.95 23.92
N MET E 57 -43.20 3.24 23.89
CA MET E 57 -44.05 3.85 24.92
C MET E 57 -45.50 3.95 24.48
N THR E 58 -45.71 4.41 23.26
CA THR E 58 -47.06 4.54 22.74
C THR E 58 -47.22 3.60 21.54
N PRO E 59 -48.23 2.71 21.57
CA PRO E 59 -48.49 1.75 20.50
C PRO E 59 -48.46 2.37 19.10
N PRO E 60 -47.83 1.67 18.13
CA PRO E 60 -47.72 2.14 16.75
C PRO E 60 -48.93 1.81 15.88
N PRO E 61 -49.00 2.38 14.67
CA PRO E 61 -50.07 2.17 13.69
C PRO E 61 -50.35 0.72 13.33
N GLN E 62 -50.96 0.52 12.17
CA GLN E 62 -51.32 -0.81 11.70
C GLN E 62 -50.13 -1.49 11.03
N GLY E 63 -49.67 -0.89 9.93
CA GLY E 63 -48.55 -1.44 9.20
C GLY E 63 -47.43 -1.84 10.12
N ALA E 64 -47.13 -0.97 11.07
CA ALA E 64 -46.09 -1.18 12.07
C ALA E 64 -45.14 -2.30 11.65
N VAL E 65 -44.06 -1.92 10.99
CA VAL E 65 -43.06 -2.88 10.53
C VAL E 65 -41.70 -2.47 11.10
N ILE E 66 -40.71 -3.35 10.98
CA ILE E 66 -39.39 -3.03 11.47
C ILE E 66 -38.31 -3.46 10.49
N ARG E 67 -37.93 -2.50 9.66
CA ARG E 67 -36.91 -2.69 8.65
C ARG E 67 -35.52 -2.71 9.30
N ALA E 68 -34.74 -3.71 8.93
CA ALA E 68 -33.39 -3.82 9.44
C ALA E 68 -32.51 -3.69 8.21
N MET E 69 -31.67 -2.68 8.18
CA MET E 69 -30.83 -2.51 7.02
C MET E 69 -29.38 -2.25 7.35
N PRO E 70 -28.49 -2.87 6.58
CA PRO E 70 -27.05 -2.73 6.74
C PRO E 70 -26.55 -1.60 5.86
N VAL E 71 -25.33 -1.14 6.10
CA VAL E 71 -24.72 -0.06 5.32
C VAL E 71 -23.41 0.33 5.96
N TYR E 72 -22.41 0.62 5.13
CA TYR E 72 -21.10 0.97 5.64
C TYR E 72 -21.04 2.21 6.53
N LYS E 73 -20.05 2.21 7.41
CA LYS E 73 -19.83 3.29 8.37
C LYS E 73 -18.94 4.34 7.73
N LYS E 74 -17.87 3.89 7.07
CA LYS E 74 -16.92 4.79 6.40
C LYS E 74 -17.59 5.57 5.25
N ALA E 75 -17.18 6.83 5.08
CA ALA E 75 -17.74 7.69 4.04
C ALA E 75 -17.71 7.13 2.60
N GLU E 76 -16.51 7.03 2.02
CA GLU E 76 -16.33 6.55 0.64
C GLU E 76 -17.02 5.25 0.26
N HIS E 77 -17.68 4.62 1.23
CA HIS E 77 -18.36 3.35 1.00
C HIS E 77 -19.86 3.46 1.14
N VAL E 78 -20.32 4.45 1.89
CA VAL E 78 -21.76 4.65 2.09
C VAL E 78 -22.47 4.58 0.75
N THR E 79 -21.75 4.94 -0.31
CA THR E 79 -22.27 4.93 -1.65
C THR E 79 -22.55 3.52 -2.17
N GLU E 80 -21.80 2.53 -1.68
CA GLU E 80 -21.96 1.15 -2.10
C GLU E 80 -22.89 0.34 -1.19
N VAL E 81 -23.57 -0.64 -1.77
CA VAL E 81 -24.51 -1.49 -1.04
C VAL E 81 -23.84 -2.67 -0.35
N VAL E 82 -24.58 -3.29 0.56
CA VAL E 82 -24.09 -4.43 1.35
C VAL E 82 -24.76 -5.74 0.98
N LYS E 83 -24.01 -6.57 0.27
CA LYS E 83 -24.47 -7.89 -0.16
C LYS E 83 -23.60 -8.98 0.44
N ARG E 84 -24.01 -10.22 0.26
CA ARG E 84 -23.25 -11.35 0.77
C ARG E 84 -22.18 -11.56 -0.29
N CYS E 85 -20.94 -11.84 0.13
CA CYS E 85 -19.90 -12.05 -0.86
C CYS E 85 -20.32 -13.13 -1.84
N PRO E 86 -19.66 -13.25 -2.99
CA PRO E 86 -19.99 -14.25 -4.00
C PRO E 86 -19.95 -15.69 -3.49
N ASN E 87 -18.93 -16.02 -2.72
CA ASN E 87 -18.81 -17.37 -2.18
C ASN E 87 -20.00 -17.80 -1.36
N HIS E 88 -20.24 -17.15 -0.22
CA HIS E 88 -21.35 -17.54 0.63
C HIS E 88 -22.72 -17.49 -0.01
N GLU E 89 -22.85 -16.87 -1.18
CA GLU E 89 -24.15 -16.83 -1.82
C GLU E 89 -24.17 -17.81 -2.98
N LEU E 90 -23.63 -19.00 -2.71
CA LEU E 90 -23.56 -20.08 -3.67
C LEU E 90 -23.17 -21.35 -2.93
N SER E 91 -22.31 -21.24 -1.92
CA SER E 91 -21.86 -22.39 -1.12
C SER E 91 -23.00 -23.34 -0.78
N ARG E 92 -24.22 -22.86 -0.96
CA ARG E 92 -25.40 -23.65 -0.69
C ARG E 92 -25.67 -23.85 0.79
N GLU E 93 -24.61 -23.84 1.61
CA GLU E 93 -24.80 -23.99 3.05
C GLU E 93 -25.48 -22.68 3.44
N PHE E 94 -26.48 -22.77 4.31
CA PHE E 94 -27.24 -21.59 4.75
C PHE E 94 -28.27 -21.20 3.66
N ASN E 95 -28.21 -21.88 2.52
CA ASN E 95 -29.10 -21.59 1.39
C ASN E 95 -30.08 -22.76 1.05
N GLU E 96 -30.58 -23.44 2.09
CA GLU E 96 -31.53 -24.55 1.94
C GLU E 96 -32.88 -23.95 2.25
N GLY E 97 -32.90 -23.09 3.27
CA GLY E 97 -34.11 -22.37 3.65
C GLY E 97 -34.04 -21.22 2.67
N GLN E 98 -34.35 -21.55 1.42
CA GLN E 98 -34.37 -20.64 0.26
C GLN E 98 -35.40 -19.52 0.40
N ILE E 99 -36.00 -19.45 1.59
CA ILE E 99 -37.00 -18.45 1.90
C ILE E 99 -36.32 -17.07 1.83
N ALA E 100 -35.00 -17.06 2.04
CA ALA E 100 -34.21 -15.84 2.02
C ALA E 100 -33.31 -15.78 0.80
N PRO E 101 -33.29 -14.63 0.10
CA PRO E 101 -32.43 -14.50 -1.08
C PRO E 101 -30.99 -14.79 -0.67
N PRO E 102 -30.27 -15.59 -1.46
CA PRO E 102 -28.89 -15.89 -1.11
C PRO E 102 -27.94 -14.68 -1.06
N SER E 103 -28.43 -13.50 -1.40
CA SER E 103 -27.57 -12.31 -1.40
C SER E 103 -27.66 -11.41 -0.16
N HIS E 104 -28.81 -11.37 0.50
CA HIS E 104 -28.98 -10.54 1.69
C HIS E 104 -28.01 -10.88 2.79
N LEU E 105 -27.66 -9.87 3.58
CA LEU E 105 -26.73 -10.10 4.65
C LEU E 105 -27.53 -10.40 5.90
N ILE E 106 -28.57 -9.62 6.12
CA ILE E 106 -29.39 -9.82 7.29
C ILE E 106 -30.62 -10.68 7.07
N ARG E 107 -30.81 -11.63 7.98
CA ARG E 107 -31.94 -12.54 7.97
C ARG E 107 -32.59 -12.56 9.33
N VAL E 108 -33.92 -12.62 9.34
CA VAL E 108 -34.62 -12.71 10.60
C VAL E 108 -35.04 -14.17 10.57
N GLU E 109 -34.98 -14.84 11.72
CA GLU E 109 -35.38 -16.23 11.77
C GLU E 109 -36.47 -16.36 12.81
N GLY E 110 -37.36 -17.32 12.60
CA GLY E 110 -38.43 -17.53 13.54
C GLY E 110 -39.58 -16.55 13.36
N ASN E 111 -39.88 -16.23 12.11
CA ASN E 111 -40.97 -15.31 11.80
C ASN E 111 -41.30 -15.56 10.33
N SER E 112 -42.46 -16.12 10.07
CA SER E 112 -42.87 -16.42 8.72
C SER E 112 -43.33 -15.18 7.95
N HIS E 113 -43.85 -14.20 8.67
CA HIS E 113 -44.33 -12.98 8.06
C HIS E 113 -43.24 -12.11 7.45
N ALA E 114 -42.05 -12.16 8.03
CA ALA E 114 -40.92 -11.39 7.55
C ALA E 114 -40.71 -11.53 6.02
N GLN E 115 -40.53 -10.40 5.34
CA GLN E 115 -40.33 -10.41 3.89
C GLN E 115 -39.08 -9.64 3.50
N TYR E 116 -38.28 -10.28 2.66
CA TYR E 116 -37.03 -9.73 2.18
C TYR E 116 -37.29 -8.83 0.99
N VAL E 117 -36.83 -7.59 1.08
CA VAL E 117 -37.04 -6.65 0.00
C VAL E 117 -35.80 -5.89 -0.44
N GLU E 118 -35.61 -5.83 -1.75
CA GLU E 118 -34.50 -5.12 -2.36
C GLU E 118 -35.11 -3.91 -3.03
N ASP E 119 -34.63 -2.72 -2.65
CA ASP E 119 -35.12 -1.49 -3.24
C ASP E 119 -34.81 -1.61 -4.73
N PRO E 120 -35.78 -1.31 -5.59
CA PRO E 120 -35.54 -1.42 -7.03
C PRO E 120 -34.65 -0.31 -7.55
N ILE E 121 -34.93 0.91 -7.10
CA ILE E 121 -34.20 2.13 -7.51
C ILE E 121 -32.76 2.30 -7.00
N THR E 122 -32.55 2.05 -5.71
CA THR E 122 -31.22 2.19 -5.11
C THR E 122 -30.45 0.88 -4.98
N GLY E 123 -31.15 -0.24 -5.17
CA GLY E 123 -30.51 -1.55 -5.07
C GLY E 123 -30.32 -2.05 -3.65
N ARG E 124 -30.55 -1.16 -2.69
CA ARG E 124 -30.40 -1.50 -1.28
C ARG E 124 -31.33 -2.61 -0.77
N GLN E 125 -30.73 -3.58 -0.10
CA GLN E 125 -31.44 -4.72 0.45
C GLN E 125 -31.83 -4.55 1.91
N SER E 126 -32.99 -5.06 2.28
CA SER E 126 -33.41 -4.94 3.66
C SER E 126 -34.46 -5.98 4.00
N VAL E 127 -34.74 -6.14 5.29
CA VAL E 127 -35.73 -7.11 5.76
C VAL E 127 -36.80 -6.50 6.67
N LEU E 128 -38.05 -6.74 6.31
CA LEU E 128 -39.20 -6.22 7.06
C LEU E 128 -39.82 -7.29 7.92
N VAL E 129 -40.33 -6.90 9.08
CA VAL E 129 -40.99 -7.82 9.98
C VAL E 129 -42.11 -7.07 10.67
N PRO E 130 -43.34 -7.59 10.59
CA PRO E 130 -44.49 -6.93 11.22
C PRO E 130 -44.29 -6.78 12.72
N TYR E 131 -44.58 -5.59 13.23
CA TYR E 131 -44.41 -5.32 14.65
C TYR E 131 -45.48 -6.00 15.50
N GLU E 132 -45.05 -6.89 16.39
CA GLU E 132 -45.95 -7.59 17.28
C GLU E 132 -45.70 -7.04 18.69
N PRO E 133 -46.76 -6.57 19.37
CA PRO E 133 -46.61 -6.02 20.72
C PRO E 133 -45.83 -6.91 21.68
N PRO E 134 -45.26 -6.32 22.73
CA PRO E 134 -44.48 -7.09 23.72
C PRO E 134 -45.24 -8.29 24.28
N GLN E 135 -44.52 -9.20 24.93
CA GLN E 135 -45.13 -10.38 25.53
C GLN E 135 -45.83 -9.97 26.82
N VAL E 136 -47.15 -10.10 26.86
CA VAL E 136 -47.95 -9.73 28.03
C VAL E 136 -47.20 -9.88 29.35
N GLY E 137 -46.67 -8.76 29.85
CA GLY E 137 -45.92 -8.78 31.09
C GLY E 137 -44.51 -8.27 30.88
N THR E 138 -44.11 -8.20 29.61
CA THR E 138 -42.79 -7.72 29.21
C THR E 138 -43.05 -6.40 28.46
N GLU E 139 -41.98 -5.74 28.04
CA GLU E 139 -42.10 -4.51 27.29
C GLU E 139 -41.23 -4.55 26.02
N PHE E 140 -40.33 -5.54 25.97
CA PHE E 140 -39.46 -5.71 24.82
C PHE E 140 -40.08 -6.66 23.82
N THR E 141 -39.70 -6.52 22.55
CA THR E 141 -40.23 -7.35 21.47
C THR E 141 -39.08 -8.00 20.72
N THR E 142 -38.32 -8.84 21.42
CA THR E 142 -37.18 -9.51 20.82
C THR E 142 -37.39 -9.96 19.38
N VAL E 143 -36.34 -9.84 18.58
CA VAL E 143 -36.35 -10.24 17.18
C VAL E 143 -35.08 -10.99 16.88
N LEU E 144 -35.19 -12.10 16.17
CA LEU E 144 -34.03 -12.91 15.86
C LEU E 144 -33.37 -12.62 14.52
N TYR E 145 -32.09 -12.27 14.60
CA TYR E 145 -31.31 -11.93 13.42
C TYR E 145 -30.10 -12.78 13.16
N ASN E 146 -29.86 -13.04 11.88
CA ASN E 146 -28.73 -13.83 11.47
C ASN E 146 -27.91 -13.07 10.48
N PHE E 147 -26.61 -12.96 10.74
CA PHE E 147 -25.75 -12.27 9.79
C PHE E 147 -25.01 -13.32 9.02
N MET E 148 -25.14 -13.27 7.71
CA MET E 148 -24.55 -14.29 6.85
C MET E 148 -23.17 -14.12 6.27
N CYS E 149 -22.42 -13.09 6.63
CA CYS E 149 -21.08 -12.93 6.04
C CYS E 149 -20.10 -12.28 6.98
N ASN E 150 -19.00 -12.97 7.28
CA ASN E 150 -17.99 -12.38 8.16
C ASN E 150 -17.67 -10.97 7.70
N SER E 151 -17.74 -10.01 8.63
CA SER E 151 -17.45 -8.62 8.31
C SER E 151 -15.95 -8.64 8.09
N SER E 152 -15.53 -9.31 7.03
CA SER E 152 -14.12 -9.45 6.68
C SER E 152 -14.02 -10.48 5.57
N CYS E 153 -15.13 -10.67 4.86
CA CYS E 153 -15.20 -11.61 3.77
C CYS E 153 -14.53 -11.01 2.55
N VAL E 154 -13.69 -11.81 1.90
CA VAL E 154 -13.01 -11.36 0.70
C VAL E 154 -14.07 -10.99 -0.35
N GLY E 155 -13.88 -9.87 -1.02
CA GLY E 155 -14.84 -9.47 -2.03
C GLY E 155 -16.24 -9.26 -1.49
N GLY E 156 -16.34 -9.00 -0.19
CA GLY E 156 -17.64 -8.77 0.41
C GLY E 156 -17.66 -7.55 1.30
N MET E 157 -16.87 -7.57 2.34
CA MET E 157 -16.84 -6.43 3.22
C MET E 157 -15.42 -6.03 3.56
N ASN E 158 -14.48 -6.92 3.29
CA ASN E 158 -13.08 -6.64 3.60
C ASN E 158 -12.94 -5.80 4.85
N ARG E 159 -13.24 -6.39 5.99
CA ARG E 159 -13.16 -5.71 7.29
C ARG E 159 -13.64 -4.26 7.30
N ARG E 160 -14.43 -3.87 6.30
CA ARG E 160 -14.91 -2.51 6.21
C ARG E 160 -16.01 -2.22 7.20
N PRO E 161 -15.70 -1.46 8.29
CA PRO E 161 -16.70 -1.14 9.31
C PRO E 161 -18.08 -0.95 8.67
N ILE E 162 -19.06 -1.61 9.27
CA ILE E 162 -20.45 -1.56 8.80
C ILE E 162 -21.40 -1.46 9.97
N LEU E 163 -22.52 -0.79 9.76
CA LEU E 163 -23.49 -0.68 10.84
C LEU E 163 -24.91 -1.01 10.38
N ILE E 164 -25.74 -1.47 11.34
CA ILE E 164 -27.13 -1.86 11.07
C ILE E 164 -28.15 -0.80 11.45
N ILE E 165 -29.09 -0.55 10.56
CA ILE E 165 -30.11 0.46 10.81
C ILE E 165 -31.48 -0.12 11.04
N VAL E 166 -31.80 -0.38 12.31
CA VAL E 166 -33.10 -0.92 12.67
C VAL E 166 -34.05 0.26 12.75
N THR E 167 -35.08 0.23 11.91
CA THR E 167 -36.01 1.33 11.90
C THR E 167 -37.47 0.89 11.96
N LEU E 168 -38.25 1.61 12.75
CA LEU E 168 -39.68 1.31 12.90
C LEU E 168 -40.45 2.14 11.89
N GLU E 169 -40.97 1.47 10.86
CA GLU E 169 -41.71 2.17 9.82
C GLU E 169 -43.20 1.85 9.84
N THR E 170 -43.95 2.68 9.12
CA THR E 170 -45.41 2.56 9.03
C THR E 170 -45.84 1.72 7.84
N ARG E 171 -47.16 1.55 7.68
CA ARG E 171 -47.71 0.79 6.57
C ARG E 171 -47.25 1.33 5.22
N ASP E 172 -47.46 2.63 4.99
CA ASP E 172 -47.06 3.27 3.73
C ASP E 172 -45.56 3.25 3.52
N GLY E 173 -44.81 3.27 4.62
CA GLY E 173 -43.37 3.23 4.53
C GLY E 173 -42.63 4.43 5.06
N GLN E 174 -43.33 5.41 5.62
CA GLN E 174 -42.62 6.58 6.17
C GLN E 174 -42.06 6.15 7.53
N VAL E 175 -40.95 6.77 7.94
CA VAL E 175 -40.34 6.42 9.21
C VAL E 175 -41.18 6.86 10.42
N LEU E 176 -41.03 6.11 11.52
CA LEU E 176 -41.73 6.37 12.78
C LEU E 176 -40.69 6.41 13.89
N GLY E 177 -39.49 5.94 13.56
CA GLY E 177 -38.40 5.91 14.51
C GLY E 177 -37.21 5.16 13.93
N ARG E 178 -36.00 5.48 14.41
CA ARG E 178 -34.81 4.82 13.91
C ARG E 178 -33.70 4.84 14.94
N ARG E 179 -33.01 3.71 15.10
CA ARG E 179 -31.89 3.61 16.03
C ARG E 179 -30.79 2.97 15.22
N CYS E 180 -29.57 2.97 15.74
CA CYS E 180 -28.52 2.37 14.97
C CYS E 180 -27.30 1.97 15.79
N PHE E 181 -26.60 0.95 15.30
CA PHE E 181 -25.39 0.43 15.96
C PHE E 181 -24.43 -0.21 14.96
N GLU E 182 -23.17 -0.31 15.35
CA GLU E 182 -22.15 -0.89 14.49
C GLU E 182 -22.05 -2.36 14.80
N ALA E 183 -21.95 -3.19 13.77
CA ALA E 183 -21.84 -4.63 13.94
C ALA E 183 -20.51 -5.13 13.41
N ARG E 184 -20.06 -6.28 13.91
CA ARG E 184 -18.80 -6.83 13.47
C ARG E 184 -18.88 -8.34 13.49
N ILE E 185 -19.74 -8.90 12.65
CA ILE E 185 -19.88 -10.34 12.61
C ILE E 185 -18.51 -10.94 12.26
N CYS E 186 -17.96 -11.70 13.19
CA CYS E 186 -16.64 -12.28 13.01
C CYS E 186 -16.55 -13.74 13.40
N ALA E 187 -15.43 -14.10 14.03
CA ALA E 187 -15.19 -15.45 14.48
C ALA E 187 -15.30 -15.59 15.99
N CYS E 188 -14.40 -14.92 16.72
CA CYS E 188 -14.41 -15.01 18.18
C CYS E 188 -14.84 -13.68 18.78
N PRO E 189 -16.15 -13.36 18.68
CA PRO E 189 -16.63 -12.09 19.24
C PRO E 189 -16.08 -11.81 20.63
N GLY E 190 -15.62 -12.84 21.31
CA GLY E 190 -15.05 -12.63 22.63
C GLY E 190 -13.79 -11.80 22.45
N ARG E 191 -12.76 -12.44 21.90
CA ARG E 191 -11.47 -11.81 21.66
C ARG E 191 -11.62 -10.44 21.04
N ASP E 192 -12.15 -10.42 19.84
CA ASP E 192 -12.34 -9.18 19.11
C ASP E 192 -13.06 -8.09 19.91
N ARG E 193 -13.58 -8.41 21.09
CA ARG E 193 -14.27 -7.42 21.89
C ARG E 193 -13.36 -6.98 23.01
N LYS E 194 -12.91 -7.93 23.82
CA LYS E 194 -12.00 -7.58 24.91
C LYS E 194 -10.78 -6.97 24.24
N ALA E 195 -10.24 -7.68 23.24
CA ALA E 195 -9.06 -7.22 22.51
C ALA E 195 -9.29 -5.88 21.81
N ASP E 196 -10.56 -5.50 21.65
CA ASP E 196 -10.90 -4.23 21.00
C ASP E 196 -10.92 -3.10 22.03
N GLU E 197 -11.81 -3.20 23.02
CA GLU E 197 -11.91 -2.20 24.07
C GLU E 197 -10.52 -1.95 24.63
N ASP E 198 -9.66 -2.96 24.53
CA ASP E 198 -8.29 -2.88 25.01
C ASP E 198 -7.59 -1.73 24.33
N SER E 199 -7.18 -1.97 23.10
CA SER E 199 -6.46 -0.99 22.29
C SER E 199 -6.53 0.42 22.87
N ILE E 200 -7.75 0.90 23.11
CA ILE E 200 -7.93 2.25 23.66
C ILE E 200 -7.18 2.42 24.98
N ARG E 201 -7.37 1.61 26.04
CA ARG E 201 -6.63 1.83 27.31
C ARG E 201 -5.10 1.86 27.11
N SER F 6 -5.04 -38.36 -15.63
CA SER F 6 -4.30 -37.21 -15.04
C SER F 6 -3.05 -36.73 -15.83
N PRO F 7 -2.83 -35.38 -15.94
CA PRO F 7 -1.64 -34.91 -16.69
C PRO F 7 -0.29 -35.35 -16.09
N SER F 8 0.65 -35.67 -16.96
CA SER F 8 1.97 -36.11 -16.53
C SER F 8 2.75 -34.99 -15.89
N ASN F 9 3.52 -35.32 -14.85
CA ASN F 9 4.33 -34.33 -14.14
C ASN F 9 5.76 -34.85 -14.00
N THR F 10 6.16 -35.75 -14.90
CA THR F 10 7.49 -36.32 -14.85
C THR F 10 8.42 -35.54 -15.76
N ASP F 11 9.45 -34.94 -15.17
CA ASP F 11 10.41 -34.15 -15.94
C ASP F 11 10.85 -34.86 -17.23
N TYR F 12 10.74 -34.16 -18.36
CA TYR F 12 11.09 -34.70 -19.67
C TYR F 12 11.89 -33.68 -20.49
N PRO F 13 13.23 -33.80 -20.51
CA PRO F 13 14.11 -32.90 -21.25
C PRO F 13 13.75 -32.77 -22.72
N GLY F 14 13.13 -33.80 -23.27
CA GLY F 14 12.75 -33.77 -24.66
C GLY F 14 13.92 -33.88 -25.60
N PRO F 15 13.67 -34.00 -26.92
CA PRO F 15 14.76 -34.11 -27.90
C PRO F 15 15.53 -32.81 -28.14
N HIS F 16 14.84 -31.68 -27.98
CA HIS F 16 15.47 -30.38 -28.18
C HIS F 16 16.05 -29.82 -26.89
N SER F 17 16.02 -30.64 -25.84
CA SER F 17 16.53 -30.25 -24.53
C SER F 17 15.78 -29.04 -23.97
N PHE F 18 14.47 -29.21 -23.79
CA PHE F 18 13.59 -28.18 -23.27
C PHE F 18 13.84 -27.94 -21.79
N ASP F 19 14.34 -26.75 -21.44
CA ASP F 19 14.64 -26.42 -20.05
C ASP F 19 14.17 -25.01 -19.67
N VAL F 20 13.59 -24.90 -18.50
CA VAL F 20 13.12 -23.61 -18.01
C VAL F 20 14.09 -23.12 -16.96
N SER F 21 13.84 -21.92 -16.44
CA SER F 21 14.68 -21.33 -15.40
C SER F 21 14.25 -19.91 -15.08
N PHE F 22 14.92 -19.33 -14.09
CA PHE F 22 14.63 -17.96 -13.67
C PHE F 22 15.94 -17.19 -13.53
N GLN F 23 16.05 -16.39 -12.48
CA GLN F 23 17.27 -15.63 -12.26
C GLN F 23 17.19 -14.85 -10.94
N GLN F 24 18.08 -13.88 -10.78
CA GLN F 24 18.13 -13.06 -9.57
C GLN F 24 16.76 -12.58 -9.11
N SER F 25 16.47 -12.84 -7.84
CA SER F 25 15.21 -12.47 -7.23
C SER F 25 15.49 -12.13 -5.77
N SER F 26 16.46 -11.25 -5.54
CA SER F 26 16.83 -10.84 -4.18
C SER F 26 15.63 -10.43 -3.34
N THR F 27 15.78 -10.49 -2.02
CA THR F 27 14.71 -10.13 -1.10
C THR F 27 14.10 -8.74 -1.37
N ALA F 28 14.87 -7.90 -2.06
CA ALA F 28 14.47 -6.53 -2.44
C ALA F 28 13.33 -5.89 -1.63
N LYS F 29 13.40 -6.01 -0.30
CA LYS F 29 12.38 -5.44 0.57
C LYS F 29 11.03 -6.14 0.39
N SER F 30 10.59 -6.23 -0.85
CA SER F 30 9.31 -6.88 -1.18
C SER F 30 9.24 -7.22 -2.67
N ALA F 31 10.22 -7.98 -3.16
CA ALA F 31 10.24 -8.38 -4.56
C ALA F 31 8.88 -8.97 -4.89
N THR F 32 8.30 -8.51 -5.99
CA THR F 32 6.99 -8.98 -6.41
C THR F 32 6.95 -10.52 -6.44
N TRP F 33 8.11 -11.15 -6.64
CA TRP F 33 8.19 -12.61 -6.68
C TRP F 33 9.64 -13.10 -6.49
N THR F 34 9.77 -14.38 -6.15
CA THR F 34 11.08 -15.02 -5.97
C THR F 34 10.97 -16.53 -6.10
N TYR F 35 12.07 -17.15 -6.54
CA TYR F 35 12.09 -18.60 -6.75
C TYR F 35 13.23 -19.28 -6.00
N SER F 36 12.98 -20.48 -5.48
CA SER F 36 14.02 -21.21 -4.76
C SER F 36 14.62 -22.27 -5.66
N THR F 37 15.93 -22.21 -5.84
CA THR F 37 16.67 -23.12 -6.70
C THR F 37 16.30 -24.60 -6.62
N GLU F 38 16.51 -25.21 -5.45
CA GLU F 38 16.23 -26.62 -5.26
C GLU F 38 14.75 -26.97 -5.12
N LEU F 39 14.05 -26.28 -4.22
CA LEU F 39 12.64 -26.53 -4.00
C LEU F 39 11.80 -26.48 -5.26
N LYS F 40 12.39 -26.03 -6.37
CA LYS F 40 11.67 -25.92 -7.62
C LYS F 40 10.33 -25.25 -7.28
N LYS F 41 10.37 -24.44 -6.22
CA LYS F 41 9.19 -23.73 -5.77
C LYS F 41 9.33 -22.25 -6.06
N LEU F 42 8.23 -21.65 -6.48
CA LEU F 42 8.18 -20.24 -6.81
C LEU F 42 7.10 -19.58 -5.96
N TYR F 43 7.37 -18.37 -5.50
CA TYR F 43 6.40 -17.62 -4.71
C TYR F 43 6.18 -16.36 -5.50
N CYS F 44 5.00 -15.75 -5.39
CA CYS F 44 4.78 -14.51 -6.11
C CYS F 44 3.39 -13.93 -5.91
N GLN F 45 3.36 -12.66 -5.49
CA GLN F 45 2.11 -11.93 -5.23
C GLN F 45 1.12 -12.21 -6.30
N ILE F 46 -0.13 -11.83 -6.02
CA ILE F 46 -1.26 -12.00 -6.90
C ILE F 46 -1.03 -11.68 -8.39
N ALA F 47 -1.89 -10.85 -8.96
CA ALA F 47 -1.83 -10.46 -10.35
C ALA F 47 -0.48 -9.99 -10.92
N LYS F 48 0.45 -9.63 -10.06
CA LYS F 48 1.76 -9.16 -10.54
C LYS F 48 2.36 -10.11 -11.54
N THR F 49 3.14 -9.54 -12.45
CA THR F 49 3.81 -10.28 -13.51
C THR F 49 4.89 -11.22 -12.99
N CYS F 50 5.42 -12.06 -13.87
CA CYS F 50 6.44 -13.02 -13.49
C CYS F 50 7.05 -13.62 -14.75
N PRO F 51 8.38 -13.50 -14.92
CA PRO F 51 9.14 -14.01 -16.06
C PRO F 51 9.20 -15.52 -16.08
N ILE F 52 10.16 -16.06 -16.82
CA ILE F 52 10.33 -17.49 -16.95
C ILE F 52 11.04 -17.78 -18.26
N GLN F 53 12.36 -17.95 -18.19
CA GLN F 53 13.17 -18.18 -19.38
C GLN F 53 13.04 -19.60 -19.92
N ILE F 54 13.13 -19.75 -21.23
CA ILE F 54 13.00 -21.06 -21.86
C ILE F 54 14.15 -21.41 -22.80
N LYS F 55 15.06 -22.26 -22.36
CA LYS F 55 16.22 -22.67 -23.18
C LYS F 55 15.94 -23.87 -24.08
N VAL F 56 16.68 -23.98 -25.17
CA VAL F 56 16.54 -25.08 -26.12
C VAL F 56 17.86 -25.25 -26.87
N MET F 57 18.20 -26.50 -27.19
CA MET F 57 19.44 -26.79 -27.91
C MET F 57 19.22 -26.93 -29.42
N THR F 58 18.20 -27.69 -29.79
CA THR F 58 17.88 -27.87 -31.20
C THR F 58 16.51 -27.26 -31.48
N PRO F 59 16.44 -26.34 -32.47
CA PRO F 59 15.19 -25.68 -32.85
C PRO F 59 14.00 -26.64 -33.01
N PRO F 60 12.83 -26.24 -32.50
CA PRO F 60 11.60 -27.05 -32.58
C PRO F 60 10.84 -26.89 -33.89
N PRO F 61 9.82 -27.74 -34.10
CA PRO F 61 8.96 -27.75 -35.29
C PRO F 61 8.27 -26.42 -35.60
N GLN F 62 7.18 -26.50 -36.35
CA GLN F 62 6.43 -25.31 -36.74
C GLN F 62 5.48 -24.89 -35.64
N GLY F 63 4.52 -25.76 -35.35
CA GLY F 63 3.54 -25.46 -34.31
C GLY F 63 4.19 -24.88 -33.07
N ALA F 64 5.31 -25.50 -32.67
CA ALA F 64 6.07 -25.08 -31.50
C ALA F 64 5.27 -24.14 -30.61
N VAL F 65 4.60 -24.73 -29.62
CA VAL F 65 3.80 -23.95 -28.68
C VAL F 65 4.29 -24.27 -27.26
N ILE F 66 3.83 -23.50 -26.29
CA ILE F 66 4.22 -23.76 -24.91
C ILE F 66 3.04 -23.65 -23.95
N ARG F 67 2.44 -24.80 -23.70
CA ARG F 67 1.31 -24.91 -22.80
C ARG F 67 1.76 -24.77 -21.37
N ALA F 68 1.05 -23.94 -20.62
CA ALA F 68 1.35 -23.76 -19.21
C ALA F 68 0.11 -24.23 -18.50
N MET F 69 0.24 -25.25 -17.68
CA MET F 69 -0.93 -25.77 -16.98
C MET F 69 -0.72 -26.01 -15.51
N PRO F 70 -1.72 -25.64 -14.72
CA PRO F 70 -1.70 -25.79 -13.27
C PRO F 70 -2.32 -27.13 -12.90
N VAL F 71 -2.11 -27.56 -11.67
CA VAL F 71 -2.66 -28.82 -11.17
C VAL F 71 -2.11 -29.11 -9.80
N TYR F 72 -2.95 -29.65 -8.93
CA TYR F 72 -2.53 -29.93 -7.57
C TYR F 72 -1.35 -30.88 -7.41
N LYS F 73 -0.63 -30.70 -6.30
CA LYS F 73 0.54 -31.50 -5.97
C LYS F 73 0.09 -32.71 -5.18
N LYS F 74 -0.79 -32.50 -4.21
CA LYS F 74 -1.32 -33.58 -3.37
C LYS F 74 -2.13 -34.60 -4.17
N ALA F 75 -2.03 -35.88 -3.81
CA ALA F 75 -2.74 -36.95 -4.51
C ALA F 75 -4.26 -36.78 -4.65
N GLU F 76 -4.99 -36.89 -3.53
CA GLU F 76 -6.45 -36.78 -3.52
C GLU F 76 -7.08 -35.58 -4.24
N HIS F 77 -6.23 -34.70 -4.77
CA HIS F 77 -6.69 -33.50 -5.45
C HIS F 77 -6.36 -33.50 -6.94
N VAL F 78 -5.33 -34.26 -7.32
CA VAL F 78 -4.91 -34.33 -8.73
C VAL F 78 -6.12 -34.57 -9.60
N THR F 79 -7.13 -35.21 -9.01
CA THR F 79 -8.37 -35.52 -9.69
C THR F 79 -9.19 -34.29 -10.01
N GLU F 80 -9.06 -33.23 -9.19
CA GLU F 80 -9.79 -31.98 -9.40
C GLU F 80 -9.02 -30.94 -10.20
N VAL F 81 -9.76 -30.10 -10.92
CA VAL F 81 -9.16 -29.05 -11.75
C VAL F 81 -8.86 -27.78 -10.98
N VAL F 82 -8.06 -26.91 -11.60
CA VAL F 82 -7.66 -25.65 -10.99
C VAL F 82 -8.28 -24.44 -11.68
N LYS F 83 -9.27 -23.84 -11.02
CA LYS F 83 -9.97 -22.67 -11.51
C LYS F 83 -9.78 -21.49 -10.57
N ARG F 84 -10.22 -20.31 -11.00
CA ARG F 84 -10.10 -19.14 -10.15
C ARG F 84 -11.29 -19.25 -9.22
N CYS F 85 -11.11 -18.91 -7.95
CA CYS F 85 -12.23 -19.01 -7.03
C CYS F 85 -13.40 -18.19 -7.57
N PRO F 86 -14.62 -18.40 -7.04
CA PRO F 86 -15.81 -17.66 -7.48
C PRO F 86 -15.69 -16.16 -7.37
N ASN F 87 -15.16 -15.69 -6.24
CA ASN F 87 -15.00 -14.26 -6.06
C ASN F 87 -14.18 -13.57 -7.12
N HIS F 88 -12.89 -13.90 -7.22
CA HIS F 88 -12.04 -13.27 -8.22
C HIS F 88 -12.48 -13.41 -9.65
N GLU F 89 -13.43 -14.30 -9.93
CA GLU F 89 -13.88 -14.44 -11.30
C GLU F 89 -15.23 -13.78 -11.45
N LEU F 90 -15.34 -12.60 -10.88
CA LEU F 90 -16.55 -11.81 -10.91
C LEU F 90 -16.21 -10.41 -10.43
N SER F 91 -15.31 -10.31 -9.44
CA SER F 91 -14.90 -9.01 -8.88
C SER F 91 -14.69 -7.94 -9.95
N ARG F 92 -14.60 -8.40 -11.20
CA ARG F 92 -14.40 -7.52 -12.33
C ARG F 92 -12.99 -6.94 -12.40
N GLU F 93 -12.33 -6.79 -11.25
CA GLU F 93 -10.96 -6.27 -11.26
C GLU F 93 -10.18 -7.41 -11.91
N PHE F 94 -9.25 -7.06 -12.78
CA PHE F 94 -8.45 -8.05 -13.49
C PHE F 94 -9.27 -8.66 -14.64
N ASN F 95 -10.54 -8.29 -14.71
CA ASN F 95 -11.43 -8.82 -15.76
C ASN F 95 -11.94 -7.73 -16.76
N GLU F 96 -11.05 -6.79 -17.11
CA GLU F 96 -11.35 -5.71 -18.05
C GLU F 96 -10.76 -6.18 -19.38
N GLY F 97 -9.55 -6.72 -19.28
CA GLY F 97 -8.87 -7.25 -20.42
C GLY F 97 -9.52 -8.62 -20.51
N GLN F 98 -10.77 -8.60 -20.96
CA GLN F 98 -11.65 -9.78 -21.14
C GLN F 98 -11.11 -10.78 -22.16
N ILE F 99 -9.88 -10.52 -22.61
CA ILE F 99 -9.19 -11.38 -23.56
C ILE F 99 -8.98 -12.76 -22.92
N ALA F 100 -8.93 -12.79 -21.59
CA ALA F 100 -8.74 -14.00 -20.82
C ALA F 100 -10.01 -14.40 -20.09
N PRO F 101 -10.38 -15.69 -20.16
CA PRO F 101 -11.59 -16.15 -19.46
C PRO F 101 -11.44 -15.84 -17.98
N PRO F 102 -12.49 -15.29 -17.34
CA PRO F 102 -12.39 -14.98 -15.92
C PRO F 102 -12.16 -16.17 -15.00
N SER F 103 -12.11 -17.38 -15.54
CA SER F 103 -11.91 -18.56 -14.71
C SER F 103 -10.48 -19.10 -14.65
N HIS F 104 -9.71 -18.93 -15.71
CA HIS F 104 -8.33 -19.43 -15.73
C HIS F 104 -7.47 -18.87 -14.62
N LEU F 105 -6.50 -19.65 -14.18
CA LEU F 105 -5.63 -19.20 -13.13
C LEU F 105 -4.43 -18.56 -13.76
N ILE F 106 -3.89 -19.22 -14.77
CA ILE F 106 -2.71 -18.69 -15.44
C ILE F 106 -3.00 -17.86 -16.67
N ARG F 107 -2.33 -16.71 -16.74
CA ARG F 107 -2.46 -15.79 -17.85
C ARG F 107 -1.07 -15.40 -18.33
N VAL F 108 -0.92 -15.27 -19.63
CA VAL F 108 0.34 -14.83 -20.17
C VAL F 108 0.00 -13.41 -20.59
N GLU F 109 0.92 -12.48 -20.36
CA GLU F 109 0.66 -11.10 -20.73
C GLU F 109 1.75 -10.67 -21.68
N GLY F 110 1.41 -9.74 -22.57
CA GLY F 110 2.38 -9.26 -23.52
C GLY F 110 2.60 -10.20 -24.69
N ASN F 111 1.52 -10.82 -25.14
CA ASN F 111 1.58 -11.73 -26.28
C ASN F 111 0.15 -11.86 -26.79
N SER F 112 -0.11 -11.33 -27.98
CA SER F 112 -1.45 -11.36 -28.55
C SER F 112 -1.80 -12.73 -29.11
N HIS F 113 -0.80 -13.47 -29.56
CA HIS F 113 -1.02 -14.79 -30.13
C HIS F 113 -1.51 -15.83 -29.14
N ALA F 114 -1.11 -15.69 -27.88
CA ALA F 114 -1.51 -16.61 -26.83
C ALA F 114 -3.01 -16.86 -26.82
N GLN F 115 -3.39 -18.14 -26.75
CA GLN F 115 -4.81 -18.51 -26.72
C GLN F 115 -5.15 -19.42 -25.53
N TYR F 116 -6.21 -19.03 -24.82
CA TYR F 116 -6.67 -19.74 -23.66
C TYR F 116 -7.56 -20.89 -24.08
N VAL F 117 -7.22 -22.08 -23.62
CA VAL F 117 -7.99 -23.27 -23.99
C VAL F 117 -8.37 -24.16 -22.82
N GLU F 118 -9.63 -24.55 -22.82
CA GLU F 118 -10.16 -25.45 -21.80
C GLU F 118 -10.42 -26.76 -22.50
N ASP F 119 -9.80 -27.83 -21.99
CA ASP F 119 -9.99 -29.15 -22.57
C ASP F 119 -11.49 -29.42 -22.44
N PRO F 120 -12.12 -29.89 -23.51
CA PRO F 120 -13.57 -30.16 -23.45
C PRO F 120 -13.90 -31.41 -22.65
N ILE F 121 -13.11 -32.46 -22.87
CA ILE F 121 -13.30 -33.76 -22.23
C ILE F 121 -12.92 -33.86 -20.74
N THR F 122 -11.77 -33.31 -20.36
CA THR F 122 -11.31 -33.37 -18.97
C THR F 122 -11.63 -32.10 -18.17
N GLY F 123 -12.00 -31.02 -18.87
CA GLY F 123 -12.32 -29.76 -18.21
C GLY F 123 -11.11 -28.92 -17.84
N ARG F 124 -9.92 -29.52 -17.95
CA ARG F 124 -8.67 -28.85 -17.63
C ARG F 124 -8.36 -27.61 -18.47
N GLN F 125 -8.03 -26.53 -17.77
CA GLN F 125 -7.72 -25.25 -18.40
C GLN F 125 -6.23 -25.03 -18.60
N SER F 126 -5.86 -24.42 -19.71
CA SER F 126 -4.47 -24.16 -19.96
C SER F 126 -4.28 -23.01 -20.94
N VAL F 127 -3.05 -22.52 -21.05
CA VAL F 127 -2.74 -21.43 -21.96
C VAL F 127 -1.57 -21.75 -22.92
N LEU F 128 -1.82 -21.55 -24.20
CA LEU F 128 -0.83 -21.79 -25.24
C LEU F 128 -0.22 -20.51 -25.74
N VAL F 129 1.06 -20.58 -26.11
CA VAL F 129 1.75 -19.42 -26.63
C VAL F 129 2.73 -19.92 -27.66
N PRO F 130 2.68 -19.39 -28.88
CA PRO F 130 3.59 -19.81 -29.96
C PRO F 130 5.06 -19.59 -29.57
N TYR F 131 5.88 -20.60 -29.81
CA TYR F 131 7.29 -20.51 -29.47
C TYR F 131 8.05 -19.60 -30.41
N GLU F 132 8.63 -18.53 -29.85
CA GLU F 132 9.42 -17.58 -30.64
C GLU F 132 10.87 -17.78 -30.22
N PRO F 133 11.78 -18.00 -31.18
CA PRO F 133 13.20 -18.20 -30.87
C PRO F 133 13.80 -17.13 -29.97
N PRO F 134 14.89 -17.46 -29.27
CA PRO F 134 15.54 -16.51 -28.37
C PRO F 134 15.86 -15.17 -29.04
N GLN F 135 16.16 -14.16 -28.23
CA GLN F 135 16.51 -12.84 -28.74
C GLN F 135 17.94 -12.88 -29.27
N VAL F 136 18.09 -12.68 -30.58
CA VAL F 136 19.41 -12.71 -31.23
C VAL F 136 20.55 -12.27 -30.31
N GLY F 137 21.25 -13.24 -29.73
CA GLY F 137 22.34 -12.93 -28.83
C GLY F 137 22.10 -13.55 -27.46
N THR F 138 20.85 -13.95 -27.23
CA THR F 138 20.44 -14.59 -25.98
C THR F 138 20.09 -16.02 -26.34
N GLU F 139 19.73 -16.82 -25.34
CA GLU F 139 19.35 -18.20 -25.57
C GLU F 139 18.02 -18.51 -24.88
N PHE F 140 17.61 -17.61 -23.99
CA PHE F 140 16.36 -17.79 -23.25
C PHE F 140 15.22 -17.10 -24.00
N THR F 141 14.00 -17.58 -23.78
CA THR F 141 12.82 -17.03 -24.43
C THR F 141 11.79 -16.63 -23.36
N THR F 142 12.15 -15.67 -22.53
CA THR F 142 11.25 -15.22 -21.47
C THR F 142 9.78 -15.13 -21.85
N VAL F 143 8.93 -15.50 -20.91
CA VAL F 143 7.49 -15.47 -21.10
C VAL F 143 6.86 -14.88 -19.85
N LEU F 144 5.90 -14.00 -20.04
CA LEU F 144 5.26 -13.34 -18.92
C LEU F 144 3.98 -13.98 -18.44
N TYR F 145 3.98 -14.36 -17.17
CA TYR F 145 2.85 -15.02 -16.56
C TYR F 145 2.23 -14.31 -15.38
N ASN F 146 0.91 -14.40 -15.29
CA ASN F 146 0.19 -13.77 -14.20
C ASN F 146 -0.65 -14.80 -13.52
N PHE F 147 -0.54 -14.90 -12.21
CA PHE F 147 -1.36 -15.86 -11.49
C PHE F 147 -2.48 -15.06 -10.84
N MET F 148 -3.72 -15.45 -11.13
CA MET F 148 -4.87 -14.70 -10.64
C MET F 148 -5.55 -15.08 -9.34
N CYS F 149 -5.01 -16.00 -8.56
CA CYS F 149 -5.69 -16.36 -7.32
C CYS F 149 -4.76 -16.79 -6.23
N ASN F 150 -4.76 -16.09 -5.10
CA ASN F 150 -3.90 -16.50 -4.00
C ASN F 150 -4.01 -17.99 -3.75
N SER F 151 -2.88 -18.68 -3.73
CA SER F 151 -2.86 -20.12 -3.48
C SER F 151 -3.25 -20.23 -2.02
N SER F 152 -4.50 -19.88 -1.72
CA SER F 152 -5.04 -19.89 -0.37
C SER F 152 -6.37 -19.16 -0.41
N CYS F 153 -6.97 -19.13 -1.59
CA CYS F 153 -8.25 -18.47 -1.78
C CYS F 153 -9.33 -19.39 -1.28
N VAL F 154 -10.27 -18.81 -0.52
CA VAL F 154 -11.39 -19.58 -0.01
C VAL F 154 -12.18 -20.15 -1.18
N GLY F 155 -12.55 -21.42 -1.10
CA GLY F 155 -13.30 -22.06 -2.18
C GLY F 155 -12.56 -22.05 -3.51
N GLY F 156 -11.24 -21.97 -3.46
CA GLY F 156 -10.45 -21.96 -4.68
C GLY F 156 -9.29 -22.92 -4.61
N MET F 157 -8.38 -22.67 -3.68
CA MET F 157 -7.25 -23.55 -3.55
C MET F 157 -6.99 -23.91 -2.11
N ASN F 158 -7.60 -23.17 -1.19
CA ASN F 158 -7.40 -23.43 0.23
C ASN F 158 -5.99 -23.93 0.52
N ARG F 159 -5.01 -23.04 0.37
CA ARG F 159 -3.60 -23.37 0.61
C ARG F 159 -3.16 -24.76 0.13
N ARG F 160 -3.94 -25.38 -0.77
CA ARG F 160 -3.59 -26.70 -1.30
C ARG F 160 -2.44 -26.66 -2.27
N PRO F 161 -1.26 -27.13 -1.84
CA PRO F 161 -0.08 -27.15 -2.70
C PRO F 161 -0.47 -27.41 -4.15
N ILE F 162 0.05 -26.58 -5.05
CA ILE F 162 -0.24 -26.70 -6.48
C ILE F 162 1.03 -26.46 -7.28
N LEU F 163 1.15 -27.10 -8.43
CA LEU F 163 2.32 -26.90 -9.26
C LEU F 163 1.97 -26.62 -10.72
N ILE F 164 2.87 -25.92 -11.41
CA ILE F 164 2.69 -25.54 -12.81
C ILE F 164 3.44 -26.41 -13.79
N ILE F 165 2.77 -26.85 -14.84
CA ILE F 165 3.38 -27.71 -15.84
C ILE F 165 3.63 -27.02 -17.17
N VAL F 166 4.82 -26.44 -17.31
CA VAL F 166 5.16 -25.77 -18.54
C VAL F 166 5.65 -26.84 -19.49
N THR F 167 4.97 -26.98 -20.61
CA THR F 167 5.35 -28.01 -21.56
C THR F 167 5.47 -27.50 -22.99
N LEU F 168 6.51 -27.97 -23.67
CA LEU F 168 6.74 -27.59 -25.07
C LEU F 168 6.07 -28.62 -25.98
N GLU F 169 4.98 -28.20 -26.62
CA GLU F 169 4.25 -29.09 -27.49
C GLU F 169 4.37 -28.72 -28.95
N THR F 170 3.97 -29.66 -29.81
CA THR F 170 4.03 -29.50 -31.25
C THR F 170 2.72 -28.97 -31.83
N ARG F 171 2.68 -28.80 -33.14
CA ARG F 171 1.50 -28.32 -33.83
C ARG F 171 0.29 -29.20 -33.55
N ASP F 172 0.43 -30.50 -33.81
CA ASP F 172 -0.66 -31.46 -33.58
C ASP F 172 -1.04 -31.55 -32.11
N GLY F 173 -0.08 -31.32 -31.23
CA GLY F 173 -0.35 -31.38 -29.81
C GLY F 173 0.39 -32.44 -29.02
N GLN F 174 1.25 -33.22 -29.65
CA GLN F 174 1.99 -34.23 -28.89
C GLN F 174 3.12 -33.51 -28.17
N VAL F 175 3.54 -34.04 -27.03
CA VAL F 175 4.59 -33.41 -26.26
C VAL F 175 5.97 -33.48 -26.94
N LEU F 176 6.81 -32.49 -26.64
CA LEU F 176 8.17 -32.40 -27.18
C LEU F 176 9.11 -32.22 -26.01
N GLY F 177 8.54 -31.89 -24.86
CA GLY F 177 9.31 -31.66 -23.65
C GLY F 177 8.43 -31.15 -22.54
N ARG F 178 8.83 -31.38 -21.29
CA ARG F 178 8.03 -30.93 -20.16
C ARG F 178 8.89 -30.74 -18.92
N ARG F 179 8.66 -29.64 -18.20
CA ARG F 179 9.40 -29.36 -16.97
C ARG F 179 8.34 -28.98 -15.98
N CYS F 180 8.69 -28.91 -14.71
CA CYS F 180 7.67 -28.57 -13.75
C CYS F 180 8.21 -28.03 -12.44
N PHE F 181 7.40 -27.20 -11.78
CA PHE F 181 7.76 -26.58 -10.51
C PHE F 181 6.52 -26.27 -9.66
N GLU F 182 6.71 -26.12 -8.36
CA GLU F 182 5.62 -25.82 -7.46
C GLU F 182 5.53 -24.32 -7.29
N ALA F 183 4.31 -23.80 -7.32
CA ALA F 183 4.09 -22.36 -7.17
C ALA F 183 3.29 -22.07 -5.91
N ARG F 184 3.44 -20.86 -5.38
CA ARG F 184 2.72 -20.47 -4.18
C ARG F 184 2.36 -19.01 -4.24
N ILE F 185 1.51 -18.65 -5.20
CA ILE F 185 1.11 -17.26 -5.33
C ILE F 185 0.47 -16.83 -4.02
N CYS F 186 1.12 -15.88 -3.34
CA CYS F 186 0.64 -15.42 -2.05
C CYS F 186 0.63 -13.91 -1.90
N ALA F 187 0.99 -13.47 -0.70
CA ALA F 187 1.04 -12.05 -0.38
C ALA F 187 2.47 -11.53 -0.28
N CYS F 188 3.23 -12.02 0.69
CA CYS F 188 4.62 -11.58 0.86
C CYS F 188 5.58 -12.69 0.48
N PRO F 189 5.74 -12.97 -0.81
CA PRO F 189 6.64 -14.03 -1.24
C PRO F 189 7.98 -13.97 -0.54
N GLY F 190 8.31 -12.81 0.01
CA GLY F 190 9.56 -12.73 0.74
C GLY F 190 9.45 -13.61 1.98
N ARG F 191 8.65 -13.18 2.95
CA ARG F 191 8.43 -13.92 4.19
C ARG F 191 8.20 -15.39 3.94
N ASP F 192 7.10 -15.71 3.26
CA ASP F 192 6.74 -17.08 2.95
C ASP F 192 7.88 -17.91 2.34
N ARG F 193 8.98 -17.27 1.97
CA ARG F 193 10.11 -18.01 1.38
C ARG F 193 11.19 -18.18 2.42
N LYS F 194 11.67 -17.08 2.98
CA LYS F 194 12.68 -17.17 4.01
C LYS F 194 12.05 -17.98 5.13
N ALA F 195 10.85 -17.58 5.55
CA ALA F 195 10.11 -18.26 6.62
C ALA F 195 9.82 -19.71 6.28
N ASP F 196 9.91 -20.06 5.00
CA ASP F 196 9.66 -21.44 4.58
C ASP F 196 10.95 -22.26 4.66
N GLU F 197 11.97 -21.86 3.91
CA GLU F 197 13.24 -22.58 3.93
C GLU F 197 13.69 -22.75 5.36
N ASP F 198 13.23 -21.83 6.21
CA ASP F 198 13.54 -21.86 7.64
C ASP F 198 13.13 -23.19 8.24
N SER F 199 11.82 -23.33 8.48
CA SER F 199 11.22 -24.52 9.07
C SER F 199 12.13 -25.72 9.05
N ILE F 200 12.65 -26.07 7.88
CA ILE F 200 13.54 -27.23 7.74
C ILE F 200 14.75 -27.10 8.66
N SER G 8 -22.88 -14.62 54.55
CA SER G 8 -21.51 -14.51 55.02
C SER G 8 -20.82 -15.86 55.01
N ASN G 9 -19.54 -15.82 54.63
CA ASN G 9 -18.73 -17.03 54.59
C ASN G 9 -17.43 -16.83 55.36
N THR G 10 -17.45 -15.90 56.30
CA THR G 10 -16.27 -15.62 57.10
C THR G 10 -16.32 -16.42 58.40
N ASP G 11 -15.34 -17.29 58.59
CA ASP G 11 -15.27 -18.13 59.79
C ASP G 11 -15.53 -17.33 61.07
N TYR G 12 -16.48 -17.82 61.87
CA TYR G 12 -16.86 -17.15 63.12
C TYR G 12 -17.01 -18.17 64.26
N PRO G 13 -15.98 -18.30 65.10
CA PRO G 13 -15.98 -19.23 66.24
C PRO G 13 -17.17 -19.07 67.16
N GLY G 14 -17.72 -17.86 67.20
CA GLY G 14 -18.87 -17.61 68.05
C GLY G 14 -18.51 -17.58 69.52
N PRO G 15 -19.45 -17.22 70.39
CA PRO G 15 -19.21 -17.16 71.84
C PRO G 15 -19.10 -18.54 72.50
N HIS G 16 -19.80 -19.53 71.96
CA HIS G 16 -19.78 -20.89 72.50
C HIS G 16 -18.68 -21.73 71.85
N SER G 17 -17.87 -21.10 71.01
CA SER G 17 -16.78 -21.78 70.30
C SER G 17 -17.31 -22.89 69.40
N PHE G 18 -18.14 -22.49 68.44
CA PHE G 18 -18.76 -23.40 67.48
C PHE G 18 -17.74 -23.91 66.48
N ASP G 19 -17.45 -25.21 66.52
CA ASP G 19 -16.47 -25.80 65.62
C ASP G 19 -16.94 -27.14 65.04
N VAL G 20 -16.70 -27.32 63.74
CA VAL G 20 -17.09 -28.54 63.08
C VAL G 20 -15.83 -29.37 62.86
N SER G 21 -16.00 -30.57 62.29
CA SER G 21 -14.89 -31.46 62.01
C SER G 21 -15.37 -32.80 61.48
N PHE G 22 -14.42 -33.65 61.13
CA PHE G 22 -14.72 -34.97 60.61
C PHE G 22 -13.84 -35.99 61.33
N GLN G 23 -13.31 -36.95 60.57
CA GLN G 23 -12.44 -37.97 61.14
C GLN G 23 -11.88 -38.90 60.07
N GLN G 24 -11.37 -40.05 60.50
CA GLN G 24 -10.81 -41.03 59.58
C GLN G 24 -11.69 -41.30 58.36
N SER G 25 -11.08 -41.19 57.20
CA SER G 25 -11.76 -41.40 55.94
C SER G 25 -10.75 -42.01 54.96
N LYS G 29 -10.55 -48.37 49.38
CA LYS G 29 -10.94 -48.85 48.05
C LYS G 29 -11.88 -47.89 47.36
N SER G 30 -12.95 -47.52 48.05
CA SER G 30 -13.95 -46.59 47.52
C SER G 30 -14.83 -46.01 48.64
N ALA G 31 -14.19 -45.40 49.63
CA ALA G 31 -14.93 -44.80 50.74
C ALA G 31 -16.01 -43.92 50.15
N THR G 32 -17.22 -44.09 50.66
CA THR G 32 -18.34 -43.30 50.17
C THR G 32 -18.01 -41.81 50.16
N TRP G 33 -17.09 -41.39 51.03
CA TRP G 33 -16.68 -39.98 51.13
C TRP G 33 -15.38 -39.81 51.88
N THR G 34 -14.75 -38.66 51.70
CA THR G 34 -13.49 -38.32 52.38
C THR G 34 -13.27 -36.81 52.43
N TYR G 35 -12.56 -36.35 53.44
CA TYR G 35 -12.30 -34.92 53.62
C TYR G 35 -10.83 -34.61 53.76
N SER G 36 -10.40 -33.48 53.19
CA SER G 36 -9.00 -33.08 53.27
C SER G 36 -8.82 -32.03 54.36
N THR G 37 -7.95 -32.34 55.32
CA THR G 37 -7.68 -31.45 56.45
C THR G 37 -7.55 -29.95 56.15
N GLU G 38 -6.53 -29.59 55.38
CA GLU G 38 -6.27 -28.19 55.05
C GLU G 38 -7.22 -27.58 54.02
N LEU G 39 -7.38 -28.24 52.88
CA LEU G 39 -8.26 -27.76 51.81
C LEU G 39 -9.68 -27.47 52.29
N LYS G 40 -9.99 -27.85 53.52
CA LYS G 40 -11.33 -27.62 54.05
C LYS G 40 -12.30 -28.06 52.94
N LYS G 41 -11.84 -29.01 52.14
CA LYS G 41 -12.64 -29.54 51.04
C LYS G 41 -13.08 -30.95 51.36
N LEU G 42 -14.31 -31.25 51.00
CA LEU G 42 -14.89 -32.56 51.23
C LEU G 42 -15.37 -33.12 49.90
N TYR G 43 -15.18 -34.42 49.71
CA TYR G 43 -15.62 -35.07 48.48
C TYR G 43 -16.59 -36.14 48.96
N CYS G 44 -17.57 -36.52 48.14
CA CYS G 44 -18.47 -37.57 48.57
C CYS G 44 -19.54 -37.89 47.55
N GLN G 45 -19.64 -39.17 47.19
CA GLN G 45 -20.60 -39.67 46.21
C GLN G 45 -21.93 -39.04 46.43
N ILE G 46 -22.79 -39.21 45.43
CA ILE G 46 -24.15 -38.68 45.41
C ILE G 46 -24.95 -38.82 46.72
N ALA G 47 -26.15 -39.36 46.62
CA ALA G 47 -27.04 -39.55 47.74
C ALA G 47 -26.48 -40.18 49.02
N LYS G 48 -25.34 -40.86 48.93
CA LYS G 48 -24.77 -41.48 50.13
C LYS G 48 -24.67 -40.51 51.30
N THR G 49 -24.78 -41.08 52.49
CA THR G 49 -24.73 -40.33 53.73
C THR G 49 -23.36 -39.71 53.99
N CYS G 50 -23.30 -38.86 55.00
CA CYS G 50 -22.06 -38.20 55.36
C CYS G 50 -22.19 -37.54 56.74
N PRO G 51 -21.32 -37.90 57.69
CA PRO G 51 -21.30 -37.37 59.06
C PRO G 51 -20.89 -35.92 59.10
N ILE G 52 -20.49 -35.46 60.28
CA ILE G 52 -20.08 -34.07 60.49
C ILE G 52 -20.27 -33.74 61.97
N GLN G 53 -19.18 -33.85 62.73
CA GLN G 53 -19.21 -33.59 64.17
C GLN G 53 -19.28 -32.11 64.51
N ILE G 54 -19.98 -31.78 65.59
CA ILE G 54 -20.14 -30.40 66.01
C ILE G 54 -19.75 -30.14 67.47
N LYS G 55 -18.57 -29.55 67.69
CA LYS G 55 -18.09 -29.26 69.05
C LYS G 55 -18.56 -27.90 69.57
N VAL G 56 -18.62 -27.77 70.89
CA VAL G 56 -19.02 -26.53 71.55
C VAL G 56 -18.43 -26.50 72.95
N MET G 57 -18.06 -25.31 73.42
CA MET G 57 -17.48 -25.17 74.76
C MET G 57 -18.52 -24.76 75.80
N THR G 58 -19.34 -23.76 75.46
CA THR G 58 -20.38 -23.30 76.36
C THR G 58 -21.74 -23.59 75.73
N PRO G 59 -22.63 -24.31 76.46
CA PRO G 59 -23.96 -24.64 75.97
C PRO G 59 -24.73 -23.47 75.36
N PRO G 60 -25.40 -23.71 74.23
CA PRO G 60 -26.17 -22.68 73.52
C PRO G 60 -27.58 -22.48 74.07
N PRO G 61 -28.27 -21.42 73.61
CA PRO G 61 -29.64 -21.06 74.00
C PRO G 61 -30.68 -22.16 73.80
N GLN G 62 -31.93 -21.76 73.71
CA GLN G 62 -33.03 -22.70 73.55
C GLN G 62 -33.21 -23.10 72.09
N GLY G 63 -33.53 -22.12 71.26
CA GLY G 63 -33.72 -22.37 69.85
C GLY G 63 -32.62 -23.24 69.28
N ALA G 64 -31.38 -22.93 69.67
CA ALA G 64 -30.20 -23.66 69.23
C ALA G 64 -30.50 -24.55 68.03
N VAL G 65 -30.25 -24.01 66.84
CA VAL G 65 -30.49 -24.75 65.60
C VAL G 65 -29.19 -24.75 64.80
N ILE G 66 -29.14 -25.56 63.76
CA ILE G 66 -27.94 -25.60 62.92
C ILE G 66 -28.29 -25.63 61.44
N ARG G 67 -28.29 -24.44 60.86
CA ARG G 67 -28.60 -24.25 59.46
C ARG G 67 -27.42 -24.68 58.60
N ALA G 68 -27.71 -25.46 57.59
CA ALA G 68 -26.67 -25.91 56.68
C ALA G 68 -27.07 -25.32 55.35
N MET G 69 -26.21 -24.48 54.79
CA MET G 69 -26.56 -23.88 53.52
C MET G 69 -25.45 -23.90 52.50
N PRO G 70 -25.83 -24.19 51.26
CA PRO G 70 -24.90 -24.27 50.12
C PRO G 70 -24.82 -22.90 49.45
N VAL G 71 -23.80 -22.71 48.62
CA VAL G 71 -23.60 -21.47 47.90
C VAL G 71 -22.27 -21.51 47.17
N TYR G 72 -22.25 -20.97 45.96
CA TYR G 72 -21.05 -20.99 45.16
C TYR G 72 -19.82 -20.32 45.77
N LYS G 73 -18.65 -20.80 45.35
CA LYS G 73 -17.37 -20.30 45.82
C LYS G 73 -16.93 -19.16 44.93
N LYS G 74 -17.07 -19.34 43.62
CA LYS G 74 -16.70 -18.32 42.64
C LYS G 74 -17.54 -17.04 42.76
N ALA G 75 -16.93 -15.88 42.54
CA ALA G 75 -17.62 -14.60 42.64
C ALA G 75 -18.90 -14.46 41.81
N GLU G 76 -18.75 -14.38 40.48
CA GLU G 76 -19.87 -14.21 39.56
C GLU G 76 -21.07 -15.14 39.74
N HIS G 77 -20.97 -16.07 40.67
CA HIS G 77 -22.04 -17.02 40.91
C HIS G 77 -22.68 -16.85 42.29
N VAL G 78 -21.94 -16.27 43.22
CA VAL G 78 -22.45 -16.06 44.57
C VAL G 78 -23.84 -15.47 44.50
N THR G 79 -24.08 -14.74 43.42
CA THR G 79 -25.36 -14.09 43.19
C THR G 79 -26.49 -15.09 42.91
N GLU G 80 -26.15 -16.25 42.35
CA GLU G 80 -27.15 -17.29 42.05
C GLU G 80 -27.29 -18.32 43.18
N VAL G 81 -28.51 -18.88 43.29
CA VAL G 81 -28.81 -19.88 44.29
C VAL G 81 -28.44 -21.30 43.88
N VAL G 82 -28.42 -22.20 44.86
CA VAL G 82 -28.07 -23.59 44.64
C VAL G 82 -29.25 -24.54 44.79
N LYS G 83 -29.75 -25.02 43.65
CA LYS G 83 -30.87 -25.95 43.60
C LYS G 83 -30.45 -27.28 42.97
N ARG G 84 -31.33 -28.27 43.04
CA ARG G 84 -31.03 -29.56 42.46
C ARG G 84 -31.33 -29.37 40.99
N CYS G 85 -30.52 -29.90 40.09
CA CYS G 85 -30.79 -29.74 38.67
C CYS G 85 -32.20 -30.23 38.37
N PRO G 86 -32.75 -29.87 37.20
CA PRO G 86 -34.10 -30.27 36.79
C PRO G 86 -34.32 -31.78 36.78
N ASN G 87 -33.35 -32.51 36.25
CA ASN G 87 -33.48 -33.96 36.18
C ASN G 87 -33.66 -34.62 37.53
N HIS G 88 -32.67 -34.52 38.40
CA HIS G 88 -32.79 -35.14 39.71
C HIS G 88 -33.95 -34.72 40.58
N GLU G 89 -34.61 -33.62 40.21
CA GLU G 89 -35.75 -33.18 41.00
C GLU G 89 -37.03 -33.54 40.27
N LEU G 90 -37.06 -34.76 39.74
CA LEU G 90 -38.19 -35.28 39.01
C LEU G 90 -37.99 -36.79 38.84
N SER G 91 -36.74 -37.20 38.64
CA SER G 91 -36.41 -38.62 38.45
C SER G 91 -37.17 -39.54 39.41
N ARG G 92 -37.73 -38.92 40.45
CA ARG G 92 -38.49 -39.64 41.46
C ARG G 92 -37.60 -40.46 42.38
N GLU G 93 -36.44 -40.91 41.89
CA GLU G 93 -35.54 -41.69 42.75
C GLU G 93 -35.06 -40.64 43.75
N PHE G 94 -34.97 -41.02 45.02
CA PHE G 94 -34.54 -40.10 46.07
C PHE G 94 -35.70 -39.18 46.47
N ASN G 95 -36.81 -39.27 45.73
CA ASN G 95 -37.99 -38.43 45.98
C ASN G 95 -39.23 -39.24 46.45
N GLU G 96 -39.01 -40.25 47.28
CA GLU G 96 -40.08 -41.09 47.82
C GLU G 96 -40.31 -40.57 49.23
N GLY G 97 -39.20 -40.29 49.91
CA GLY G 97 -39.25 -39.72 51.23
C GLY G 97 -39.45 -38.25 50.89
N GLN G 98 -40.68 -37.96 50.47
CA GLN G 98 -41.15 -36.62 50.06
C GLN G 98 -41.11 -35.60 51.19
N ILE G 99 -40.51 -36.02 52.30
CA ILE G 99 -40.36 -35.19 53.48
C ILE G 99 -39.47 -33.99 53.13
N ALA G 100 -38.64 -34.18 52.10
CA ALA G 100 -37.72 -33.16 51.64
C ALA G 100 -38.13 -32.64 50.27
N PRO G 101 -38.14 -31.30 50.08
CA PRO G 101 -38.51 -30.72 48.79
C PRO G 101 -37.59 -31.28 47.72
N PRO G 102 -38.14 -31.70 46.58
CA PRO G 102 -37.28 -32.25 45.53
C PRO G 102 -36.25 -31.28 44.96
N SER G 103 -36.25 -30.03 45.41
CA SER G 103 -35.28 -29.06 44.88
C SER G 103 -34.03 -28.81 45.72
N HIS G 104 -34.13 -28.98 47.04
CA HIS G 104 -32.98 -28.76 47.91
C HIS G 104 -31.80 -29.64 47.58
N LEU G 105 -30.61 -29.13 47.84
CA LEU G 105 -29.42 -29.90 47.56
C LEU G 105 -29.05 -30.66 48.79
N ILE G 106 -29.09 -29.98 49.93
CA ILE G 106 -28.74 -30.61 51.19
C ILE G 106 -29.91 -31.17 51.97
N ARG G 107 -29.73 -32.41 52.44
CA ARG G 107 -30.72 -33.12 53.23
C ARG G 107 -30.05 -33.69 54.44
N VAL G 108 -30.76 -33.64 55.57
CA VAL G 108 -30.24 -34.23 56.79
C VAL G 108 -31.09 -35.47 56.89
N GLU G 109 -30.50 -36.59 57.28
CA GLU G 109 -31.27 -37.80 57.41
C GLU G 109 -31.13 -38.30 58.83
N GLY G 110 -32.15 -38.98 59.32
CA GLY G 110 -32.11 -39.51 60.67
C GLY G 110 -32.42 -38.46 61.73
N ASN G 111 -33.36 -37.57 61.41
CA ASN G 111 -33.77 -36.53 62.34
C ASN G 111 -35.12 -36.05 61.83
N SER G 112 -36.17 -36.32 62.60
CA SER G 112 -37.52 -35.95 62.22
C SER G 112 -37.78 -34.46 62.43
N HIS G 113 -37.11 -33.88 63.41
CA HIS G 113 -37.31 -32.46 63.72
C HIS G 113 -36.81 -31.52 62.64
N ALA G 114 -35.78 -31.94 61.90
CA ALA G 114 -35.22 -31.12 60.83
C ALA G 114 -36.28 -30.57 59.89
N GLN G 115 -36.22 -29.28 59.60
CA GLN G 115 -37.18 -28.65 58.70
C GLN G 115 -36.50 -27.90 57.57
N TYR G 116 -36.97 -28.16 56.35
CA TYR G 116 -36.44 -27.56 55.15
C TYR G 116 -37.08 -26.20 54.92
N VAL G 117 -36.24 -25.18 54.79
CA VAL G 117 -36.76 -23.84 54.58
C VAL G 117 -36.10 -23.08 53.44
N GLU G 118 -36.97 -22.44 52.64
CA GLU G 118 -36.52 -21.64 51.52
C GLU G 118 -36.82 -20.21 51.91
N ASP G 119 -35.79 -19.37 51.89
CA ASP G 119 -35.95 -17.96 52.22
C ASP G 119 -36.94 -17.43 51.19
N PRO G 120 -37.96 -16.68 51.63
CA PRO G 120 -38.95 -16.15 50.69
C PRO G 120 -38.40 -15.00 49.86
N ILE G 121 -37.67 -14.12 50.53
CA ILE G 121 -37.10 -12.91 49.92
C ILE G 121 -35.90 -13.12 48.99
N THR G 122 -34.94 -13.93 49.41
CA THR G 122 -33.74 -14.18 48.61
C THR G 122 -33.80 -15.48 47.78
N GLY G 123 -34.77 -16.32 48.10
CA GLY G 123 -34.93 -17.59 47.38
C GLY G 123 -34.00 -18.69 47.84
N ARG G 124 -33.02 -18.33 48.67
CA ARG G 124 -32.05 -19.28 49.18
C ARG G 124 -32.63 -20.40 50.04
N GLN G 125 -32.23 -21.62 49.70
CA GLN G 125 -32.69 -22.83 50.39
C GLN G 125 -31.73 -23.30 51.47
N SER G 126 -32.28 -23.82 52.56
CA SER G 126 -31.43 -24.30 53.63
C SER G 126 -32.18 -25.28 54.52
N VAL G 127 -31.43 -25.98 55.36
CA VAL G 127 -32.02 -26.95 56.27
C VAL G 127 -31.63 -26.72 57.73
N LEU G 128 -32.65 -26.69 58.59
CA LEU G 128 -32.47 -26.48 60.02
C LEU G 128 -32.62 -27.76 60.80
N VAL G 129 -31.85 -27.89 61.87
CA VAL G 129 -31.93 -29.05 62.72
C VAL G 129 -31.68 -28.60 64.14
N PRO G 130 -32.61 -28.91 65.06
CA PRO G 130 -32.46 -28.53 66.46
C PRO G 130 -31.16 -29.08 67.08
N TYR G 131 -30.43 -28.24 67.78
CA TYR G 131 -29.18 -28.66 68.38
C TYR G 131 -29.41 -29.54 69.60
N GLU G 132 -28.90 -30.76 69.52
CA GLU G 132 -29.02 -31.70 70.62
C GLU G 132 -27.61 -31.87 71.20
N PRO G 133 -27.44 -31.68 72.53
CA PRO G 133 -26.13 -31.82 73.17
C PRO G 133 -25.41 -33.12 72.84
N PRO G 134 -24.07 -33.11 72.97
CA PRO G 134 -23.26 -34.30 72.69
C PRO G 134 -23.76 -35.55 73.40
N GLN G 135 -23.29 -36.71 72.95
CA GLN G 135 -23.68 -37.98 73.57
C GLN G 135 -22.90 -38.14 74.87
N VAL G 136 -23.62 -38.16 75.99
CA VAL G 136 -23.01 -38.28 77.32
C VAL G 136 -21.70 -39.08 77.30
N GLY G 137 -20.58 -38.36 77.30
CA GLY G 137 -19.28 -39.02 77.28
C GLY G 137 -18.50 -38.57 76.06
N THR G 138 -19.20 -37.98 75.10
CA THR G 138 -18.60 -37.47 73.87
C THR G 138 -18.72 -35.96 73.92
N GLU G 139 -18.19 -35.27 72.91
CA GLU G 139 -18.28 -33.83 72.85
C GLU G 139 -18.78 -33.37 71.49
N PHE G 140 -18.78 -34.30 70.53
CA PHE G 140 -19.25 -34.01 69.17
C PHE G 140 -20.73 -34.34 69.05
N THR G 141 -21.40 -33.67 68.12
CA THR G 141 -22.82 -33.87 67.89
C THR G 141 -23.07 -34.22 66.42
N THR G 142 -22.53 -35.36 65.99
CA THR G 142 -22.66 -35.78 64.60
C THR G 142 -24.03 -35.51 63.99
N VAL G 143 -24.01 -35.14 62.72
CA VAL G 143 -25.23 -34.86 61.97
C VAL G 143 -25.10 -35.50 60.59
N LEU G 144 -26.16 -36.15 60.15
CA LEU G 144 -26.13 -36.82 58.87
C LEU G 144 -26.65 -36.02 57.71
N TYR G 145 -25.79 -35.84 56.72
CA TYR G 145 -26.09 -35.08 55.52
C TYR G 145 -26.04 -35.84 54.21
N ASN G 146 -26.96 -35.51 53.32
CA ASN G 146 -27.02 -36.13 52.02
C ASN G 146 -26.99 -35.08 50.96
N PHE G 147 -26.08 -35.21 50.01
CA PHE G 147 -26.04 -34.24 48.93
C PHE G 147 -26.69 -34.87 47.74
N MET G 148 -27.70 -34.21 47.19
CA MET G 148 -28.45 -34.80 46.10
C MET G 148 -28.10 -34.50 44.65
N CYS G 149 -27.00 -33.81 44.37
CA CYS G 149 -26.67 -33.53 42.98
C CYS G 149 -25.20 -33.46 42.71
N ASN G 150 -24.69 -34.30 41.81
CA ASN G 150 -23.27 -34.26 41.50
C ASN G 150 -22.84 -32.83 41.24
N SER G 151 -21.79 -32.39 41.93
CA SER G 151 -21.26 -31.04 41.75
C SER G 151 -20.66 -31.08 40.36
N SER G 152 -21.52 -31.22 39.35
CA SER G 152 -21.10 -31.31 37.96
C SER G 152 -22.31 -31.75 37.16
N CYS G 153 -23.48 -31.49 37.71
CA CYS G 153 -24.73 -31.85 37.06
C CYS G 153 -25.03 -30.82 35.99
N VAL G 154 -25.42 -31.31 34.82
CA VAL G 154 -25.76 -30.43 33.71
C VAL G 154 -26.92 -29.54 34.15
N GLY G 155 -26.85 -28.25 33.85
CA GLY G 155 -27.91 -27.34 34.23
C GLY G 155 -28.15 -27.28 35.73
N GLY G 156 -27.14 -27.63 36.51
CA GLY G 156 -27.29 -27.60 37.96
C GLY G 156 -26.13 -26.92 38.63
N MET G 157 -24.94 -27.47 38.47
CA MET G 157 -23.78 -26.85 39.07
C MET G 157 -22.62 -26.77 38.11
N ASN G 158 -22.70 -27.53 37.02
CA ASN G 158 -21.64 -27.54 36.02
C ASN G 158 -20.27 -27.36 36.68
N ARG G 159 -19.84 -28.38 37.40
CA ARG G 159 -18.55 -28.37 38.09
C ARG G 159 -18.16 -27.04 38.74
N ARG G 160 -19.13 -26.15 38.95
CA ARG G 160 -18.86 -24.86 39.58
C ARG G 160 -18.58 -24.96 41.07
N PRO G 161 -17.32 -24.81 41.47
CA PRO G 161 -16.95 -24.89 42.88
C PRO G 161 -18.05 -24.34 43.77
N ILE G 162 -18.39 -25.10 44.80
CA ILE G 162 -19.44 -24.72 45.74
C ILE G 162 -19.03 -25.08 47.15
N LEU G 163 -19.49 -24.31 48.12
CA LEU G 163 -19.14 -24.60 49.50
C LEU G 163 -20.36 -24.57 50.43
N ILE G 164 -20.28 -25.33 51.53
CA ILE G 164 -21.35 -25.44 52.50
C ILE G 164 -21.15 -24.59 53.75
N ILE G 165 -22.20 -23.88 54.15
CA ILE G 165 -22.12 -23.01 55.31
C ILE G 165 -22.92 -23.53 56.49
N VAL G 166 -22.26 -24.28 57.34
CA VAL G 166 -22.89 -24.83 58.54
C VAL G 166 -22.83 -23.73 59.59
N THR G 167 -23.99 -23.28 60.04
CA THR G 167 -24.01 -22.21 61.01
C THR G 167 -24.90 -22.51 62.20
N LEU G 168 -24.42 -22.15 63.39
CA LEU G 168 -25.18 -22.35 64.63
C LEU G 168 -25.98 -21.10 64.92
N GLU G 169 -27.29 -21.18 64.74
CA GLU G 169 -28.16 -20.03 64.96
C GLU G 169 -29.04 -20.19 66.18
N THR G 170 -29.62 -19.07 66.61
CA THR G 170 -30.49 -19.03 67.78
C THR G 170 -31.96 -19.20 67.40
N ARG G 171 -32.83 -19.15 68.40
CA ARG G 171 -34.28 -19.29 68.21
C ARG G 171 -34.80 -18.23 67.23
N ASP G 172 -34.52 -16.95 67.52
CA ASP G 172 -34.97 -15.85 66.67
C ASP G 172 -34.36 -15.91 65.28
N GLY G 173 -33.14 -16.45 65.19
CA GLY G 173 -32.48 -16.56 63.91
C GLY G 173 -31.17 -15.81 63.75
N GLN G 174 -30.71 -15.12 64.79
CA GLN G 174 -29.45 -14.41 64.65
C GLN G 174 -28.33 -15.44 64.79
N VAL G 175 -27.20 -15.18 64.16
CA VAL G 175 -26.08 -16.12 64.21
C VAL G 175 -25.43 -16.21 65.60
N LEU G 176 -24.88 -17.38 65.89
CA LEU G 176 -24.19 -17.66 67.16
C LEU G 176 -22.80 -18.19 66.85
N GLY G 177 -22.63 -18.58 65.58
CA GLY G 177 -21.36 -19.13 65.12
C GLY G 177 -21.49 -19.63 63.69
N ARG G 178 -20.39 -19.68 62.97
CA ARG G 178 -20.41 -20.13 61.59
C ARG G 178 -19.05 -20.68 61.17
N ARG G 179 -19.06 -21.79 60.46
CA ARG G 179 -17.84 -22.41 59.95
C ARG G 179 -18.14 -22.70 58.51
N CYS G 180 -17.12 -23.05 57.73
CA CYS G 180 -17.40 -23.32 56.34
C CYS G 180 -16.33 -24.15 55.66
N PHE G 181 -16.75 -24.90 54.64
CA PHE G 181 -15.86 -25.77 53.86
C PHE G 181 -16.37 -25.95 52.43
N GLU G 182 -15.47 -26.33 51.53
CA GLU G 182 -15.83 -26.56 50.15
C GLU G 182 -16.17 -28.02 49.96
N ALA G 183 -17.24 -28.28 49.22
CA ALA G 183 -17.68 -29.65 48.97
C ALA G 183 -17.60 -29.98 47.48
N ARG G 184 -17.45 -31.26 47.16
CA ARG G 184 -17.38 -31.68 45.77
C ARG G 184 -18.06 -33.01 45.58
N ILE G 185 -19.37 -33.05 45.81
CA ILE G 185 -20.09 -34.30 45.65
C ILE G 185 -19.89 -34.80 44.22
N CYS G 186 -19.23 -35.94 44.09
CA CYS G 186 -18.93 -36.48 42.79
C CYS G 186 -19.21 -37.97 42.66
N ALA G 187 -18.32 -38.66 41.96
CA ALA G 187 -18.45 -40.10 41.74
C ALA G 187 -17.44 -40.89 42.56
N CYS G 188 -16.15 -40.70 42.28
CA CYS G 188 -15.11 -41.43 42.99
C CYS G 188 -14.33 -40.48 43.89
N PRO G 189 -14.93 -40.04 45.01
CA PRO G 189 -14.23 -39.13 45.92
C PRO G 189 -12.80 -39.56 46.19
N GLY G 190 -12.50 -40.82 45.97
CA GLY G 190 -11.14 -41.27 46.17
C GLY G 190 -10.26 -40.59 45.15
N ARG G 191 -10.40 -40.99 43.88
CA ARG G 191 -9.64 -40.43 42.77
C ARG G 191 -9.60 -38.92 42.84
N ASP G 192 -10.76 -38.30 42.68
CA ASP G 192 -10.87 -36.86 42.70
C ASP G 192 -10.18 -36.18 43.89
N ARG G 193 -9.72 -36.96 44.87
CA ARG G 193 -9.05 -36.37 46.02
C ARG G 193 -7.54 -36.56 45.89
N LYS G 194 -7.12 -37.81 45.75
CA LYS G 194 -5.71 -38.09 45.57
C LYS G 194 -5.31 -37.34 44.31
N ALA G 195 -6.07 -37.56 43.23
CA ALA G 195 -5.81 -36.93 41.95
C ALA G 195 -5.86 -35.41 42.02
N ASP G 196 -6.48 -34.89 43.08
CA ASP G 196 -6.59 -33.45 43.26
C ASP G 196 -5.36 -32.91 43.99
N GLU G 197 -5.14 -33.37 45.22
CA GLU G 197 -3.99 -32.94 46.00
C GLU G 197 -2.75 -33.09 45.15
N ASP G 198 -2.81 -34.02 44.19
CA ASP G 198 -1.70 -34.27 43.27
C ASP G 198 -1.33 -32.99 42.55
N SER G 199 -2.13 -32.63 41.55
CA SER G 199 -1.93 -31.45 40.72
C SER G 199 -0.94 -30.45 41.31
N ILE G 200 -1.18 -30.03 42.55
CA ILE G 200 -0.30 -29.08 43.21
C ILE G 200 1.14 -29.58 43.26
N PRO H 7 -43.64 -48.36 15.25
CA PRO H 7 -43.46 -47.87 13.86
C PRO H 7 -42.53 -48.74 13.00
N SER H 8 -42.88 -48.89 11.72
CA SER H 8 -42.10 -49.70 10.82
C SER H 8 -40.76 -49.06 10.50
N ASN H 9 -39.74 -49.90 10.36
CA ASN H 9 -38.40 -49.42 10.05
C ASN H 9 -37.82 -50.19 8.87
N THR H 10 -38.70 -50.75 8.05
CA THR H 10 -38.25 -51.52 6.91
C THR H 10 -38.20 -50.64 5.67
N ASP H 11 -37.00 -50.51 5.11
CA ASP H 11 -36.79 -49.69 3.92
C ASP H 11 -37.87 -49.93 2.86
N TYR H 12 -38.51 -48.86 2.40
CA TYR H 12 -39.59 -48.92 1.41
C TYR H 12 -39.41 -47.83 0.35
N PRO H 13 -38.83 -48.18 -0.82
CA PRO H 13 -38.60 -47.26 -1.93
C PRO H 13 -39.87 -46.52 -2.36
N GLY H 14 -41.03 -47.13 -2.15
CA GLY H 14 -42.28 -46.51 -2.53
C GLY H 14 -42.47 -46.49 -4.04
N PRO H 15 -43.65 -46.06 -4.49
CA PRO H 15 -43.95 -46.00 -5.93
C PRO H 15 -43.22 -44.86 -6.66
N HIS H 16 -42.96 -43.77 -5.96
CA HIS H 16 -42.28 -42.62 -6.55
C HIS H 16 -40.77 -42.72 -6.38
N SER H 17 -40.30 -43.84 -5.84
CA SER H 17 -38.88 -44.07 -5.59
C SER H 17 -38.30 -43.03 -4.62
N PHE H 18 -38.86 -43.03 -3.41
CA PHE H 18 -38.46 -42.11 -2.33
C PHE H 18 -37.09 -42.49 -1.77
N ASP H 19 -36.11 -41.63 -2.00
CA ASP H 19 -34.75 -41.91 -1.53
C ASP H 19 -34.10 -40.68 -0.89
N VAL H 20 -33.41 -40.90 0.23
CA VAL H 20 -32.73 -39.83 0.92
C VAL H 20 -31.24 -39.95 0.64
N SER H 21 -30.46 -39.01 1.17
CA SER H 21 -29.01 -39.02 1.00
C SER H 21 -28.39 -37.77 1.59
N PHE H 22 -27.06 -37.73 1.54
CA PHE H 22 -26.30 -36.60 2.05
C PHE H 22 -25.25 -36.19 1.03
N GLN H 23 -24.05 -35.89 1.50
CA GLN H 23 -22.97 -35.50 0.60
C GLN H 23 -21.68 -35.27 1.36
N GLN H 24 -20.73 -34.60 0.72
CA GLN H 24 -19.42 -34.32 1.33
C GLN H 24 -19.52 -33.80 2.76
N SER H 30 -13.47 -29.98 12.52
CA SER H 30 -14.59 -30.21 13.41
C SER H 30 -15.93 -29.96 12.71
N ALA H 31 -16.14 -30.64 11.58
CA ALA H 31 -17.39 -30.47 10.83
C ALA H 31 -18.54 -30.61 11.81
N THR H 32 -19.49 -29.69 11.74
CA THR H 32 -20.62 -29.73 12.64
C THR H 32 -21.30 -31.11 12.62
N TRP H 33 -21.16 -31.82 11.51
CA TRP H 33 -21.77 -33.16 11.35
C TRP H 33 -21.13 -33.95 10.18
N THR H 34 -21.32 -35.26 10.20
CA THR H 34 -20.82 -36.14 9.16
C THR H 34 -21.61 -37.47 9.12
N TYR H 35 -21.67 -38.08 7.94
CA TYR H 35 -22.44 -39.31 7.77
C TYR H 35 -21.59 -40.40 7.13
N SER H 36 -21.81 -41.64 7.57
CA SER H 36 -21.06 -42.76 7.03
C SER H 36 -21.91 -43.50 6.00
N THR H 37 -21.38 -43.62 4.80
CA THR H 37 -22.07 -44.27 3.68
C THR H 37 -22.81 -45.57 3.99
N GLU H 38 -22.05 -46.60 4.38
CA GLU H 38 -22.62 -47.92 4.67
C GLU H 38 -23.37 -48.01 6.00
N LEU H 39 -22.73 -47.60 7.09
CA LEU H 39 -23.34 -47.64 8.41
C LEU H 39 -24.69 -46.96 8.48
N LYS H 40 -25.07 -46.26 7.41
CA LYS H 40 -26.35 -45.55 7.41
C LYS H 40 -26.45 -44.82 8.75
N LYS H 41 -25.28 -44.49 9.30
CA LYS H 41 -25.20 -43.79 10.56
C LYS H 41 -24.74 -42.36 10.35
N LEU H 42 -25.36 -41.46 11.10
CA LEU H 42 -25.04 -40.04 11.02
C LEU H 42 -24.62 -39.55 12.40
N TYR H 43 -23.63 -38.67 12.44
CA TYR H 43 -23.19 -38.13 13.71
C TYR H 43 -23.38 -36.64 13.56
N CYS H 44 -23.61 -35.90 14.63
CA CYS H 44 -23.74 -34.46 14.50
C CYS H 44 -24.00 -33.76 15.81
N GLN H 45 -23.16 -32.77 16.12
CA GLN H 45 -23.27 -31.96 17.34
C GLN H 45 -24.70 -31.63 17.63
N ILE H 46 -24.92 -31.17 18.85
CA ILE H 46 -26.22 -30.78 19.37
C ILE H 46 -27.13 -29.97 18.42
N ALA H 47 -27.63 -28.84 18.91
CA ALA H 47 -28.52 -27.99 18.15
C ALA H 47 -28.12 -27.61 16.72
N LYS H 48 -26.84 -27.76 16.36
CA LYS H 48 -26.40 -27.39 15.02
C LYS H 48 -27.28 -28.00 13.95
N THR H 49 -27.39 -27.28 12.84
CA THR H 49 -28.19 -27.68 11.71
C THR H 49 -27.66 -28.93 11.01
N CYS H 50 -28.44 -29.45 10.08
CA CYS H 50 -28.06 -30.66 9.36
C CYS H 50 -28.98 -30.85 8.16
N PRO H 51 -28.41 -30.92 6.94
CA PRO H 51 -29.14 -31.11 5.68
C PRO H 51 -29.74 -32.49 5.58
N ILE H 52 -30.09 -32.87 4.35
CA ILE H 52 -30.71 -34.17 4.09
C ILE H 52 -31.50 -34.07 2.79
N GLN H 53 -30.89 -34.49 1.69
CA GLN H 53 -31.49 -34.41 0.37
C GLN H 53 -32.56 -35.47 0.16
N ILE H 54 -33.60 -35.13 -0.60
CA ILE H 54 -34.70 -36.05 -0.86
C ILE H 54 -35.03 -36.23 -2.34
N LYS H 55 -34.60 -37.34 -2.93
CA LYS H 55 -34.84 -37.63 -4.35
C LYS H 55 -36.18 -38.32 -4.61
N VAL H 56 -36.71 -38.16 -5.82
CA VAL H 56 -37.97 -38.77 -6.23
C VAL H 56 -37.99 -38.89 -7.74
N MET H 57 -38.59 -39.96 -8.26
CA MET H 57 -38.68 -40.20 -9.70
C MET H 57 -40.00 -39.72 -10.28
N THR H 58 -41.09 -40.08 -9.62
CA THR H 58 -42.40 -39.66 -10.08
C THR H 58 -43.04 -38.75 -9.03
N PRO H 59 -43.46 -37.55 -9.44
CA PRO H 59 -44.08 -36.57 -8.54
C PRO H 59 -45.17 -37.15 -7.63
N PRO H 60 -45.17 -36.77 -6.35
CA PRO H 60 -46.14 -37.25 -5.37
C PRO H 60 -47.45 -36.47 -5.38
N PRO H 61 -48.46 -36.97 -4.64
CA PRO H 61 -49.79 -36.38 -4.51
C PRO H 61 -49.81 -34.93 -4.03
N GLN H 62 -50.95 -34.52 -3.48
CA GLN H 62 -51.12 -33.16 -3.00
C GLN H 62 -50.55 -33.01 -1.61
N GLY H 63 -51.14 -33.74 -0.67
CA GLY H 63 -50.68 -33.66 0.71
C GLY H 63 -49.17 -33.72 0.81
N ALA H 64 -48.59 -34.64 0.04
CA ALA H 64 -47.15 -34.84 0.00
C ALA H 64 -46.45 -34.18 1.17
N VAL H 65 -46.25 -34.95 2.23
CA VAL H 65 -45.59 -34.46 3.43
C VAL H 65 -44.39 -35.36 3.73
N ILE H 66 -43.54 -34.95 4.66
CA ILE H 66 -42.39 -35.75 5.02
C ILE H 66 -42.18 -35.78 6.52
N ARG H 67 -42.72 -36.82 7.12
CA ARG H 67 -42.63 -37.04 8.55
C ARG H 67 -41.25 -37.55 8.91
N ALA H 68 -40.67 -36.93 9.93
CA ALA H 68 -39.36 -37.35 10.40
C ALA H 68 -39.61 -37.81 11.81
N MET H 69 -39.33 -39.08 12.08
CA MET H 69 -39.56 -39.59 13.42
C MET H 69 -38.43 -40.40 13.99
N PRO H 70 -38.13 -40.16 15.26
CA PRO H 70 -37.07 -40.85 15.99
C PRO H 70 -37.64 -42.08 16.67
N VAL H 71 -36.76 -42.99 17.10
CA VAL H 71 -37.16 -44.22 17.78
C VAL H 71 -35.95 -45.08 18.00
N TYR H 72 -35.90 -45.73 19.15
CA TYR H 72 -34.77 -46.58 19.46
C TYR H 72 -34.48 -47.74 18.50
N LYS H 73 -33.21 -48.12 18.46
CA LYS H 73 -32.73 -49.19 17.60
C LYS H 73 -32.83 -50.51 18.34
N LYS H 74 -32.42 -50.51 19.61
CA LYS H 74 -32.48 -51.71 20.45
C LYS H 74 -33.91 -52.18 20.69
N ALA H 75 -34.11 -53.50 20.75
CA ALA H 75 -35.43 -54.07 20.96
C ALA H 75 -36.20 -53.59 22.20
N GLU H 76 -35.73 -53.97 23.39
CA GLU H 76 -36.37 -53.61 24.65
C GLU H 76 -36.73 -52.13 24.86
N HIS H 77 -36.37 -51.30 23.90
CA HIS H 77 -36.63 -49.86 24.00
C HIS H 77 -37.61 -49.38 22.95
N VAL H 78 -37.72 -50.11 21.84
CA VAL H 78 -38.63 -49.73 20.76
C VAL H 78 -39.98 -49.39 21.35
N THR H 79 -40.28 -50.01 22.49
CA THR H 79 -41.54 -49.81 23.19
C THR H 79 -41.67 -48.41 23.78
N GLU H 80 -40.53 -47.79 24.12
CA GLU H 80 -40.53 -46.44 24.69
C GLU H 80 -40.35 -45.34 23.65
N VAL H 81 -40.91 -44.17 23.93
CA VAL H 81 -40.83 -43.01 23.05
C VAL H 81 -39.57 -42.19 23.23
N VAL H 82 -39.30 -41.32 22.26
CA VAL H 82 -38.11 -40.47 22.26
C VAL H 82 -38.43 -39.00 22.48
N LYS H 83 -38.15 -38.52 23.69
CA LYS H 83 -38.37 -37.14 24.09
C LYS H 83 -37.06 -36.46 24.44
N ARG H 84 -37.11 -35.15 24.65
CA ARG H 84 -35.92 -34.42 25.01
C ARG H 84 -35.82 -34.65 26.52
N CYS H 85 -34.62 -34.86 27.04
CA CYS H 85 -34.49 -35.08 28.47
C CYS H 85 -35.12 -33.92 29.22
N PRO H 86 -35.38 -34.08 30.52
CA PRO H 86 -35.98 -33.03 31.36
C PRO H 86 -35.23 -31.72 31.36
N ASN H 87 -33.90 -31.80 31.49
CA ASN H 87 -33.08 -30.61 31.51
C ASN H 87 -33.23 -29.73 30.28
N HIS H 88 -32.83 -30.23 29.12
CA HIS H 88 -32.92 -29.44 27.90
C HIS H 88 -34.30 -28.96 27.53
N GLU H 89 -35.34 -29.49 28.16
CA GLU H 89 -36.69 -29.02 27.85
C GLU H 89 -37.19 -28.11 28.95
N LEU H 90 -36.29 -27.24 29.39
CA LEU H 90 -36.57 -26.27 30.44
C LEU H 90 -35.44 -25.24 30.45
N SER H 91 -34.21 -25.68 30.19
CA SER H 91 -33.05 -24.80 30.17
C SER H 91 -33.33 -23.47 29.49
N ARG H 92 -34.44 -23.44 28.75
CA ARG H 92 -34.86 -22.25 28.02
C ARG H 92 -33.98 -21.96 26.81
N GLU H 93 -32.72 -22.37 26.84
CA GLU H 93 -31.85 -22.15 25.68
C GLU H 93 -32.45 -23.09 24.64
N PHE H 94 -32.53 -22.61 23.39
CA PHE H 94 -33.11 -23.40 22.30
C PHE H 94 -34.64 -23.37 22.39
N ASN H 95 -35.17 -22.78 23.45
CA ASN H 95 -36.63 -22.70 23.69
C ASN H 95 -37.19 -21.25 23.65
N GLU H 96 -36.65 -20.43 22.73
CA GLU H 96 -37.07 -19.04 22.55
C GLU H 96 -38.00 -19.07 21.35
N GLY H 97 -37.56 -19.82 20.33
CA GLY H 97 -38.34 -20.02 19.14
C GLY H 97 -39.29 -21.11 19.61
N GLN H 98 -40.24 -20.68 20.45
CA GLN H 98 -41.28 -21.52 21.07
C GLN H 98 -42.23 -22.15 20.04
N ILE H 99 -41.88 -21.98 18.77
CA ILE H 99 -42.63 -22.53 17.66
C ILE H 99 -42.60 -24.06 17.75
N ALA H 100 -41.57 -24.58 18.39
CA ALA H 100 -41.38 -26.02 18.58
C ALA H 100 -41.59 -26.43 20.03
N PRO H 101 -42.36 -27.50 20.27
CA PRO H 101 -42.59 -27.95 21.65
C PRO H 101 -41.25 -28.25 22.30
N PRO H 102 -41.04 -27.81 23.53
CA PRO H 102 -39.77 -28.06 24.20
C PRO H 102 -39.44 -29.53 24.43
N SER H 103 -40.34 -30.43 24.06
CA SER H 103 -40.07 -31.86 24.27
C SER H 103 -39.57 -32.63 23.05
N HIS H 104 -39.94 -32.23 21.84
CA HIS H 104 -39.50 -32.92 20.64
C HIS H 104 -38.01 -32.99 20.49
N LEU H 105 -37.53 -34.05 19.87
CA LEU H 105 -36.11 -34.19 19.68
C LEU H 105 -35.76 -33.59 18.35
N ILE H 106 -36.55 -33.91 17.34
CA ILE H 106 -36.29 -33.41 16.01
C ILE H 106 -37.03 -32.14 15.64
N ARG H 107 -36.29 -31.18 15.09
CA ARG H 107 -36.82 -29.90 14.64
C ARG H 107 -36.36 -29.63 13.23
N VAL H 108 -37.24 -29.05 12.43
CA VAL H 108 -36.87 -28.69 11.09
C VAL H 108 -36.77 -27.19 11.22
N GLU H 109 -35.77 -26.59 10.59
CA GLU H 109 -35.61 -25.15 10.68
C GLU H 109 -35.65 -24.60 9.26
N GLY H 110 -36.13 -23.37 9.13
CA GLY H 110 -36.19 -22.74 7.82
C GLY H 110 -37.37 -23.19 7.00
N ASN H 111 -38.50 -23.39 7.67
CA ASN H 111 -39.74 -23.83 7.02
C ASN H 111 -40.86 -23.49 7.99
N SER H 112 -41.68 -22.51 7.62
CA SER H 112 -42.78 -22.08 8.46
C SER H 112 -43.95 -23.04 8.44
N HIS H 113 -44.12 -23.74 7.31
CA HIS H 113 -45.22 -24.68 7.16
C HIS H 113 -45.11 -25.90 8.05
N ALA H 114 -43.89 -26.31 8.36
CA ALA H 114 -43.65 -27.48 9.21
C ALA H 114 -44.47 -27.43 10.50
N GLN H 115 -45.14 -28.55 10.82
CA GLN H 115 -45.95 -28.63 12.04
C GLN H 115 -45.57 -29.83 12.89
N TYR H 116 -45.37 -29.55 14.18
CA TYR H 116 -44.98 -30.55 15.15
C TYR H 116 -46.21 -31.28 15.66
N VAL H 117 -46.19 -32.61 15.54
CA VAL H 117 -47.32 -33.40 15.98
C VAL H 117 -46.97 -34.57 16.87
N GLU H 118 -47.74 -34.71 17.95
CA GLU H 118 -47.58 -35.80 18.88
C GLU H 118 -48.79 -36.69 18.71
N ASP H 119 -48.54 -37.96 18.39
CA ASP H 119 -49.63 -38.91 18.22
C ASP H 119 -50.36 -38.92 19.56
N PRO H 120 -51.69 -38.83 19.54
CA PRO H 120 -52.45 -38.83 20.80
C PRO H 120 -52.50 -40.21 21.45
N ILE H 121 -52.73 -41.23 20.62
CA ILE H 121 -52.86 -42.62 21.05
C ILE H 121 -51.57 -43.33 21.49
N THR H 122 -50.50 -43.18 20.72
CA THR H 122 -49.23 -43.84 21.04
C THR H 122 -48.23 -42.92 21.76
N GLY H 123 -48.52 -41.62 21.77
CA GLY H 123 -47.63 -40.67 22.43
C GLY H 123 -46.42 -40.26 21.59
N ARG H 124 -46.19 -40.97 20.50
CA ARG H 124 -45.06 -40.72 19.63
C ARG H 124 -45.06 -39.34 18.98
N GLN H 125 -43.91 -38.67 19.09
CA GLN H 125 -43.70 -37.33 18.55
C GLN H 125 -43.05 -37.34 17.18
N SER H 126 -43.46 -36.43 16.32
CA SER H 126 -42.88 -36.36 15.00
C SER H 126 -43.09 -34.99 14.37
N VAL H 127 -42.38 -34.73 13.26
CA VAL H 127 -42.48 -33.45 12.58
C VAL H 127 -42.79 -33.61 11.08
N LEU H 128 -43.80 -32.89 10.64
CA LEU H 128 -44.25 -32.92 9.26
C LEU H 128 -43.81 -31.68 8.52
N VAL H 129 -43.51 -31.84 7.24
CA VAL H 129 -43.11 -30.72 6.40
C VAL H 129 -43.62 -30.97 5.00
N PRO H 130 -44.39 -30.01 4.46
CA PRO H 130 -44.95 -30.16 3.11
C PRO H 130 -43.85 -30.39 2.06
N TYR H 131 -44.06 -31.36 1.19
CA TYR H 131 -43.09 -31.66 0.16
C TYR H 131 -43.08 -30.62 -0.94
N GLU H 132 -41.94 -29.97 -1.11
CA GLU H 132 -41.77 -28.97 -2.14
C GLU H 132 -40.83 -29.57 -3.19
N PRO H 133 -41.23 -29.57 -4.48
CA PRO H 133 -40.39 -30.13 -5.54
C PRO H 133 -38.96 -29.60 -5.55
N PRO H 134 -38.03 -30.37 -6.14
CA PRO H 134 -36.63 -29.96 -6.21
C PRO H 134 -36.44 -28.55 -6.77
N GLN H 135 -35.25 -28.00 -6.58
CA GLN H 135 -34.94 -26.67 -7.09
C GLN H 135 -34.68 -26.77 -8.59
N VAL H 136 -35.53 -26.12 -9.39
CA VAL H 136 -35.42 -26.15 -10.85
C VAL H 136 -33.97 -26.30 -11.34
N GLY H 137 -33.59 -27.53 -11.69
CA GLY H 137 -32.24 -27.79 -12.16
C GLY H 137 -31.56 -28.82 -11.26
N THR H 138 -32.14 -29.04 -10.10
CA THR H 138 -31.64 -30.01 -9.13
C THR H 138 -32.68 -31.13 -9.05
N GLU H 139 -32.40 -32.15 -8.27
CA GLU H 139 -33.35 -33.24 -8.10
C GLU H 139 -33.58 -33.55 -6.62
N PHE H 140 -32.72 -32.99 -5.77
CA PHE H 140 -32.81 -33.19 -4.33
C PHE H 140 -33.65 -32.07 -3.72
N THR H 141 -34.27 -32.36 -2.57
CA THR H 141 -35.10 -31.39 -1.87
C THR H 141 -34.62 -31.23 -0.43
N THR H 142 -33.40 -30.74 -0.27
CA THR H 142 -32.81 -30.57 1.05
C THR H 142 -33.78 -30.08 2.11
N VAL H 143 -33.61 -30.61 3.32
CA VAL H 143 -34.43 -30.25 4.45
C VAL H 143 -33.52 -30.06 5.66
N LEU H 144 -33.75 -28.99 6.42
CA LEU H 144 -32.93 -28.70 7.56
C LEU H 144 -33.45 -29.24 8.88
N TYR H 145 -32.62 -30.07 9.51
CA TYR H 145 -32.96 -30.68 10.78
C TYR H 145 -32.05 -30.35 11.94
N ASN H 146 -32.66 -30.23 13.11
CA ASN H 146 -31.92 -29.94 14.32
C ASN H 146 -32.22 -30.97 15.37
N PHE H 147 -31.18 -31.57 15.93
CA PHE H 147 -31.41 -32.54 16.97
C PHE H 147 -31.12 -31.86 18.30
N MET H 148 -32.09 -31.87 19.19
CA MET H 148 -31.95 -31.17 20.45
C MET H 148 -31.43 -31.87 21.69
N CYS H 149 -30.96 -33.10 21.60
CA CYS H 149 -30.48 -33.76 22.81
C CYS H 149 -29.36 -34.75 22.55
N ASN H 150 -28.20 -34.53 23.15
CA ASN H 150 -27.10 -35.45 22.96
C ASN H 150 -27.58 -36.89 23.13
N SER H 151 -27.30 -37.74 22.14
CA SER H 151 -27.69 -39.14 22.20
C SER H 151 -26.80 -39.72 23.29
N SER H 152 -27.04 -39.29 24.52
CA SER H 152 -26.25 -39.70 25.66
C SER H 152 -26.62 -38.78 26.83
N CYS H 153 -27.81 -38.20 26.73
CA CYS H 153 -28.31 -37.28 27.75
C CYS H 153 -28.81 -38.10 28.91
N VAL H 154 -28.44 -37.70 30.12
CA VAL H 154 -28.89 -38.39 31.32
C VAL H 154 -30.41 -38.32 31.37
N GLY H 155 -31.05 -39.44 31.69
CA GLY H 155 -32.50 -39.44 31.75
C GLY H 155 -33.18 -39.09 30.44
N GLY H 156 -32.47 -39.28 29.34
CA GLY H 156 -33.02 -38.96 28.04
C GLY H 156 -32.81 -40.07 27.04
N MET H 157 -31.55 -40.36 26.74
CA MET H 157 -31.28 -41.42 25.80
C MET H 157 -30.20 -42.34 26.31
N ASN H 158 -29.46 -41.89 27.32
CA ASN H 158 -28.37 -42.69 27.88
C ASN H 158 -27.69 -43.52 26.79
N ARG H 159 -26.96 -42.84 25.91
CA ARG H 159 -26.25 -43.49 24.82
C ARG H 159 -26.99 -44.66 24.14
N ARG H 160 -28.30 -44.74 24.33
CA ARG H 160 -29.09 -45.80 23.72
C ARG H 160 -29.28 -45.62 22.22
N PRO H 161 -28.58 -46.42 21.42
CA PRO H 161 -28.68 -46.33 19.96
C PRO H 161 -30.10 -45.97 19.54
N ILE H 162 -30.20 -44.97 18.67
CA ILE H 162 -31.49 -44.49 18.17
C ILE H 162 -31.41 -44.21 16.69
N LEU H 163 -32.51 -44.37 15.97
CA LEU H 163 -32.48 -44.10 14.54
C LEU H 163 -33.67 -43.24 14.12
N ILE H 164 -33.49 -42.51 13.01
CA ILE H 164 -34.50 -41.61 12.47
C ILE H 164 -35.27 -42.18 11.28
N ILE H 165 -36.59 -42.05 11.31
CA ILE H 165 -37.42 -42.57 10.24
C ILE H 165 -38.05 -41.49 9.38
N VAL H 166 -37.35 -41.13 8.31
CA VAL H 166 -37.85 -40.12 7.38
C VAL H 166 -38.79 -40.83 6.44
N THR H 167 -40.05 -40.42 6.46
CA THR H 167 -41.02 -41.08 5.61
C THR H 167 -41.85 -40.10 4.79
N LEU H 168 -42.08 -40.46 3.52
CA LEU H 168 -42.89 -39.64 2.62
C LEU H 168 -44.34 -40.11 2.70
N GLU H 169 -45.18 -39.30 3.32
CA GLU H 169 -46.58 -39.66 3.48
C GLU H 169 -47.50 -38.79 2.64
N THR H 170 -48.74 -39.25 2.50
CA THR H 170 -49.77 -38.58 1.71
C THR H 170 -50.62 -37.64 2.57
N ARG H 171 -51.59 -36.98 1.93
CA ARG H 171 -52.50 -36.07 2.61
C ARG H 171 -53.22 -36.75 3.76
N ASP H 172 -53.90 -37.87 3.47
CA ASP H 172 -54.64 -38.62 4.48
C ASP H 172 -53.72 -39.18 5.57
N GLY H 173 -52.48 -39.49 5.19
CA GLY H 173 -51.55 -40.02 6.16
C GLY H 173 -51.02 -41.41 5.89
N GLN H 174 -51.42 -42.04 4.79
CA GLN H 174 -50.89 -43.37 4.51
C GLN H 174 -49.49 -43.19 3.94
N VAL H 175 -48.62 -44.17 4.16
CA VAL H 175 -47.25 -44.09 3.66
C VAL H 175 -47.16 -44.16 2.13
N LEU H 176 -46.11 -43.54 1.59
CA LEU H 176 -45.84 -43.50 0.15
C LEU H 176 -44.39 -43.95 -0.06
N GLY H 177 -43.64 -43.97 1.04
CA GLY H 177 -42.24 -44.36 0.99
C GLY H 177 -41.60 -44.13 2.35
N ARG H 178 -40.55 -44.89 2.65
CA ARG H 178 -39.86 -44.75 3.92
C ARG H 178 -38.41 -45.20 3.81
N ARG H 179 -37.51 -44.43 4.43
CA ARG H 179 -36.09 -44.77 4.42
C ARG H 179 -35.68 -44.61 5.87
N CYS H 180 -34.50 -45.07 6.22
CA CYS H 180 -34.10 -44.94 7.60
C CYS H 180 -32.61 -45.04 7.83
N PHE H 181 -32.14 -44.37 8.88
CA PHE H 181 -30.72 -44.35 9.26
C PHE H 181 -30.54 -44.16 10.77
N GLU H 182 -29.38 -44.55 11.27
CA GLU H 182 -29.08 -44.41 12.68
C GLU H 182 -28.37 -43.08 12.90
N ALA H 183 -28.76 -42.37 13.96
CA ALA H 183 -28.15 -41.09 14.28
C ALA H 183 -27.45 -41.14 15.62
N ARG H 184 -26.46 -40.27 15.81
CA ARG H 184 -25.72 -40.23 17.06
C ARG H 184 -25.33 -38.81 17.38
N ILE H 185 -26.33 -37.98 17.64
CA ILE H 185 -26.04 -36.59 17.96
C ILE H 185 -25.16 -36.57 19.20
N CYS H 186 -23.93 -36.07 19.03
CA CYS H 186 -22.97 -36.04 20.12
C CYS H 186 -22.23 -34.73 20.25
N ALA H 187 -20.95 -34.84 20.56
CA ALA H 187 -20.08 -33.68 20.74
C ALA H 187 -19.11 -33.51 19.58
N CYS H 188 -18.20 -34.46 19.41
CA CYS H 188 -17.22 -34.38 18.33
C CYS H 188 -17.51 -35.43 17.26
N PRO H 189 -18.56 -35.23 16.45
CA PRO H 189 -18.89 -36.19 15.41
C PRO H 189 -17.67 -36.66 14.64
N GLY H 190 -16.61 -35.89 14.68
CA GLY H 190 -15.40 -36.30 13.99
C GLY H 190 -14.87 -37.55 14.67
N ARG H 191 -14.34 -37.36 15.87
CA ARG H 191 -13.78 -38.45 16.68
C ARG H 191 -14.70 -39.66 16.67
N ASP H 192 -15.89 -39.48 17.26
CA ASP H 192 -16.86 -40.55 17.36
C ASP H 192 -17.14 -41.27 16.04
N ARG H 193 -16.64 -40.75 14.93
CA ARG H 193 -16.86 -41.40 13.64
C ARG H 193 -15.61 -42.16 13.24
N LYS H 194 -14.49 -41.46 13.16
CA LYS H 194 -13.24 -42.11 12.81
C LYS H 194 -13.00 -43.16 13.90
N ALA H 195 -13.10 -42.72 15.16
CA ALA H 195 -12.91 -43.61 16.32
C ALA H 195 -13.91 -44.76 16.35
N ASP H 196 -15.01 -44.61 15.61
CA ASP H 196 -16.02 -45.66 15.55
C ASP H 196 -15.68 -46.69 14.46
N GLU H 197 -15.62 -46.23 13.20
CA GLU H 197 -15.28 -47.12 12.09
C GLU H 197 -14.02 -47.89 12.45
N ASP H 198 -13.20 -47.29 13.31
CA ASP H 198 -11.96 -47.89 13.77
C ASP H 198 -12.25 -49.24 14.41
N SER H 199 -12.73 -49.19 15.65
CA SER H 199 -13.06 -50.37 16.43
C SER H 199 -13.13 -51.65 15.58
N ILE H 200 -13.95 -51.62 14.53
CA ILE H 200 -14.10 -52.79 13.67
C ILE H 200 -12.75 -53.24 13.10
ZN ZN Q . 34.70 32.86 -22.01
ZN ZN R . 46.26 32.54 -15.60
ZN ZN S . -2.57 16.36 -10.40
ZN ZN T . 8.19 14.68 -17.24
ZN ZN U . -19.08 -14.17 2.85
ZN ZN V . -9.30 -16.07 -5.68
ZN ZN W . -28.51 -33.39 39.43
ZN ZN X . -30.78 -33.42 26.74
#